data_7L5J
#
_entry.id   7L5J
#
_cell.length_a   1.00
_cell.length_b   1.00
_cell.length_c   1.00
_cell.angle_alpha   90.00
_cell.angle_beta   90.00
_cell.angle_gamma   90.00
#
_symmetry.space_group_name_H-M   'P 1'
#
loop_
_entity.id
_entity.type
_entity.pdbx_description
1 polymer 'Capsid protein'
2 polymer 'Anti mouse norovirus mAb A6.2 Fab light chain'
3 polymer 'Anti mouse norovirus mAb A6.2 Fab heavy chain'
#
loop_
_entity_poly.entity_id
_entity_poly.type
_entity_poly.pdbx_seq_one_letter_code
_entity_poly.pdbx_strand_id
1 'polypeptide(L)'
;SNATIYRMVDLPVIQPRLCTHARWPAPVYGLLVDPSLPSNPQWQNGRVHVDGTLLGTTPISGSWVSCFAAEAAYEFQSGT
GEVATFTLIEQDGSAYVPGDRAAPLGYPDFSGQLEIEVQTETTKTGDKLKVTTFEMILGPTTNADQAPYQGRVFASVTAA
ASLDLVDGRVRAVPRSIYGFQDTIPEYNDGLLVPLAPPIGPFLPGEVLLRFRTYMRQIDTADAAAEAIDCALPQEFVSWF
ASNAFTVQSEALLLRYRNTLTGQLLFECKLYNEGYIALSYSGSGPLTFPTDGIFEVVSWVPRLYQLASVGSLATGRMLKQ
;
A,B
2 'polypeptide(L)'
;QIVLTQSPAIMSASPGEKVTITCSASSSVSYMHWFQQKPGTSPKLWIYSTSNLASGVPARFSGSGSGTSYSLTISRMEAE
DAATYYCQQRSSYPFTFGGGTKLEIKRADAAPTVSIFPPSSEQLTSGGASVVCFLNNFYPKDINVKWKIDGSERQNGVLN
SWTDQDSKDSTYSMSSTLTLTKDEYERHNSYTCEATHKTSTSPIVKSFNRN
;
L,X
3 'polypeptide(L)'
;EVKLLESGGGLVQPGGSLKLSCAASGFDFSRYWMSWVRQAPGKGLEWIGQINPHSSTINYTPSLRDKFIISRDNAKNTLY
LQMTKVRSEDTALYYCARLLRYFYALDYWGQGASVTVSSAKTTPPSVYPLAPGRAAAAASMVTLGCLVKGYFPEPVTVTW
NSGSLAAGVHTFPAVLQAALYTLSSSVTVPSSSWPSETVTCNVAHPASSTKVDKKIVPRAA
;
W,Y
#
# COMPACT_ATOMS: atom_id res chain seq x y z
N ARG A 7 53.14 -6.95 -31.33
CA ARG A 7 53.44 -5.54 -31.53
C ARG A 7 52.43 -4.92 -32.49
N MET A 8 51.97 -5.72 -33.44
CA MET A 8 50.95 -5.27 -34.36
C MET A 8 49.61 -5.12 -33.65
N VAL A 9 48.88 -4.06 -33.98
CA VAL A 9 47.59 -3.83 -33.35
C VAL A 9 46.63 -4.96 -33.73
N ASP A 10 45.57 -5.10 -32.93
CA ASP A 10 44.62 -6.19 -33.15
C ASP A 10 43.34 -5.86 -32.42
N LEU A 11 42.27 -6.55 -32.81
CA LEU A 11 40.97 -6.42 -32.18
C LEU A 11 40.57 -7.73 -31.53
N PRO A 12 39.67 -7.70 -30.56
CA PRO A 12 39.15 -8.95 -30.01
C PRO A 12 38.32 -9.67 -31.05
N VAL A 13 38.41 -11.00 -31.04
CA VAL A 13 37.57 -11.83 -31.90
C VAL A 13 36.30 -12.15 -31.10
N ILE A 14 35.34 -11.23 -31.17
CA ILE A 14 34.12 -11.34 -30.38
C ILE A 14 32.99 -10.70 -31.18
N GLN A 15 31.91 -11.42 -31.33
CA GLN A 15 30.77 -10.91 -32.09
C GLN A 15 30.15 -9.74 -31.33
N PRO A 16 29.91 -8.62 -31.98
CA PRO A 16 29.35 -7.45 -31.28
C PRO A 16 28.08 -7.73 -30.49
N ARG A 17 27.34 -8.75 -30.88
CA ARG A 17 26.17 -9.12 -30.09
C ARG A 17 26.54 -9.76 -28.76
N LEU A 18 27.83 -9.95 -28.48
CA LEU A 18 28.28 -10.54 -27.23
C LEU A 18 29.15 -9.58 -26.45
N CYS A 19 28.75 -8.32 -26.34
CA CYS A 19 29.58 -7.33 -25.68
C CYS A 19 28.75 -6.50 -24.72
N THR A 20 29.44 -5.84 -23.80
CA THR A 20 28.80 -4.96 -22.84
C THR A 20 28.54 -3.63 -23.53
N HIS A 21 28.20 -2.58 -22.78
CA HIS A 21 28.04 -1.29 -23.40
C HIS A 21 28.82 -0.24 -22.62
N ALA A 22 28.63 1.03 -22.97
CA ALA A 22 29.50 2.09 -22.47
C ALA A 22 28.78 3.11 -21.61
N ARG A 23 27.54 3.46 -21.93
CA ARG A 23 26.83 4.49 -21.19
C ARG A 23 25.61 3.96 -20.47
N TRP A 24 25.35 2.67 -20.55
CA TRP A 24 24.25 2.10 -19.78
C TRP A 24 24.47 0.60 -19.67
N PRO A 25 24.48 0.05 -18.49
CA PRO A 25 24.91 -1.35 -18.32
C PRO A 25 23.89 -2.35 -18.83
N ALA A 26 23.90 -2.59 -20.15
CA ALA A 26 23.04 -3.60 -20.76
C ALA A 26 23.60 -3.91 -22.13
N PRO A 27 23.63 -5.17 -22.55
CA PRO A 27 24.41 -5.54 -23.72
C PRO A 27 23.84 -4.92 -24.99
N VAL A 28 24.61 -5.08 -26.06
CA VAL A 28 24.30 -4.41 -27.32
C VAL A 28 23.23 -5.21 -28.04
N TYR A 29 22.33 -4.51 -28.72
CA TYR A 29 21.27 -5.17 -29.48
C TYR A 29 21.36 -4.89 -30.96
N GLY A 30 21.42 -3.62 -31.36
CA GLY A 30 21.46 -3.24 -32.74
C GLY A 30 22.82 -2.71 -33.17
N LEU A 31 22.85 -2.25 -34.42
CA LEU A 31 24.03 -1.63 -34.99
C LEU A 31 23.58 -0.87 -36.21
N LEU A 32 23.69 0.46 -36.20
CA LEU A 32 23.10 1.19 -37.30
C LEU A 32 23.81 2.52 -37.49
N VAL A 33 23.80 3.00 -38.73
CA VAL A 33 24.33 4.29 -39.10
C VAL A 33 23.18 5.27 -39.22
N ASP A 34 23.47 6.55 -39.05
CA ASP A 34 22.40 7.52 -39.14
C ASP A 34 22.95 8.90 -39.50
N PRO A 35 22.52 9.48 -40.62
CA PRO A 35 22.90 10.86 -40.92
C PRO A 35 21.94 11.87 -40.33
N SER A 36 20.70 11.46 -40.05
CA SER A 36 19.67 12.40 -39.63
C SER A 36 19.94 12.95 -38.24
N LEU A 37 20.21 12.06 -37.29
CA LEU A 37 20.45 12.46 -35.91
C LEU A 37 21.64 13.42 -35.82
N PRO A 38 21.78 14.12 -34.70
CA PRO A 38 22.96 14.99 -34.53
C PRO A 38 24.25 14.20 -34.72
N SER A 39 25.15 14.75 -35.52
CA SER A 39 26.37 14.07 -35.90
C SER A 39 27.59 14.62 -35.19
N ASN A 40 27.40 15.43 -34.14
CA ASN A 40 28.52 16.04 -33.43
C ASN A 40 28.46 15.76 -31.93
N PRO A 41 28.24 14.51 -31.53
CA PRO A 41 28.07 14.23 -30.11
C PRO A 41 29.35 14.49 -29.36
N GLN A 42 29.20 14.98 -28.13
CA GLN A 42 30.33 15.32 -27.28
C GLN A 42 30.40 14.37 -26.09
N TRP A 43 30.15 13.09 -26.34
CA TRP A 43 30.01 12.11 -25.28
C TRP A 43 31.23 12.10 -24.38
N GLN A 44 31.04 11.55 -23.18
CA GLN A 44 32.12 11.38 -22.25
C GLN A 44 32.39 9.93 -21.89
N ASN A 45 31.37 9.19 -21.47
CA ASN A 45 31.59 7.81 -21.09
C ASN A 45 31.92 6.97 -22.32
N GLY A 46 32.72 5.95 -22.11
CA GLY A 46 33.13 5.11 -23.22
C GLY A 46 33.95 5.87 -24.23
N ARG A 47 35.14 6.30 -23.84
CA ARG A 47 36.06 6.97 -24.75
C ARG A 47 37.46 6.48 -24.46
N VAL A 48 38.27 6.32 -25.50
CA VAL A 48 39.60 5.77 -25.30
C VAL A 48 40.43 6.06 -26.54
N HIS A 49 41.71 6.36 -26.32
CA HIS A 49 42.69 6.40 -27.38
C HIS A 49 43.22 5.01 -27.64
N VAL A 50 43.26 4.61 -28.92
CA VAL A 50 43.92 3.36 -29.27
C VAL A 50 45.38 3.40 -28.85
N ASP A 51 45.93 4.58 -28.59
CA ASP A 51 47.21 4.68 -27.91
C ASP A 51 47.16 3.94 -26.58
N GLY A 52 46.17 4.26 -25.75
CA GLY A 52 46.00 3.57 -24.48
C GLY A 52 45.56 4.41 -23.31
N THR A 53 45.41 5.71 -23.47
CA THR A 53 44.99 6.57 -22.37
C THR A 53 43.47 6.47 -22.22
N LEU A 54 42.87 7.35 -21.42
CA LEU A 54 41.44 7.31 -21.16
C LEU A 54 40.91 8.73 -21.03
N LEU A 55 40.32 9.24 -22.10
CA LEU A 55 39.75 10.58 -22.09
C LEU A 55 38.50 10.62 -21.21
N GLY A 56 37.86 11.79 -21.17
CA GLY A 56 36.58 11.92 -20.51
C GLY A 56 36.59 11.35 -19.11
N THR A 57 35.47 10.75 -18.72
CA THR A 57 35.36 10.09 -17.43
C THR A 57 35.28 8.58 -17.58
N THR A 58 35.77 8.04 -18.68
CA THR A 58 35.56 6.63 -18.98
C THR A 58 36.16 5.73 -17.92
N PRO A 59 35.37 4.93 -17.23
CA PRO A 59 35.91 4.03 -16.21
C PRO A 59 36.57 2.82 -16.83
N ILE A 60 36.99 1.86 -16.00
CA ILE A 60 37.72 0.70 -16.47
C ILE A 60 36.83 -0.52 -16.61
N SER A 61 36.06 -0.83 -15.58
CA SER A 61 35.28 -2.06 -15.57
C SER A 61 34.03 -1.86 -16.42
N GLY A 62 33.10 -2.80 -16.31
CA GLY A 62 31.81 -2.63 -16.93
C GLY A 62 30.80 -2.13 -15.94
N SER A 63 30.95 -2.55 -14.68
CA SER A 63 29.98 -2.19 -13.65
C SER A 63 30.16 -0.78 -13.14
N TRP A 64 31.16 -0.05 -13.63
CA TRP A 64 31.39 1.32 -13.18
C TRP A 64 30.77 2.34 -14.11
N VAL A 65 29.64 2.04 -14.73
CA VAL A 65 29.03 2.95 -15.69
C VAL A 65 27.82 3.61 -15.06
N SER A 66 27.90 4.93 -14.91
CA SER A 66 26.81 5.74 -14.36
C SER A 66 26.45 5.30 -12.95
N CYS A 67 27.46 4.94 -12.16
CA CYS A 67 27.27 4.56 -10.77
C CYS A 67 28.28 5.34 -9.93
N PHE A 68 27.81 6.26 -9.12
CA PHE A 68 28.68 7.06 -8.27
C PHE A 68 28.53 6.64 -6.82
N ALA A 69 29.65 6.59 -6.10
CA ALA A 69 29.58 6.48 -4.65
C ALA A 69 29.44 7.87 -4.07
N ALA A 70 29.17 7.94 -2.77
CA ALA A 70 28.99 9.24 -2.13
C ALA A 70 28.91 9.02 -0.62
N GLU A 71 28.63 10.10 0.11
CA GLU A 71 28.28 10.05 1.51
C GLU A 71 27.02 10.87 1.71
N ALA A 72 26.09 10.36 2.51
CA ALA A 72 24.78 10.95 2.62
C ALA A 72 24.65 11.78 3.89
N ALA A 73 23.84 12.84 3.81
CA ALA A 73 23.53 13.70 4.93
C ALA A 73 22.38 14.60 4.53
N TYR A 74 21.49 14.88 5.47
CA TYR A 74 20.26 15.60 5.17
C TYR A 74 20.22 16.91 5.94
N GLU A 75 19.15 17.66 5.71
CA GLU A 75 18.85 18.92 6.37
C GLU A 75 17.46 19.35 5.93
N PHE A 76 16.78 20.09 6.79
CA PHE A 76 15.39 20.48 6.52
C PHE A 76 15.27 22.00 6.58
N GLN A 77 15.52 22.64 5.44
CA GLN A 77 15.38 24.10 5.39
C GLN A 77 14.53 24.54 4.21
N SER A 78 14.69 23.87 3.07
CA SER A 78 14.04 24.31 1.84
C SER A 78 13.96 23.12 0.90
N GLY A 79 13.70 23.40 -0.38
CA GLY A 79 13.37 22.32 -1.29
C GLY A 79 11.96 22.45 -1.81
N THR A 80 11.05 21.66 -1.24
CA THR A 80 11.44 20.92 -0.05
C THR A 80 11.84 19.49 -0.35
N GLY A 81 10.90 18.69 -0.85
CA GLY A 81 11.27 17.35 -1.26
C GLY A 81 11.60 16.43 -0.10
N GLU A 82 12.35 16.99 0.86
CA GLU A 82 13.20 16.24 1.78
C GLU A 82 14.35 15.69 0.97
N VAL A 83 14.86 16.52 0.06
CA VAL A 83 16.02 16.22 -0.76
C VAL A 83 17.21 15.92 0.13
N ALA A 84 17.98 14.92 -0.25
CA ALA A 84 19.19 14.58 0.47
C ALA A 84 20.33 15.45 -0.02
N THR A 85 21.55 15.15 0.39
CA THR A 85 22.72 15.88 -0.09
C THR A 85 23.90 14.93 -0.02
N PHE A 86 24.40 14.51 -1.17
CA PHE A 86 25.46 13.53 -1.21
C PHE A 86 26.82 14.26 -1.19
N THR A 87 27.88 13.50 -1.39
CA THR A 87 29.22 14.08 -1.48
C THR A 87 30.08 13.08 -2.21
N LEU A 88 30.50 13.42 -3.43
CA LEU A 88 31.07 12.42 -4.32
C LEU A 88 32.44 11.98 -3.84
N ILE A 89 32.66 10.66 -3.88
CA ILE A 89 33.97 10.06 -3.74
C ILE A 89 34.08 8.98 -4.80
N GLU A 90 35.31 8.59 -5.10
CA GLU A 90 35.54 7.65 -6.19
C GLU A 90 35.19 6.23 -5.74
N GLN A 91 34.64 5.45 -6.69
CA GLN A 91 34.03 4.17 -6.35
C GLN A 91 34.96 3.26 -5.56
N ASP A 92 36.26 3.33 -5.82
CA ASP A 92 37.20 2.46 -5.13
C ASP A 92 37.14 2.69 -3.62
N GLY A 93 36.99 3.93 -3.21
CA GLY A 93 36.97 4.26 -1.80
C GLY A 93 37.80 5.48 -1.47
N SER A 94 38.87 5.68 -2.22
CA SER A 94 39.73 6.84 -2.01
C SER A 94 38.98 8.11 -2.38
N ALA A 95 39.32 9.19 -1.67
CA ALA A 95 38.58 10.43 -1.81
C ALA A 95 38.78 11.02 -3.21
N TYR A 96 38.13 12.14 -3.46
CA TYR A 96 38.08 12.72 -4.79
C TYR A 96 38.38 14.21 -4.71
N VAL A 97 39.40 14.65 -5.43
CA VAL A 97 39.73 16.06 -5.54
C VAL A 97 39.56 16.47 -7.00
N PRO A 98 39.01 17.64 -7.28
CA PRO A 98 38.79 18.03 -8.68
C PRO A 98 40.07 17.99 -9.47
N GLY A 99 39.93 17.99 -10.79
CA GLY A 99 41.08 17.87 -11.66
C GLY A 99 40.75 18.16 -13.10
N ASP A 100 41.32 17.37 -14.02
CA ASP A 100 41.05 17.58 -15.44
C ASP A 100 39.68 17.05 -15.85
N ARG A 101 39.28 15.88 -15.35
CA ARG A 101 38.00 15.31 -15.75
C ARG A 101 36.85 15.99 -15.04
N ALA A 102 35.71 16.05 -15.73
CA ALA A 102 34.57 16.83 -15.28
C ALA A 102 33.64 16.07 -14.36
N ALA A 103 34.11 15.02 -13.73
CA ALA A 103 33.26 14.19 -12.88
C ALA A 103 34.12 13.14 -12.20
N PRO A 104 33.62 12.45 -11.20
CA PRO A 104 34.32 11.26 -10.73
C PRO A 104 34.36 10.22 -11.82
N LEU A 105 35.00 9.09 -11.59
CA LEU A 105 34.95 8.03 -12.58
C LEU A 105 33.52 7.53 -12.71
N GLY A 106 33.13 7.18 -13.93
CA GLY A 106 31.84 6.56 -14.13
C GLY A 106 30.69 7.41 -13.66
N TYR A 107 30.39 8.48 -14.38
CA TYR A 107 29.26 9.30 -13.98
C TYR A 107 28.39 9.60 -15.20
N PRO A 108 27.07 9.60 -15.04
CA PRO A 108 26.19 9.80 -16.19
C PRO A 108 26.52 11.06 -16.97
N ASP A 109 26.20 11.05 -18.25
CA ASP A 109 26.53 12.17 -19.12
C ASP A 109 25.38 12.50 -20.04
N PHE A 110 24.15 12.37 -19.55
CA PHE A 110 22.99 12.61 -20.38
C PHE A 110 21.88 13.23 -19.56
N SER A 111 21.35 14.35 -20.04
CA SER A 111 20.34 15.10 -19.31
C SER A 111 19.06 14.27 -19.15
N GLY A 112 18.14 14.82 -18.36
CA GLY A 112 16.85 14.17 -18.19
C GLY A 112 16.41 14.14 -16.75
N GLN A 113 16.05 12.95 -16.25
CA GLN A 113 15.70 12.80 -14.85
C GLN A 113 15.92 11.32 -14.49
N LEU A 114 17.04 11.02 -13.84
CA LEU A 114 17.40 9.64 -13.58
C LEU A 114 16.48 9.05 -12.53
N GLU A 115 16.74 7.80 -12.16
CA GLU A 115 16.08 7.21 -11.00
C GLU A 115 17.05 6.20 -10.41
N ILE A 116 17.84 6.64 -9.45
CA ILE A 116 18.94 5.84 -8.93
C ILE A 116 18.40 4.86 -7.91
N GLU A 117 19.22 3.89 -7.53
CA GLU A 117 18.92 2.99 -6.42
C GLU A 117 20.16 2.92 -5.55
N VAL A 118 20.00 3.23 -4.27
CA VAL A 118 21.11 3.53 -3.38
C VAL A 118 21.09 2.56 -2.23
N GLN A 119 22.23 1.95 -1.92
CA GLN A 119 22.32 1.04 -0.79
C GLN A 119 23.56 1.37 0.02
N THR A 120 23.70 0.69 1.16
CA THR A 120 24.77 0.98 2.09
C THR A 120 26.05 0.26 1.67
N GLU A 121 27.15 1.00 1.60
CA GLU A 121 28.42 0.41 1.19
C GLU A 121 28.80 -0.71 2.14
N THR A 122 29.20 -1.84 1.57
CA THR A 122 29.52 -3.02 2.33
C THR A 122 31.02 -3.11 2.57
N THR A 123 31.39 -3.62 3.72
CA THR A 123 32.81 -3.78 4.03
C THR A 123 33.17 -5.17 4.52
N LYS A 124 32.29 -5.81 5.28
CA LYS A 124 32.58 -7.14 5.82
C LYS A 124 31.26 -7.84 6.12
N THR A 125 31.35 -9.15 6.29
CA THR A 125 30.15 -9.96 6.45
C THR A 125 29.34 -9.52 7.66
N GLY A 126 28.12 -10.03 7.74
CA GLY A 126 27.26 -9.74 8.87
C GLY A 126 26.92 -8.28 9.06
N ASP A 127 27.17 -7.44 8.06
CA ASP A 127 26.82 -6.03 8.18
C ASP A 127 25.31 -5.84 8.11
N LYS A 128 24.88 -4.60 8.22
CA LYS A 128 23.47 -4.24 8.08
C LYS A 128 23.30 -3.29 6.92
N LEU A 129 22.30 -3.54 6.08
CA LEU A 129 22.13 -2.79 4.85
C LEU A 129 20.77 -2.10 4.83
N LYS A 130 20.71 -1.03 4.05
CA LYS A 130 19.47 -0.29 3.83
C LYS A 130 19.46 0.16 2.39
N VAL A 131 18.30 0.07 1.74
CA VAL A 131 18.19 0.48 0.35
C VAL A 131 17.09 1.50 0.23
N THR A 132 17.12 2.28 -0.84
CA THR A 132 16.12 3.30 -1.07
C THR A 132 16.03 3.54 -2.58
N THR A 133 15.34 4.59 -2.98
CA THR A 133 15.16 4.89 -4.39
C THR A 133 14.99 6.39 -4.53
N PHE A 134 16.06 7.09 -4.86
CA PHE A 134 15.99 8.53 -4.98
C PHE A 134 15.58 8.90 -6.40
N GLU A 135 15.69 10.18 -6.73
CA GLU A 135 15.40 10.64 -8.09
C GLU A 135 16.00 12.02 -8.25
N MET A 136 16.92 12.17 -9.19
CA MET A 136 17.65 13.42 -9.38
C MET A 136 17.36 14.00 -10.74
N ILE A 137 17.91 15.17 -10.99
CA ILE A 137 17.80 15.83 -12.29
C ILE A 137 19.20 16.21 -12.74
N LEU A 138 19.46 16.04 -14.04
CA LEU A 138 20.76 16.34 -14.59
C LEU A 138 20.72 17.45 -15.63
N GLY A 139 19.59 17.71 -16.24
CA GLY A 139 19.51 18.70 -17.29
C GLY A 139 19.60 20.11 -16.75
N PRO A 140 19.43 21.09 -17.64
CA PRO A 140 19.58 22.49 -17.22
C PRO A 140 18.41 22.99 -16.40
N THR A 141 18.32 22.56 -15.13
CA THR A 141 17.25 22.98 -14.25
C THR A 141 17.82 23.74 -13.06
N THR A 142 17.22 24.90 -12.77
CA THR A 142 17.69 25.81 -11.74
C THR A 142 17.05 25.46 -10.39
N ASN A 143 17.22 26.37 -9.43
CA ASN A 143 16.70 26.38 -8.06
C ASN A 143 17.08 25.13 -7.28
N ALA A 144 17.82 24.20 -7.89
CA ALA A 144 18.33 23.02 -7.21
C ALA A 144 19.75 22.78 -7.69
N ASP A 145 20.54 23.85 -7.72
CA ASP A 145 21.76 23.92 -8.52
C ASP A 145 22.64 22.68 -8.35
N GLN A 146 22.77 21.93 -9.43
CA GLN A 146 23.51 20.68 -9.43
C GLN A 146 24.95 20.95 -9.77
N ALA A 147 25.87 20.28 -9.08
CA ALA A 147 27.27 20.61 -9.27
C ALA A 147 28.19 19.44 -8.94
N PRO A 148 28.30 18.44 -9.81
CA PRO A 148 29.22 17.35 -9.53
C PRO A 148 30.66 17.80 -9.49
N TYR A 149 31.06 18.78 -10.30
CA TYR A 149 32.47 19.13 -10.38
C TYR A 149 33.03 19.45 -9.00
N GLN A 150 32.31 20.25 -8.22
CA GLN A 150 32.72 20.49 -6.85
C GLN A 150 32.63 19.22 -6.00
N GLY A 151 31.69 18.33 -6.32
CA GLY A 151 31.47 17.15 -5.51
C GLY A 151 30.21 17.25 -4.67
N ARG A 152 29.13 17.78 -5.24
CA ARG A 152 27.93 18.06 -4.47
C ARG A 152 26.72 17.90 -5.39
N VAL A 153 25.84 16.96 -5.06
CA VAL A 153 24.64 16.70 -5.86
C VAL A 153 23.42 16.82 -4.96
N PHE A 154 22.27 17.01 -5.59
CA PHE A 154 21.00 17.20 -4.89
C PHE A 154 19.98 16.25 -5.49
N ALA A 155 19.65 15.19 -4.76
CA ALA A 155 18.72 14.18 -5.23
C ALA A 155 17.47 14.18 -4.36
N SER A 156 16.31 14.23 -4.98
CA SER A 156 15.06 14.24 -4.25
C SER A 156 14.78 12.85 -3.69
N VAL A 157 13.61 12.67 -3.10
CA VAL A 157 13.17 11.37 -2.62
C VAL A 157 11.81 11.10 -3.21
N THR A 158 11.53 9.82 -3.49
CA THR A 158 10.31 9.44 -4.17
C THR A 158 9.18 9.23 -3.18
N ALA A 159 7.96 9.38 -3.67
CA ALA A 159 6.81 9.17 -2.83
C ALA A 159 6.62 7.68 -2.62
N ALA A 160 7.47 7.07 -1.80
CA ALA A 160 7.42 5.63 -1.65
C ALA A 160 8.07 5.26 -0.32
N ALA A 161 8.40 3.98 -0.19
CA ALA A 161 8.92 3.40 1.05
C ALA A 161 9.96 4.32 1.69
N SER A 162 9.89 4.44 3.01
CA SER A 162 10.53 5.56 3.66
C SER A 162 10.64 5.29 5.15
N LEU A 163 10.95 6.34 5.89
CA LEU A 163 11.00 6.48 7.35
C LEU A 163 12.23 5.85 7.95
N ASP A 164 13.02 5.11 7.19
CA ASP A 164 14.37 4.74 7.61
C ASP A 164 15.23 4.91 6.36
N LEU A 165 15.70 6.13 6.15
CA LEU A 165 16.48 6.41 4.95
C LEU A 165 17.89 5.88 5.16
N VAL A 166 18.78 6.18 4.23
CA VAL A 166 20.13 5.66 4.26
C VAL A 166 21.08 6.82 4.53
N ASP A 167 22.25 6.49 5.04
CA ASP A 167 23.27 7.47 5.38
C ASP A 167 24.57 6.74 5.63
N GLY A 168 25.67 7.45 5.45
CA GLY A 168 26.97 6.85 5.64
C GLY A 168 27.75 6.77 4.35
N ARG A 169 27.98 5.56 3.86
CA ARG A 169 28.66 5.34 2.60
C ARG A 169 27.74 4.58 1.66
N VAL A 170 27.41 5.17 0.53
CA VAL A 170 26.35 4.64 -0.33
C VAL A 170 26.92 4.25 -1.68
N ARG A 171 26.06 3.75 -2.55
CA ARG A 171 26.42 3.38 -3.91
C ARG A 171 25.17 3.48 -4.75
N ALA A 172 25.28 4.10 -5.93
CA ALA A 172 24.11 4.57 -6.67
C ALA A 172 24.07 4.01 -8.09
N VAL A 173 23.46 2.85 -8.24
CA VAL A 173 23.27 2.23 -9.55
C VAL A 173 21.99 2.77 -10.17
N PRO A 174 21.96 3.07 -11.47
CA PRO A 174 20.73 3.60 -12.07
C PRO A 174 19.80 2.50 -12.55
N ARG A 175 18.53 2.87 -12.70
CA ARG A 175 17.49 1.91 -13.05
C ARG A 175 16.50 2.36 -14.10
N SER A 176 16.40 3.64 -14.42
CA SER A 176 15.31 4.11 -15.26
C SER A 176 15.72 5.41 -15.92
N ILE A 177 14.75 6.12 -16.49
CA ILE A 177 14.97 7.43 -17.06
C ILE A 177 13.62 8.11 -17.20
N TYR A 178 13.64 9.43 -17.36
CA TYR A 178 12.41 10.16 -17.65
C TYR A 178 12.76 11.36 -18.51
N GLY A 179 11.98 11.56 -19.57
CA GLY A 179 12.20 12.67 -20.47
C GLY A 179 13.62 12.73 -20.96
N PHE A 180 14.12 11.60 -21.45
CA PHE A 180 15.50 11.52 -21.90
C PHE A 180 15.79 12.59 -22.94
N GLN A 181 17.02 13.09 -22.93
CA GLN A 181 17.43 14.11 -23.89
C GLN A 181 18.94 14.02 -24.01
N ASP A 182 19.42 13.41 -25.08
CA ASP A 182 20.85 13.18 -25.22
C ASP A 182 21.56 14.50 -25.47
N THR A 183 22.02 15.13 -24.40
CA THR A 183 22.83 16.34 -24.47
C THR A 183 23.42 16.54 -23.09
N ILE A 184 24.73 16.83 -23.04
CA ILE A 184 25.49 16.81 -21.80
C ILE A 184 24.77 17.58 -20.69
N PRO A 185 24.86 17.12 -19.46
CA PRO A 185 24.20 17.81 -18.35
C PRO A 185 24.92 19.10 -18.02
N GLU A 186 24.54 19.75 -16.93
CA GLU A 186 25.29 20.90 -16.45
C GLU A 186 26.31 20.39 -15.45
N TYR A 187 27.55 20.21 -15.93
CA TYR A 187 28.58 19.59 -15.11
C TYR A 187 28.95 20.48 -13.93
N ASN A 188 29.42 21.68 -14.21
CA ASN A 188 29.50 22.68 -13.14
C ASN A 188 28.23 23.51 -13.21
N ASP A 189 28.07 24.41 -12.25
CA ASP A 189 26.81 25.13 -12.09
C ASP A 189 26.50 26.03 -13.26
N GLY A 190 27.31 26.04 -14.31
CA GLY A 190 27.12 26.90 -15.46
C GLY A 190 28.46 27.36 -15.96
N LEU A 191 29.46 27.27 -15.09
CA LEU A 191 30.83 27.57 -15.47
C LEU A 191 31.36 26.49 -16.39
N LEU A 192 32.62 26.60 -16.77
CA LEU A 192 33.23 25.68 -17.70
C LEU A 192 34.04 24.62 -16.97
N VAL A 193 34.18 23.46 -17.62
CA VAL A 193 34.95 22.35 -17.06
C VAL A 193 35.76 21.70 -18.16
N PRO A 194 36.92 21.16 -17.81
CA PRO A 194 37.78 20.58 -18.84
C PRO A 194 37.22 19.27 -19.37
N LEU A 195 36.69 19.28 -20.58
CA LEU A 195 35.94 18.16 -21.11
C LEU A 195 36.73 17.45 -22.20
N ALA A 196 36.11 16.50 -22.82
CA ALA A 196 36.66 15.82 -23.97
C ALA A 196 36.18 16.50 -25.25
N PRO A 197 36.98 16.48 -26.30
CA PRO A 197 36.64 17.21 -27.52
C PRO A 197 35.41 16.61 -28.19
N PRO A 198 34.86 17.29 -29.18
CA PRO A 198 33.76 16.70 -29.96
C PRO A 198 34.21 15.44 -30.66
N ILE A 199 33.26 14.76 -31.29
CA ILE A 199 33.57 13.59 -32.10
C ILE A 199 33.68 14.05 -33.55
N GLY A 200 34.90 14.03 -34.07
CA GLY A 200 35.19 14.48 -35.41
C GLY A 200 36.68 14.41 -35.72
N PRO A 201 37.09 15.06 -36.81
CA PRO A 201 36.22 15.72 -37.78
C PRO A 201 35.79 14.75 -38.86
N PHE A 202 35.05 15.21 -39.87
CA PHE A 202 34.51 14.32 -40.88
C PHE A 202 34.52 14.98 -42.25
N LEU A 203 34.80 14.16 -43.26
CA LEU A 203 34.96 14.14 -44.71
C LEU A 203 33.60 14.00 -45.38
N PRO A 204 33.37 14.73 -46.47
CA PRO A 204 32.12 14.54 -47.21
C PRO A 204 31.89 13.08 -47.52
N GLY A 205 30.89 12.48 -46.91
CA GLY A 205 30.68 11.05 -47.03
C GLY A 205 31.00 10.34 -45.73
N GLU A 206 30.78 11.02 -44.60
CA GLU A 206 31.10 10.46 -43.29
C GLU A 206 29.91 10.52 -42.35
N VAL A 207 29.59 9.38 -41.77
CA VAL A 207 28.48 9.21 -40.84
C VAL A 207 28.91 8.18 -39.81
N LEU A 208 29.12 8.62 -38.57
CA LEU A 208 29.69 7.77 -37.54
C LEU A 208 28.95 6.45 -37.41
N LEU A 209 29.63 5.44 -36.90
CA LEU A 209 29.00 4.14 -36.62
C LEU A 209 28.65 4.05 -35.15
N ARG A 210 27.44 3.57 -34.87
CA ARG A 210 26.84 3.68 -33.54
C ARG A 210 26.34 2.33 -33.09
N PHE A 211 26.96 1.77 -32.06
CA PHE A 211 26.38 0.63 -31.35
C PHE A 211 25.24 1.12 -30.48
N ARG A 212 24.13 0.40 -30.49
CA ARG A 212 22.89 0.93 -29.95
C ARG A 212 22.25 -0.08 -29.01
N THR A 213 21.93 0.37 -27.80
CA THR A 213 21.19 -0.42 -26.83
C THR A 213 19.94 0.32 -26.42
N TYR A 214 19.10 -0.33 -25.64
CA TYR A 214 17.78 0.20 -25.32
C TYR A 214 17.59 0.34 -23.82
N MET A 215 17.20 1.53 -23.40
CA MET A 215 16.95 1.82 -21.99
C MET A 215 15.50 1.51 -21.66
N ARG A 216 15.06 1.94 -20.49
CA ARG A 216 13.67 1.86 -20.09
C ARG A 216 13.21 3.26 -19.71
N GLN A 217 12.26 3.80 -20.46
CA GLN A 217 11.83 5.18 -20.26
C GLN A 217 10.47 5.19 -19.59
N ILE A 218 10.46 5.59 -18.32
CA ILE A 218 9.21 5.73 -17.59
C ILE A 218 8.43 6.91 -18.16
N ASP A 219 7.11 6.78 -18.15
CA ASP A 219 6.23 7.87 -18.52
C ASP A 219 4.95 7.73 -17.70
N THR A 220 3.88 8.37 -18.15
CA THR A 220 2.65 8.36 -17.36
C THR A 220 2.04 6.97 -17.35
N ALA A 221 2.39 6.17 -16.34
CA ALA A 221 1.81 4.86 -16.11
C ALA A 221 1.96 3.94 -17.32
N ASP A 222 3.19 3.84 -17.82
CA ASP A 222 3.54 2.92 -18.89
C ASP A 222 5.04 3.00 -19.09
N ALA A 223 5.58 2.00 -19.77
CA ALA A 223 6.99 1.99 -20.11
C ALA A 223 7.14 2.13 -21.61
N ALA A 224 8.38 2.40 -22.03
CA ALA A 224 8.69 2.52 -23.44
C ALA A 224 10.19 2.47 -23.64
N ALA A 225 10.66 1.58 -24.50
CA ALA A 225 12.08 1.48 -24.73
C ALA A 225 12.60 2.79 -25.33
N GLU A 226 13.90 3.00 -25.22
CA GLU A 226 14.53 4.18 -25.78
C GLU A 226 15.94 3.83 -26.21
N ALA A 227 16.34 4.33 -27.37
CA ALA A 227 17.60 3.96 -27.98
C ALA A 227 18.69 4.94 -27.55
N ILE A 228 19.81 4.40 -27.09
CA ILE A 228 20.96 5.21 -26.74
C ILE A 228 22.19 4.57 -27.36
N ASP A 229 23.17 5.40 -27.69
CA ASP A 229 24.31 4.98 -28.49
C ASP A 229 25.59 5.02 -27.67
N CYS A 230 26.72 4.77 -28.32
CA CYS A 230 28.04 5.00 -27.75
C CYS A 230 29.01 5.16 -28.90
N ALA A 231 30.31 5.05 -28.62
CA ALA A 231 31.33 5.04 -29.65
C ALA A 231 32.00 3.68 -29.82
N LEU A 232 32.09 2.90 -28.74
CA LEU A 232 32.72 1.58 -28.76
C LEU A 232 32.14 0.77 -27.61
N PRO A 233 31.96 -0.53 -27.76
CA PRO A 233 31.63 -1.37 -26.62
C PRO A 233 32.73 -1.34 -25.57
N GLN A 234 32.42 -1.89 -24.41
CA GLN A 234 33.33 -1.75 -23.27
C GLN A 234 34.49 -2.71 -23.34
N GLU A 235 34.34 -3.83 -24.03
CA GLU A 235 35.48 -4.74 -24.19
C GLU A 235 36.62 -4.06 -24.94
N PHE A 236 36.30 -3.20 -25.90
CA PHE A 236 37.34 -2.45 -26.59
C PHE A 236 38.13 -1.60 -25.62
N VAL A 237 37.44 -0.90 -24.73
CA VAL A 237 38.14 -0.08 -23.75
C VAL A 237 39.02 -0.94 -22.87
N SER A 238 38.47 -2.00 -22.31
CA SER A 238 39.27 -2.86 -21.45
C SER A 238 40.44 -3.48 -22.20
N TRP A 239 40.34 -3.60 -23.52
CA TRP A 239 41.40 -4.19 -24.32
C TRP A 239 42.51 -3.17 -24.56
N PHE A 240 42.17 -2.04 -25.18
CA PHE A 240 43.15 -1.00 -25.46
C PHE A 240 43.83 -0.55 -24.18
N ALA A 241 43.06 -0.06 -23.21
CA ALA A 241 43.64 0.50 -22.00
C ALA A 241 44.60 -0.47 -21.31
N SER A 242 44.50 -1.75 -21.60
CA SER A 242 45.42 -2.71 -21.02
C SER A 242 46.57 -3.07 -21.93
N ASN A 243 46.42 -2.89 -23.25
CA ASN A 243 47.50 -3.32 -24.12
C ASN A 243 48.52 -2.21 -24.40
N ALA A 244 48.06 -1.00 -24.70
CA ALA A 244 48.93 0.14 -24.99
C ALA A 244 49.82 -0.11 -26.21
N PHE A 245 49.16 -0.18 -27.36
CA PHE A 245 49.85 -0.33 -28.63
C PHE A 245 50.52 0.99 -29.02
N THR A 246 50.99 1.07 -30.27
CA THR A 246 51.62 2.27 -30.81
C THR A 246 51.22 2.44 -32.27
N VAL A 247 50.57 3.56 -32.57
CA VAL A 247 49.98 3.81 -33.88
C VAL A 247 51.00 4.32 -34.89
N GLN A 248 50.61 4.39 -36.16
CA GLN A 248 51.44 5.02 -37.18
C GLN A 248 50.87 6.35 -37.66
N SER A 249 49.68 6.40 -38.28
CA SER A 249 49.26 7.74 -38.68
C SER A 249 47.95 8.25 -38.10
N GLU A 250 46.81 7.82 -38.64
CA GLU A 250 45.56 8.22 -38.02
C GLU A 250 44.42 7.23 -38.23
N ALA A 251 44.42 6.54 -39.35
CA ALA A 251 43.36 5.62 -39.69
C ALA A 251 43.81 4.20 -39.43
N LEU A 252 42.87 3.28 -39.54
CA LEU A 252 43.22 1.87 -39.47
C LEU A 252 42.08 1.11 -40.12
N LEU A 253 42.22 0.77 -41.40
CA LEU A 253 41.05 0.31 -42.13
C LEU A 253 40.76 -1.13 -41.78
N LEU A 254 39.49 -1.43 -41.56
CA LEU A 254 39.01 -2.73 -41.11
C LEU A 254 38.07 -3.34 -42.15
N ARG A 255 37.62 -4.55 -41.90
CA ARG A 255 36.58 -5.16 -42.72
C ARG A 255 35.67 -5.99 -41.83
N TYR A 256 34.40 -5.60 -41.77
CA TYR A 256 33.42 -6.31 -40.94
C TYR A 256 33.05 -7.59 -41.66
N ARG A 257 33.70 -8.68 -41.28
CA ARG A 257 33.60 -9.95 -41.98
C ARG A 257 32.53 -10.80 -41.32
N ASN A 258 31.65 -11.38 -42.13
CA ASN A 258 30.72 -12.33 -41.55
C ASN A 258 31.48 -13.57 -41.09
N THR A 259 30.79 -14.46 -40.39
CA THR A 259 31.43 -15.59 -39.75
C THR A 259 31.20 -16.93 -40.43
N LEU A 260 30.03 -17.14 -41.02
CA LEU A 260 29.77 -18.43 -41.67
C LEU A 260 30.24 -18.40 -43.12
N THR A 261 29.70 -17.48 -43.91
CA THR A 261 30.06 -17.42 -45.32
C THR A 261 31.48 -16.92 -45.49
N GLY A 262 31.75 -15.70 -45.07
CA GLY A 262 33.02 -15.07 -45.32
C GLY A 262 32.85 -13.85 -46.20
N GLN A 263 31.61 -13.42 -46.37
CA GLN A 263 31.30 -12.32 -47.27
C GLN A 263 31.72 -11.02 -46.60
N LEU A 264 31.31 -9.89 -47.15
CA LEU A 264 31.70 -8.60 -46.65
C LEU A 264 30.44 -7.78 -46.37
N LEU A 265 30.55 -6.79 -45.49
CA LEU A 265 29.42 -5.93 -45.21
C LEU A 265 29.72 -4.44 -45.18
N PHE A 266 30.96 -4.02 -44.92
CA PHE A 266 31.39 -2.66 -45.20
C PHE A 266 32.89 -2.56 -44.92
N GLU A 267 33.44 -1.39 -45.17
CA GLU A 267 34.82 -1.07 -44.82
C GLU A 267 34.82 0.21 -43.99
N CYS A 268 35.39 0.13 -42.79
CA CYS A 268 35.20 1.13 -41.74
C CYS A 268 36.54 1.67 -41.25
N LYS A 269 36.71 2.98 -41.33
CA LYS A 269 37.99 3.64 -41.03
C LYS A 269 38.13 3.86 -39.54
N LEU A 270 38.65 2.87 -38.83
CA LEU A 270 38.79 3.05 -37.38
C LEU A 270 39.83 4.12 -37.08
N TYR A 271 39.41 5.36 -36.91
CA TYR A 271 40.38 6.43 -36.73
C TYR A 271 41.18 6.20 -35.46
N ASN A 272 42.22 7.01 -35.29
CA ASN A 272 43.10 6.88 -34.13
C ASN A 272 42.44 7.42 -32.86
N GLU A 273 41.64 8.46 -32.97
CA GLU A 273 41.07 9.11 -31.80
C GLU A 273 39.82 8.43 -31.29
N GLY A 274 39.63 7.16 -31.62
CA GLY A 274 38.64 6.35 -30.94
C GLY A 274 37.24 6.41 -31.50
N TYR A 275 37.07 6.09 -32.78
CA TYR A 275 35.74 5.79 -33.30
C TYR A 275 35.88 5.10 -34.64
N ILE A 276 34.75 4.72 -35.20
CA ILE A 276 34.70 3.85 -36.38
C ILE A 276 33.82 4.55 -37.40
N ALA A 277 34.42 5.37 -38.24
CA ALA A 277 33.63 6.13 -39.20
C ALA A 277 33.19 5.19 -40.31
N LEU A 278 32.56 5.74 -41.35
CA LEU A 278 31.96 4.92 -42.39
C LEU A 278 31.42 5.86 -43.47
N SER A 279 31.03 5.30 -44.60
CA SER A 279 30.43 6.09 -45.67
C SER A 279 29.08 5.50 -46.08
N TYR A 280 28.07 6.35 -46.17
CA TYR A 280 26.70 5.95 -46.48
C TYR A 280 25.92 7.20 -46.87
N SER A 281 25.46 7.26 -48.11
CA SER A 281 24.82 8.47 -48.65
C SER A 281 23.32 8.30 -48.83
N GLY A 282 22.67 7.63 -47.88
CA GLY A 282 21.24 7.43 -47.95
C GLY A 282 20.45 8.59 -47.37
N SER A 283 19.18 8.34 -47.12
CA SER A 283 18.26 9.34 -46.57
C SER A 283 17.70 8.95 -45.22
N GLY A 284 17.26 7.71 -45.05
CA GLY A 284 16.80 7.24 -43.78
C GLY A 284 17.90 6.56 -43.00
N PRO A 285 17.54 5.79 -41.99
CA PRO A 285 18.54 5.00 -41.25
C PRO A 285 18.93 3.77 -42.04
N LEU A 286 19.78 2.95 -41.43
CA LEU A 286 20.15 1.67 -42.04
C LEU A 286 20.82 0.81 -40.97
N THR A 287 20.32 -0.40 -40.80
CA THR A 287 20.85 -1.35 -39.83
C THR A 287 21.68 -2.41 -40.53
N PHE A 288 22.50 -3.10 -39.74
CA PHE A 288 23.35 -4.18 -40.23
C PHE A 288 23.18 -5.40 -39.34
N PRO A 289 23.41 -6.59 -39.87
CA PRO A 289 23.41 -7.77 -39.02
C PRO A 289 24.44 -7.62 -37.90
N THR A 290 24.26 -8.40 -36.85
CA THR A 290 25.05 -8.27 -35.64
C THR A 290 25.60 -9.61 -35.20
N ASP A 291 26.16 -10.37 -36.14
CA ASP A 291 26.85 -11.60 -35.79
C ASP A 291 28.25 -11.68 -36.34
N GLY A 292 28.71 -10.66 -37.06
CA GLY A 292 29.99 -10.71 -37.73
C GLY A 292 31.15 -10.58 -36.77
N ILE A 293 32.32 -10.29 -37.34
CA ILE A 293 33.56 -10.15 -36.59
C ILE A 293 34.36 -9.03 -37.24
N PHE A 294 35.09 -8.28 -36.43
CA PHE A 294 35.98 -7.28 -36.99
C PHE A 294 37.34 -7.90 -37.28
N GLU A 295 38.07 -7.27 -38.20
CA GLU A 295 39.36 -7.79 -38.61
C GLU A 295 40.27 -6.63 -38.97
N VAL A 296 41.45 -6.60 -38.36
CA VAL A 296 42.44 -5.60 -38.74
C VAL A 296 43.00 -5.93 -40.12
N VAL A 297 43.24 -4.91 -40.91
CA VAL A 297 43.80 -5.16 -42.24
C VAL A 297 45.07 -4.34 -42.44
N SER A 298 44.99 -3.03 -42.29
CA SER A 298 46.13 -2.21 -42.61
C SER A 298 46.00 -0.87 -41.92
N TRP A 299 47.13 -0.17 -41.85
CA TRP A 299 47.08 1.26 -41.63
C TRP A 299 46.95 1.97 -42.97
N VAL A 300 46.75 3.27 -42.90
CA VAL A 300 46.53 4.12 -44.07
C VAL A 300 46.69 5.57 -43.61
N PRO A 301 46.54 6.57 -44.48
CA PRO A 301 46.41 7.94 -43.99
C PRO A 301 44.97 8.26 -43.59
N ARG A 302 44.68 9.52 -43.26
CA ARG A 302 43.30 9.92 -42.97
C ARG A 302 42.39 9.65 -44.17
N LEU A 303 42.69 10.29 -45.30
CA LEU A 303 41.78 10.45 -46.43
C LEU A 303 41.70 9.24 -47.37
N TYR A 304 42.04 8.04 -46.92
CA TYR A 304 41.98 6.87 -47.79
C TYR A 304 40.56 6.64 -48.27
N GLN A 305 40.31 6.85 -49.56
CA GLN A 305 38.95 6.86 -50.09
C GLN A 305 38.18 5.61 -49.66
N LEU A 306 36.85 5.75 -49.59
CA LEU A 306 35.98 4.76 -48.99
C LEU A 306 35.35 3.86 -50.04
N ALA A 307 35.14 2.60 -49.67
CA ALA A 307 34.35 1.66 -50.47
C ALA A 307 32.92 1.73 -49.97
N SER A 308 32.19 2.72 -50.51
CA SER A 308 30.85 3.02 -50.02
C SER A 308 29.93 1.82 -50.17
N VAL A 309 29.35 1.40 -49.05
CA VAL A 309 28.35 0.34 -49.05
C VAL A 309 27.00 0.97 -48.73
N GLY A 310 26.26 1.32 -49.78
CA GLY A 310 25.00 2.02 -49.63
C GLY A 310 23.80 1.12 -49.74
N SER A 311 22.65 1.73 -50.02
CA SER A 311 21.40 1.00 -50.13
C SER A 311 21.20 0.50 -51.56
N ARG B 7 53.72 -13.11 -27.45
CA ARG B 7 53.62 -14.57 -27.57
C ARG B 7 53.84 -15.22 -26.21
N MET B 8 54.55 -14.52 -25.34
CA MET B 8 54.62 -14.87 -23.94
C MET B 8 53.41 -14.28 -23.23
N VAL B 9 52.96 -14.95 -22.18
CA VAL B 9 51.72 -14.54 -21.53
C VAL B 9 51.94 -13.24 -20.78
N ASP B 10 50.86 -12.47 -20.63
CA ASP B 10 50.87 -11.24 -19.85
C ASP B 10 49.52 -11.05 -19.19
N LEU B 11 49.54 -10.27 -18.12
CA LEU B 11 48.35 -10.06 -17.32
C LEU B 11 47.96 -8.59 -17.32
N PRO B 12 46.67 -8.28 -17.21
CA PRO B 12 46.23 -6.90 -17.33
C PRO B 12 46.77 -6.06 -16.18
N VAL B 13 47.38 -4.93 -16.52
CA VAL B 13 47.83 -4.02 -15.47
C VAL B 13 46.62 -3.24 -14.98
N ILE B 14 45.92 -3.81 -14.01
CA ILE B 14 44.72 -3.23 -13.43
C ILE B 14 44.66 -3.64 -11.98
N GLN B 15 44.49 -2.67 -11.09
CA GLN B 15 44.42 -2.99 -9.68
C GLN B 15 43.22 -3.89 -9.43
N PRO B 16 43.38 -4.99 -8.70
CA PRO B 16 42.24 -5.88 -8.44
C PRO B 16 41.06 -5.18 -7.82
N ARG B 17 41.29 -4.03 -7.19
CA ARG B 17 40.18 -3.24 -6.70
C ARG B 17 39.42 -2.55 -7.82
N LEU B 18 39.86 -2.67 -9.07
CA LEU B 18 39.16 -2.06 -10.20
C LEU B 18 38.71 -3.08 -11.22
N CYS B 19 38.12 -4.18 -10.79
CA CYS B 19 37.69 -5.21 -11.72
C CYS B 19 36.29 -5.68 -11.37
N THR B 20 35.54 -6.07 -12.40
CA THR B 20 34.25 -6.70 -12.19
C THR B 20 34.44 -8.05 -11.51
N HIS B 21 33.34 -8.70 -11.17
CA HIS B 21 33.44 -10.03 -10.60
C HIS B 21 32.92 -11.04 -11.60
N ALA B 22 32.90 -12.31 -11.17
CA ALA B 22 32.57 -13.43 -12.04
C ALA B 22 31.18 -13.98 -11.79
N ARG B 23 30.84 -14.28 -10.55
CA ARG B 23 29.60 -14.97 -10.25
C ARG B 23 28.50 -14.04 -9.77
N TRP B 24 28.77 -12.76 -9.64
CA TRP B 24 27.72 -11.84 -9.24
C TRP B 24 28.10 -10.44 -9.69
N PRO B 25 27.26 -9.76 -10.41
CA PRO B 25 27.67 -8.51 -11.04
C PRO B 25 27.83 -7.37 -10.04
N ALA B 26 28.96 -7.33 -9.35
CA ALA B 26 29.31 -6.24 -8.45
C ALA B 26 30.81 -6.27 -8.25
N PRO B 27 31.44 -5.13 -8.07
CA PRO B 27 32.90 -5.10 -8.11
C PRO B 27 33.54 -5.83 -6.95
N VAL B 28 34.85 -5.90 -6.95
CA VAL B 28 35.60 -6.67 -5.96
C VAL B 28 35.93 -5.76 -4.79
N TYR B 29 35.88 -6.30 -3.58
CA TYR B 29 36.22 -5.55 -2.39
C TYR B 29 37.41 -6.13 -1.65
N GLY B 30 37.37 -7.43 -1.34
CA GLY B 30 38.40 -8.07 -0.56
C GLY B 30 39.27 -8.99 -1.38
N LEU B 31 40.23 -9.59 -0.68
CA LEU B 31 41.15 -10.54 -1.29
C LEU B 31 41.78 -11.31 -0.14
N LEU B 32 41.61 -12.62 -0.11
CA LEU B 32 42.04 -13.34 1.07
C LEU B 32 42.21 -14.81 0.76
N VAL B 33 43.11 -15.45 1.50
CA VAL B 33 43.28 -16.88 1.48
C VAL B 33 42.47 -17.46 2.62
N ASP B 34 42.20 -18.75 2.55
CA ASP B 34 41.44 -19.37 3.62
C ASP B 34 41.76 -20.86 3.72
N PRO B 35 42.40 -21.29 4.81
CA PRO B 35 42.63 -22.72 5.04
C PRO B 35 41.51 -23.43 5.78
N SER B 36 40.39 -22.77 6.05
CA SER B 36 39.30 -23.36 6.80
C SER B 36 38.14 -23.80 5.91
N LEU B 37 37.70 -22.93 5.02
CA LEU B 37 36.57 -23.15 4.11
C LEU B 37 36.75 -24.40 3.27
N PRO B 38 35.70 -24.91 2.62
CA PRO B 38 35.86 -26.06 1.73
C PRO B 38 36.96 -25.83 0.70
N SER B 39 37.96 -26.69 0.71
CA SER B 39 39.14 -26.49 -0.13
C SER B 39 38.96 -26.95 -1.56
N ASN B 40 37.84 -27.57 -1.90
CA ASN B 40 37.69 -28.25 -3.18
C ASN B 40 36.43 -27.79 -3.90
N PRO B 41 36.31 -26.50 -4.18
CA PRO B 41 35.10 -26.00 -4.83
C PRO B 41 34.99 -26.52 -6.25
N GLN B 42 33.76 -26.57 -6.74
CA GLN B 42 33.48 -27.12 -8.05
C GLN B 42 32.71 -26.12 -8.89
N TRP B 43 33.11 -24.86 -8.85
CA TRP B 43 32.33 -23.79 -9.43
C TRP B 43 32.16 -24.00 -10.93
N GLN B 44 31.23 -23.25 -11.51
CA GLN B 44 30.99 -23.35 -12.94
C GLN B 44 30.87 -21.99 -13.60
N ASN B 45 31.15 -20.90 -12.90
CA ASN B 45 31.22 -19.59 -13.50
C ASN B 45 32.60 -19.01 -13.23
N GLY B 46 33.03 -18.13 -14.11
CA GLY B 46 34.39 -17.65 -14.03
C GLY B 46 35.38 -18.79 -14.05
N ARG B 47 35.41 -19.54 -15.15
CA ARG B 47 36.41 -20.57 -15.35
C ARG B 47 36.97 -20.41 -16.73
N VAL B 48 38.28 -20.58 -16.87
CA VAL B 48 38.91 -20.42 -18.17
C VAL B 48 40.29 -21.04 -18.12
N HIS B 49 40.63 -21.76 -19.19
CA HIS B 49 42.00 -22.21 -19.42
C HIS B 49 42.85 -21.04 -19.84
N VAL B 50 44.06 -20.94 -19.28
CA VAL B 50 44.99 -19.92 -19.74
C VAL B 50 45.31 -20.13 -21.22
N ASP B 51 45.04 -21.32 -21.75
CA ASP B 51 45.04 -21.50 -23.20
C ASP B 51 44.12 -20.49 -23.86
N GLY B 52 42.88 -20.40 -23.39
CA GLY B 52 41.92 -19.50 -23.97
C GLY B 52 40.59 -20.12 -24.32
N THR B 53 40.31 -21.31 -23.78
CA THR B 53 39.01 -21.92 -23.93
C THR B 53 38.18 -21.68 -22.67
N LEU B 54 36.88 -21.94 -22.77
CA LEU B 54 35.94 -21.60 -21.72
C LEU B 54 35.34 -22.87 -21.13
N LEU B 55 35.92 -23.36 -20.04
CA LEU B 55 35.31 -24.46 -19.32
C LEU B 55 33.95 -24.02 -18.78
N GLY B 56 33.20 -24.99 -18.26
CA GLY B 56 31.95 -24.71 -17.59
C GLY B 56 31.03 -23.85 -18.44
N THR B 57 30.25 -23.02 -17.78
CA THR B 57 29.27 -22.16 -18.45
C THR B 57 29.71 -20.70 -18.48
N THR B 58 31.00 -20.44 -18.50
CA THR B 58 31.50 -19.08 -18.38
C THR B 58 31.05 -18.23 -19.56
N PRO B 59 30.37 -17.12 -19.34
CA PRO B 59 30.03 -16.22 -20.44
C PRO B 59 31.21 -15.36 -20.83
N ILE B 60 31.02 -14.41 -21.74
CA ILE B 60 32.09 -13.55 -22.19
C ILE B 60 31.97 -12.15 -21.61
N SER B 61 30.76 -11.60 -21.57
CA SER B 61 30.58 -10.25 -21.07
C SER B 61 30.64 -10.27 -19.55
N GLY B 62 30.33 -9.14 -18.94
CA GLY B 62 30.11 -9.10 -17.51
C GLY B 62 28.62 -9.11 -17.26
N SER B 63 27.89 -8.37 -18.08
CA SER B 63 26.46 -8.24 -17.90
C SER B 63 25.73 -9.57 -18.04
N TRP B 64 26.33 -10.53 -18.73
CA TRP B 64 25.66 -11.80 -18.98
C TRP B 64 25.70 -12.74 -17.78
N VAL B 65 26.06 -12.28 -16.59
CA VAL B 65 26.27 -13.20 -15.47
C VAL B 65 24.99 -13.32 -14.67
N SER B 66 24.62 -14.57 -14.36
CA SER B 66 23.41 -14.89 -13.60
C SER B 66 22.16 -14.28 -14.21
N CYS B 67 22.19 -14.05 -15.52
CA CYS B 67 21.02 -13.60 -16.26
C CYS B 67 20.66 -14.64 -17.30
N PHE B 68 19.38 -15.00 -17.36
CA PHE B 68 18.89 -15.91 -18.39
C PHE B 68 17.74 -15.24 -19.14
N ALA B 69 17.71 -15.43 -20.45
CA ALA B 69 16.52 -15.08 -21.21
C ALA B 69 15.63 -16.31 -21.30
N ALA B 70 14.39 -16.10 -21.71
CA ALA B 70 13.44 -17.21 -21.75
C ALA B 70 12.17 -16.76 -22.45
N GLU B 71 11.18 -17.64 -22.45
CA GLU B 71 9.83 -17.34 -22.88
C GLU B 71 8.89 -17.64 -21.73
N ALA B 72 7.91 -16.77 -21.52
CA ALA B 72 7.07 -16.83 -20.33
C ALA B 72 5.69 -17.33 -20.70
N ALA B 73 5.17 -18.28 -19.93
CA ALA B 73 3.83 -18.79 -20.13
C ALA B 73 3.34 -19.36 -18.81
N TYR B 74 2.06 -19.15 -18.51
CA TYR B 74 1.50 -19.57 -17.24
C TYR B 74 0.50 -20.71 -17.44
N GLU B 75 -0.13 -21.09 -16.32
CA GLU B 75 -1.16 -22.11 -16.23
C GLU B 75 -1.63 -22.13 -14.79
N PHE B 76 -2.87 -22.58 -14.57
CA PHE B 76 -3.39 -22.63 -13.20
C PHE B 76 -3.94 -24.03 -12.90
N GLN B 77 -3.04 -24.91 -12.49
CA GLN B 77 -3.43 -26.18 -11.88
C GLN B 77 -2.74 -26.26 -10.52
N SER B 78 -1.45 -25.96 -10.49
CA SER B 78 -0.75 -25.81 -9.23
C SER B 78 -1.28 -24.59 -8.49
N GLY B 79 -1.51 -24.76 -7.19
CA GLY B 79 -1.18 -25.99 -6.49
C GLY B 79 -0.02 -25.69 -5.54
N THR B 80 0.77 -24.70 -5.92
CA THR B 80 1.81 -24.15 -5.05
C THR B 80 1.71 -22.63 -5.01
N GLY B 81 0.83 -22.09 -5.83
CA GLY B 81 0.64 -20.66 -5.96
C GLY B 81 0.65 -20.31 -7.42
N GLU B 82 0.47 -19.02 -7.71
CA GLU B 82 0.50 -18.58 -9.09
C GLU B 82 1.93 -18.56 -9.59
N VAL B 83 2.31 -19.55 -10.38
CA VAL B 83 3.68 -19.76 -10.77
C VAL B 83 3.82 -19.47 -12.25
N ALA B 84 5.04 -19.57 -12.76
CA ALA B 84 5.31 -19.38 -14.16
C ALA B 84 6.31 -20.43 -14.63
N THR B 85 6.28 -20.69 -15.92
CA THR B 85 7.16 -21.66 -16.55
C THR B 85 7.96 -20.97 -17.64
N PHE B 86 9.28 -20.96 -17.48
CA PHE B 86 10.17 -20.36 -18.46
C PHE B 86 10.83 -21.44 -19.30
N THR B 87 11.07 -21.12 -20.57
CA THR B 87 11.79 -22.01 -21.48
C THR B 87 13.06 -21.30 -21.89
N LEU B 88 14.19 -21.78 -21.40
CA LEU B 88 15.45 -21.06 -21.58
C LEU B 88 15.81 -20.92 -23.05
N ILE B 89 16.35 -19.76 -23.40
CA ILE B 89 17.01 -19.55 -24.67
C ILE B 89 18.25 -18.71 -24.41
N GLU B 90 19.23 -18.83 -25.29
CA GLU B 90 20.46 -18.07 -25.11
C GLU B 90 20.18 -16.57 -25.22
N GLN B 91 20.91 -15.78 -24.43
CA GLN B 91 20.57 -14.37 -24.28
C GLN B 91 20.77 -13.57 -25.55
N ASP B 92 21.60 -14.05 -26.47
CA ASP B 92 21.83 -13.29 -27.69
C ASP B 92 20.56 -13.21 -28.53
N GLY B 93 19.78 -14.28 -28.54
CA GLY B 93 18.59 -14.37 -29.37
C GLY B 93 18.47 -15.72 -30.04
N SER B 94 19.59 -16.40 -30.22
CA SER B 94 19.57 -17.72 -30.83
C SER B 94 19.00 -18.74 -29.87
N ALA B 95 18.26 -19.72 -30.41
CA ALA B 95 17.61 -20.70 -29.58
C ALA B 95 18.62 -21.53 -28.81
N TYR B 96 18.12 -22.37 -27.90
CA TYR B 96 18.95 -23.16 -27.01
C TYR B 96 18.70 -24.63 -27.27
N VAL B 97 19.77 -25.37 -27.57
CA VAL B 97 19.71 -26.79 -27.82
C VAL B 97 20.69 -27.48 -26.88
N PRO B 98 20.24 -28.41 -26.04
CA PRO B 98 21.11 -28.98 -25.01
C PRO B 98 22.41 -29.49 -25.59
N GLY B 99 23.47 -29.38 -24.79
CA GLY B 99 24.79 -29.79 -25.23
C GLY B 99 25.59 -30.42 -24.12
N ASP B 100 26.82 -29.97 -23.93
CA ASP B 100 27.66 -30.50 -22.87
C ASP B 100 27.64 -29.64 -21.61
N ARG B 101 27.65 -28.32 -21.76
CA ARG B 101 27.54 -27.45 -20.60
C ARG B 101 26.17 -27.62 -19.96
N ALA B 102 26.14 -27.52 -18.64
CA ALA B 102 24.96 -27.89 -17.87
C ALA B 102 23.95 -26.77 -17.73
N ALA B 103 23.99 -25.77 -18.61
CA ALA B 103 23.07 -24.65 -18.54
C ALA B 103 23.30 -23.77 -19.75
N PRO B 104 22.44 -22.81 -20.02
CA PRO B 104 22.79 -21.79 -21.01
C PRO B 104 24.01 -21.01 -20.57
N LEU B 105 24.51 -20.12 -21.39
CA LEU B 105 25.61 -19.28 -20.94
C LEU B 105 25.14 -18.37 -19.83
N GLY B 106 25.97 -18.22 -18.79
CA GLY B 106 25.64 -17.30 -17.73
C GLY B 106 24.41 -17.72 -16.96
N TYR B 107 24.52 -18.76 -16.16
CA TYR B 107 23.40 -19.18 -15.33
C TYR B 107 23.87 -19.37 -13.91
N PRO B 108 23.10 -18.90 -12.93
CA PRO B 108 23.53 -18.98 -11.53
C PRO B 108 23.87 -20.40 -11.13
N ASP B 109 24.81 -20.54 -10.20
CA ASP B 109 25.28 -21.85 -9.80
C ASP B 109 25.51 -21.91 -8.29
N PHE B 110 24.62 -21.29 -7.52
CA PHE B 110 24.75 -21.33 -6.07
C PHE B 110 23.40 -21.65 -5.46
N SER B 111 23.40 -22.61 -4.54
CA SER B 111 22.16 -23.05 -3.91
C SER B 111 21.57 -21.97 -3.04
N GLY B 112 20.27 -21.70 -3.23
CA GLY B 112 19.60 -20.72 -2.40
C GLY B 112 18.19 -20.42 -2.87
N GLN B 113 17.83 -19.14 -2.94
CA GLN B 113 16.53 -18.74 -3.46
C GLN B 113 16.67 -17.30 -3.95
N LEU B 114 16.78 -17.14 -5.27
CA LEU B 114 17.04 -15.81 -5.82
C LEU B 114 15.79 -14.94 -5.71
N GLU B 115 15.91 -13.73 -6.22
CA GLU B 115 14.77 -12.84 -6.39
C GLU B 115 15.05 -12.04 -7.64
N ILE B 116 14.59 -12.54 -8.77
CA ILE B 116 14.94 -11.98 -10.06
C ILE B 116 14.08 -10.78 -10.37
N GLU B 117 14.47 -10.03 -11.39
CA GLU B 117 13.62 -8.97 -11.93
C GLU B 117 13.54 -9.19 -13.43
N VAL B 118 12.33 -9.22 -13.95
CA VAL B 118 12.06 -9.69 -15.29
C VAL B 118 11.30 -8.62 -16.05
N GLN B 119 11.73 -8.32 -17.27
CA GLN B 119 11.04 -7.34 -18.09
C GLN B 119 10.94 -7.87 -19.51
N THR B 120 10.37 -7.06 -20.40
CA THR B 120 10.13 -7.48 -21.76
C THR B 120 11.37 -7.28 -22.60
N GLU B 121 11.76 -8.33 -23.33
CA GLU B 121 12.91 -8.21 -24.21
C GLU B 121 12.65 -7.15 -25.25
N THR B 122 13.47 -6.10 -25.24
CA THR B 122 13.30 -4.99 -26.17
C THR B 122 13.77 -5.37 -27.56
N THR B 123 13.11 -4.80 -28.57
CA THR B 123 13.46 -5.11 -29.94
C THR B 123 13.69 -3.85 -30.75
N LYS B 124 12.92 -2.80 -30.48
CA LYS B 124 13.05 -1.57 -31.25
C LYS B 124 12.43 -0.43 -30.46
N THR B 125 12.73 0.79 -30.89
CA THR B 125 12.27 2.00 -30.20
C THR B 125 10.76 2.04 -30.17
N GLY B 126 10.21 2.69 -29.15
CA GLY B 126 8.79 2.91 -29.06
C GLY B 126 7.97 1.72 -28.61
N ASP B 127 8.62 0.61 -28.25
CA ASP B 127 7.89 -0.55 -27.77
C ASP B 127 7.24 -0.24 -26.42
N LYS B 128 6.49 -1.21 -25.91
CA LYS B 128 5.95 -1.16 -24.57
C LYS B 128 6.64 -2.21 -23.72
N LEU B 129 6.98 -1.83 -22.48
CA LEU B 129 7.68 -2.72 -21.57
C LEU B 129 6.85 -2.91 -20.32
N LYS B 130 7.03 -4.07 -19.68
CA LYS B 130 6.35 -4.38 -18.43
C LYS B 130 7.35 -5.11 -17.55
N VAL B 131 7.28 -4.88 -16.24
CA VAL B 131 8.21 -5.51 -15.31
C VAL B 131 7.43 -6.23 -14.23
N THR B 132 8.07 -7.23 -13.63
CA THR B 132 7.53 -7.94 -12.49
C THR B 132 8.68 -8.20 -11.53
N THR B 133 8.45 -9.07 -10.55
CA THR B 133 9.51 -9.47 -9.65
C THR B 133 9.21 -10.88 -9.18
N PHE B 134 9.79 -11.87 -9.84
CA PHE B 134 9.50 -13.26 -9.50
C PHE B 134 10.38 -13.70 -8.34
N GLU B 135 10.41 -14.99 -8.08
CA GLU B 135 11.23 -15.55 -7.02
C GLU B 135 11.42 -17.02 -7.33
N MET B 136 12.67 -17.45 -7.44
CA MET B 136 13.00 -18.74 -8.03
C MET B 136 13.90 -19.52 -7.08
N ILE B 137 13.59 -20.79 -6.88
CA ILE B 137 14.41 -21.64 -6.03
C ILE B 137 15.37 -22.42 -6.91
N LEU B 138 16.60 -22.60 -6.42
CA LEU B 138 17.61 -23.34 -7.16
C LEU B 138 18.17 -24.53 -6.40
N GLY B 139 18.06 -24.56 -5.08
CA GLY B 139 18.75 -25.52 -4.26
C GLY B 139 18.26 -26.94 -4.44
N PRO B 140 18.74 -27.84 -3.60
CA PRO B 140 18.41 -29.26 -3.71
C PRO B 140 17.04 -29.61 -3.16
N THR B 141 16.04 -28.82 -3.54
CA THR B 141 14.67 -28.98 -3.07
C THR B 141 13.81 -29.41 -4.25
N THR B 142 13.53 -30.70 -4.34
CA THR B 142 12.73 -31.25 -5.44
C THR B 142 11.25 -31.26 -5.05
N ASN B 143 10.76 -30.07 -4.69
CA ASN B 143 9.32 -29.87 -4.57
C ASN B 143 8.71 -29.70 -5.96
N ALA B 144 9.21 -28.74 -6.71
CA ALA B 144 8.93 -28.63 -8.14
C ALA B 144 10.08 -29.27 -8.91
N ASP B 145 9.81 -29.69 -10.14
CA ASP B 145 10.83 -30.33 -10.96
C ASP B 145 11.69 -29.24 -11.58
N GLN B 146 12.72 -28.83 -10.84
CA GLN B 146 13.66 -27.83 -11.30
C GLN B 146 14.71 -28.48 -12.19
N ALA B 147 14.72 -28.13 -13.47
CA ALA B 147 15.70 -28.74 -14.36
C ALA B 147 16.03 -27.83 -15.52
N PRO B 148 17.10 -27.05 -15.44
CA PRO B 148 17.47 -26.22 -16.59
C PRO B 148 18.02 -27.01 -17.74
N TYR B 149 18.62 -28.18 -17.49
CA TYR B 149 19.25 -28.93 -18.57
C TYR B 149 18.31 -29.09 -19.75
N GLN B 150 17.09 -29.55 -19.49
CA GLN B 150 16.10 -29.61 -20.55
C GLN B 150 15.68 -28.22 -20.99
N GLY B 151 15.79 -27.23 -20.11
CA GLY B 151 15.34 -25.89 -20.45
C GLY B 151 14.01 -25.53 -19.83
N ARG B 152 13.82 -25.87 -18.55
CA ARG B 152 12.54 -25.64 -17.91
C ARG B 152 12.80 -25.26 -16.46
N VAL B 153 12.30 -24.09 -16.06
CA VAL B 153 12.42 -23.61 -14.69
C VAL B 153 11.06 -23.11 -14.24
N PHE B 154 10.84 -23.13 -12.92
CA PHE B 154 9.55 -22.79 -12.34
C PHE B 154 9.76 -21.65 -11.35
N ALA B 155 9.52 -20.43 -11.79
CA ALA B 155 9.65 -19.26 -10.94
C ALA B 155 8.28 -18.86 -10.43
N SER B 156 8.20 -18.55 -9.14
CA SER B 156 6.94 -18.17 -8.52
C SER B 156 6.65 -16.70 -8.82
N VAL B 157 5.64 -16.15 -8.13
CA VAL B 157 5.39 -14.72 -8.14
C VAL B 157 5.32 -14.26 -6.70
N THR B 158 5.97 -13.14 -6.40
CA THR B 158 6.01 -12.63 -5.05
C THR B 158 4.69 -11.93 -4.73
N ALA B 159 4.56 -11.45 -3.49
CA ALA B 159 3.36 -10.73 -3.12
C ALA B 159 3.39 -9.38 -3.80
N ALA B 160 3.33 -9.41 -5.12
CA ALA B 160 3.67 -8.26 -5.95
C ALA B 160 2.46 -7.36 -6.08
N ALA B 161 2.55 -6.46 -7.05
CA ALA B 161 1.45 -5.63 -7.52
C ALA B 161 1.23 -5.98 -8.98
N SER B 162 0.49 -5.14 -9.70
CA SER B 162 0.43 -5.20 -11.16
C SER B 162 -0.20 -6.51 -11.62
N LEU B 163 -1.51 -6.59 -11.42
CA LEU B 163 -2.36 -7.62 -11.97
C LEU B 163 -1.89 -8.10 -13.35
N ASP B 164 -1.54 -7.15 -14.22
CA ASP B 164 -1.04 -7.47 -15.55
C ASP B 164 0.40 -7.96 -15.45
N LEU B 165 0.58 -9.28 -15.51
CA LEU B 165 1.92 -9.85 -15.44
C LEU B 165 2.61 -9.69 -16.79
N VAL B 166 3.72 -10.38 -16.98
CA VAL B 166 4.52 -10.24 -18.19
C VAL B 166 4.49 -11.55 -18.95
N ASP B 167 4.83 -11.49 -20.23
CA ASP B 167 4.74 -12.63 -21.13
C ASP B 167 5.55 -12.36 -22.38
N GLY B 168 5.90 -13.44 -23.08
CA GLY B 168 6.64 -13.29 -24.31
C GLY B 168 8.11 -13.60 -24.15
N ARG B 169 8.98 -12.80 -24.75
CA ARG B 169 10.42 -12.95 -24.59
C ARG B 169 10.87 -11.98 -23.50
N VAL B 170 11.49 -12.52 -22.46
CA VAL B 170 11.85 -11.74 -21.28
C VAL B 170 13.34 -11.86 -21.02
N ARG B 171 13.81 -11.09 -20.05
CA ARG B 171 15.21 -11.10 -19.64
C ARG B 171 15.28 -10.93 -18.14
N ALA B 172 15.91 -11.86 -17.46
CA ALA B 172 15.92 -11.90 -16.00
C ALA B 172 17.28 -11.51 -15.46
N VAL B 173 17.30 -10.63 -14.47
CA VAL B 173 18.53 -10.17 -13.85
C VAL B 173 18.41 -10.27 -12.33
N PRO B 174 19.36 -10.86 -11.62
CA PRO B 174 19.16 -11.11 -10.20
C PRO B 174 19.33 -9.86 -9.37
N ARG B 175 18.66 -9.84 -8.21
CA ARG B 175 18.71 -8.68 -7.33
C ARG B 175 18.88 -9.02 -5.86
N SER B 176 18.85 -10.27 -5.45
CA SER B 176 18.87 -10.58 -4.02
C SER B 176 19.34 -12.01 -3.81
N ILE B 177 19.15 -12.50 -2.59
CA ILE B 177 19.42 -13.89 -2.26
C ILE B 177 18.66 -14.18 -0.98
N TYR B 178 18.49 -15.46 -0.66
CA TYR B 178 17.87 -15.82 0.60
C TYR B 178 18.29 -17.23 0.97
N GLY B 179 18.81 -17.40 2.17
CA GLY B 179 19.32 -18.69 2.58
C GLY B 179 20.40 -19.17 1.63
N PHE B 180 21.39 -18.33 1.39
CA PHE B 180 22.46 -18.67 0.48
C PHE B 180 23.21 -19.90 0.95
N GLN B 181 23.73 -20.67 -0.01
CA GLN B 181 24.53 -21.84 0.33
C GLN B 181 25.42 -22.17 -0.86
N ASP B 182 26.72 -22.03 -0.69
CA ASP B 182 27.65 -22.19 -1.80
C ASP B 182 27.80 -23.66 -2.15
N THR B 183 26.92 -24.15 -3.01
CA THR B 183 27.00 -25.51 -3.54
C THR B 183 26.14 -25.56 -4.78
N ILE B 184 26.56 -26.38 -5.75
CA ILE B 184 25.91 -26.35 -7.06
C ILE B 184 24.43 -26.68 -6.92
N PRO B 185 23.55 -26.07 -7.72
CA PRO B 185 22.14 -26.44 -7.67
C PRO B 185 21.90 -27.80 -8.28
N GLU B 186 20.65 -28.18 -8.43
CA GLU B 186 20.31 -29.42 -9.12
C GLU B 186 20.19 -29.10 -10.60
N TYR B 187 21.28 -29.34 -11.33
CA TYR B 187 21.33 -28.98 -12.75
C TYR B 187 20.34 -29.80 -13.55
N ASN B 188 20.37 -31.12 -13.38
CA ASN B 188 19.28 -31.97 -13.84
C ASN B 188 18.51 -32.45 -12.63
N ASP B 189 17.38 -33.07 -12.89
CA ASP B 189 16.47 -33.36 -11.78
C ASP B 189 17.00 -34.41 -10.82
N GLY B 190 18.25 -34.82 -10.95
CA GLY B 190 18.82 -35.84 -10.09
C GLY B 190 19.78 -36.70 -10.87
N LEU B 191 19.73 -36.55 -12.19
CA LEU B 191 20.63 -37.27 -13.08
C LEU B 191 21.98 -36.56 -13.10
N LEU B 192 22.84 -36.94 -14.03
CA LEU B 192 24.17 -36.34 -14.14
C LEU B 192 24.24 -35.44 -15.37
N VAL B 193 25.20 -34.53 -15.35
CA VAL B 193 25.45 -33.62 -16.46
C VAL B 193 26.95 -33.39 -16.60
N PRO B 194 27.39 -33.10 -17.81
CA PRO B 194 28.83 -32.85 -18.01
C PRO B 194 29.26 -31.52 -17.43
N LEU B 195 29.97 -31.56 -16.31
CA LEU B 195 30.35 -30.36 -15.58
C LEU B 195 31.85 -30.07 -15.72
N ALA B 196 32.25 -28.96 -15.16
CA ALA B 196 33.68 -28.72 -15.05
C ALA B 196 34.22 -29.46 -13.83
N PRO B 197 35.40 -30.05 -13.93
CA PRO B 197 35.94 -30.82 -12.81
C PRO B 197 36.22 -29.94 -11.62
N PRO B 198 36.52 -30.51 -10.46
CA PRO B 198 36.80 -29.69 -9.28
C PRO B 198 38.08 -28.88 -9.45
N ILE B 199 38.44 -28.12 -8.44
CA ILE B 199 39.73 -27.44 -8.42
C ILE B 199 40.67 -28.31 -7.60
N GLY B 200 41.44 -29.13 -8.31
CA GLY B 200 42.49 -29.93 -7.75
C GLY B 200 43.55 -30.22 -8.81
N PRO B 201 44.69 -30.79 -8.38
CA PRO B 201 45.00 -31.10 -6.99
C PRO B 201 45.88 -30.03 -6.39
N PHE B 202 46.32 -30.25 -5.15
CA PHE B 202 47.11 -29.29 -4.42
C PHE B 202 48.26 -30.00 -3.71
N LEU B 203 49.42 -29.34 -3.70
CA LEU B 203 50.55 -29.83 -2.93
C LEU B 203 50.25 -29.73 -1.44
N PRO B 204 51.01 -30.41 -0.60
CA PRO B 204 50.89 -30.17 0.84
C PRO B 204 51.14 -28.70 1.15
N GLY B 205 50.37 -28.19 2.10
CA GLY B 205 50.42 -26.76 2.40
C GLY B 205 50.02 -25.93 1.20
N GLU B 206 48.75 -26.02 0.81
CA GLU B 206 48.23 -25.28 -0.32
C GLU B 206 46.90 -24.63 0.01
N VAL B 207 46.76 -23.38 -0.38
CA VAL B 207 45.54 -22.62 -0.20
C VAL B 207 45.30 -21.85 -1.49
N LEU B 208 44.07 -21.90 -1.98
CA LEU B 208 43.74 -21.16 -3.18
C LEU B 208 43.85 -19.66 -2.89
N LEU B 209 43.70 -18.85 -3.92
CA LEU B 209 43.53 -17.41 -3.77
C LEU B 209 42.11 -17.08 -4.21
N ARG B 210 41.41 -16.29 -3.41
CA ARG B 210 39.99 -16.06 -3.62
C ARG B 210 39.70 -14.57 -3.69
N PHE B 211 39.07 -14.13 -4.78
CA PHE B 211 38.55 -12.78 -4.88
C PHE B 211 37.13 -12.77 -4.36
N ARG B 212 36.86 -11.92 -3.37
CA ARG B 212 35.65 -12.00 -2.58
C ARG B 212 34.77 -10.78 -2.83
N THR B 213 33.46 -11.01 -2.96
CA THR B 213 32.52 -9.91 -3.11
C THR B 213 31.40 -10.00 -2.09
N TYR B 214 30.42 -9.11 -2.18
CA TYR B 214 29.39 -9.03 -1.16
C TYR B 214 28.01 -8.94 -1.80
N MET B 215 27.22 -9.98 -1.63
CA MET B 215 25.83 -9.98 -2.05
C MET B 215 25.02 -9.22 -1.02
N ARG B 216 23.70 -9.31 -1.09
CA ARG B 216 22.82 -8.78 -0.05
C ARG B 216 21.81 -9.85 0.31
N GLN B 217 21.91 -10.36 1.53
CA GLN B 217 21.15 -11.53 1.96
C GLN B 217 19.92 -11.07 2.74
N ILE B 218 18.76 -11.14 2.09
CA ILE B 218 17.52 -10.73 2.72
C ILE B 218 17.17 -11.67 3.86
N ASP B 219 16.58 -11.11 4.91
CA ASP B 219 15.99 -11.88 6.00
C ASP B 219 14.69 -11.21 6.38
N THR B 220 14.17 -11.55 7.55
CA THR B 220 12.88 -11.02 7.99
C THR B 220 13.01 -9.53 8.26
N ALA B 221 12.59 -8.71 7.30
CA ALA B 221 12.45 -7.26 7.46
C ALA B 221 13.77 -6.61 7.87
N ASP B 222 14.84 -6.98 7.20
CA ASP B 222 16.17 -6.42 7.42
C ASP B 222 17.05 -6.86 6.25
N ALA B 223 18.35 -6.61 6.37
CA ALA B 223 19.28 -7.04 5.34
C ALA B 223 20.61 -7.38 6.01
N ALA B 224 21.47 -8.05 5.27
CA ALA B 224 22.78 -8.43 5.78
C ALA B 224 23.61 -8.93 4.61
N ALA B 225 24.89 -8.56 4.61
CA ALA B 225 25.76 -8.96 3.53
C ALA B 225 26.35 -10.33 3.78
N GLU B 226 26.53 -11.09 2.70
CA GLU B 226 27.14 -12.41 2.77
C GLU B 226 28.09 -12.55 1.60
N ALA B 227 29.23 -13.19 1.85
CA ALA B 227 30.40 -13.10 0.97
C ALA B 227 30.52 -14.35 0.12
N ILE B 228 30.58 -14.17 -1.20
CA ILE B 228 30.76 -15.25 -2.14
C ILE B 228 32.04 -15.01 -2.93
N ASP B 229 32.80 -16.07 -3.17
CA ASP B 229 34.10 -15.96 -3.79
C ASP B 229 34.02 -16.24 -5.29
N CYS B 230 35.18 -16.32 -5.94
CA CYS B 230 35.32 -16.88 -7.28
C CYS B 230 36.76 -17.35 -7.41
N ALA B 231 37.20 -17.59 -8.65
CA ALA B 231 38.59 -17.97 -8.87
C ALA B 231 39.41 -16.93 -9.61
N LEU B 232 38.78 -16.12 -10.46
CA LEU B 232 39.42 -15.08 -11.22
C LEU B 232 38.43 -13.96 -11.52
N PRO B 233 38.84 -12.71 -11.51
CA PRO B 233 37.94 -11.63 -11.91
C PRO B 233 37.65 -11.71 -13.39
N GLN B 234 36.59 -11.00 -13.79
CA GLN B 234 36.09 -11.16 -15.15
C GLN B 234 37.04 -10.62 -16.20
N GLU B 235 37.93 -9.70 -15.84
CA GLU B 235 38.87 -9.19 -16.82
C GLU B 235 39.83 -10.27 -17.29
N PHE B 236 40.23 -11.17 -16.40
CA PHE B 236 41.07 -12.28 -16.83
C PHE B 236 40.33 -13.15 -17.82
N VAL B 237 39.06 -13.46 -17.54
CA VAL B 237 38.28 -14.26 -18.48
C VAL B 237 38.25 -13.58 -19.84
N SER B 238 37.81 -12.33 -19.87
CA SER B 238 37.65 -11.68 -21.15
C SER B 238 38.96 -11.28 -21.78
N TRP B 239 40.08 -11.49 -21.10
CA TRP B 239 41.40 -11.24 -21.69
C TRP B 239 41.99 -12.53 -22.28
N PHE B 240 42.08 -13.57 -21.47
CA PHE B 240 42.51 -14.87 -21.98
C PHE B 240 41.65 -15.31 -23.14
N ALA B 241 40.33 -15.40 -22.93
CA ALA B 241 39.44 -15.93 -23.96
C ALA B 241 39.59 -15.21 -25.28
N SER B 242 40.22 -14.05 -25.30
CA SER B 242 40.46 -13.35 -26.54
C SER B 242 41.87 -13.57 -27.07
N ASN B 243 42.89 -13.49 -26.21
CA ASN B 243 44.26 -13.55 -26.69
C ASN B 243 44.61 -14.94 -27.21
N ALA B 244 44.30 -15.98 -26.42
CA ALA B 244 44.60 -17.36 -26.78
C ALA B 244 46.10 -17.58 -26.99
N PHE B 245 46.83 -17.46 -25.88
CA PHE B 245 48.27 -17.73 -25.88
C PHE B 245 48.52 -19.23 -26.03
N THR B 246 49.78 -19.62 -25.95
CA THR B 246 50.17 -21.02 -25.97
C THR B 246 51.02 -21.29 -24.73
N VAL B 247 50.55 -22.20 -23.89
CA VAL B 247 51.26 -22.52 -22.65
C VAL B 247 52.56 -23.25 -22.94
N GLN B 248 53.42 -23.37 -21.93
CA GLN B 248 54.65 -24.13 -22.09
C GLN B 248 54.67 -25.39 -21.21
N SER B 249 54.60 -25.28 -19.89
CA SER B 249 54.63 -26.55 -19.18
C SER B 249 53.45 -26.89 -18.29
N GLU B 250 53.40 -26.32 -17.09
CA GLU B 250 52.35 -26.72 -16.15
C GLU B 250 51.90 -25.61 -15.21
N ALA B 251 52.80 -24.68 -14.90
CA ALA B 251 52.56 -23.67 -13.89
C ALA B 251 52.94 -22.32 -14.47
N LEU B 252 52.97 -21.29 -13.64
CA LEU B 252 53.49 -20.01 -14.08
C LEU B 252 53.69 -19.13 -12.87
N LEU B 253 54.90 -18.77 -12.50
CA LEU B 253 55.08 -18.11 -11.21
C LEU B 253 54.84 -16.62 -11.33
N LEU B 254 54.21 -16.04 -10.31
CA LEU B 254 53.80 -14.64 -10.26
C LEU B 254 54.44 -13.97 -9.05
N ARG B 255 54.17 -12.68 -8.90
CA ARG B 255 54.61 -11.96 -7.71
C ARG B 255 53.68 -10.79 -7.46
N TYR B 256 53.03 -10.76 -6.31
CA TYR B 256 52.14 -9.67 -5.99
C TYR B 256 52.99 -8.47 -5.58
N ARG B 257 52.94 -7.42 -6.39
CA ARG B 257 53.90 -6.33 -6.34
C ARG B 257 53.15 -5.03 -6.16
N ASN B 258 53.27 -4.44 -4.97
CA ASN B 258 52.71 -3.12 -4.77
C ASN B 258 53.26 -2.16 -5.82
N THR B 259 52.56 -1.03 -6.00
CA THR B 259 53.00 -0.03 -6.97
C THR B 259 53.29 1.33 -6.36
N LEU B 260 52.89 1.57 -5.12
CA LEU B 260 53.27 2.83 -4.46
C LEU B 260 54.77 2.86 -4.20
N THR B 261 55.33 1.76 -3.71
CA THR B 261 56.75 1.66 -3.43
C THR B 261 57.43 0.64 -4.33
N GLY B 262 56.95 -0.59 -4.33
CA GLY B 262 57.59 -1.65 -5.09
C GLY B 262 57.91 -2.85 -4.23
N GLN B 263 57.28 -2.92 -3.05
CA GLN B 263 57.52 -4.02 -2.13
C GLN B 263 56.89 -5.28 -2.69
N LEU B 264 57.00 -6.37 -1.92
CA LEU B 264 56.49 -7.68 -2.32
C LEU B 264 55.50 -8.15 -1.28
N LEU B 265 54.49 -8.90 -1.71
CA LEU B 265 53.48 -9.34 -0.74
C LEU B 265 53.26 -10.84 -0.68
N PHE B 266 53.44 -11.58 -1.77
CA PHE B 266 53.51 -13.04 -1.70
C PHE B 266 54.05 -13.55 -3.02
N GLU B 267 54.10 -14.87 -3.14
CA GLU B 267 54.60 -15.55 -4.33
C GLU B 267 53.59 -16.62 -4.71
N CYS B 268 52.74 -16.31 -5.68
CA CYS B 268 51.61 -17.15 -6.04
C CYS B 268 51.83 -17.79 -7.40
N LYS B 269 51.46 -19.06 -7.52
CA LYS B 269 51.70 -19.82 -8.74
C LYS B 269 50.42 -19.86 -9.56
N LEU B 270 50.39 -19.15 -10.68
CA LEU B 270 49.27 -19.24 -11.61
C LEU B 270 49.29 -20.59 -12.28
N TYR B 271 48.49 -21.53 -11.83
CA TYR B 271 48.51 -22.83 -12.46
C TYR B 271 47.94 -22.75 -13.87
N ASN B 272 47.84 -23.90 -14.51
CA ASN B 272 47.47 -23.96 -15.91
C ASN B 272 45.99 -24.12 -16.13
N GLU B 273 45.25 -24.64 -15.16
CA GLU B 273 43.81 -24.84 -15.31
C GLU B 273 43.00 -23.72 -14.69
N GLY B 274 43.57 -22.53 -14.59
CA GLY B 274 42.78 -21.37 -14.25
C GLY B 274 42.61 -21.10 -12.77
N TYR B 275 43.70 -21.02 -12.03
CA TYR B 275 43.64 -20.50 -10.66
C TYR B 275 45.02 -20.10 -10.23
N ILE B 276 45.11 -19.56 -9.02
CA ILE B 276 46.32 -18.90 -8.55
C ILE B 276 46.60 -19.44 -7.15
N ALA B 277 47.40 -20.48 -7.05
CA ALA B 277 47.57 -21.07 -5.74
C ALA B 277 48.60 -20.27 -4.95
N LEU B 278 48.67 -20.55 -3.64
CA LEU B 278 49.61 -19.88 -2.75
C LEU B 278 50.18 -20.93 -1.80
N SER B 279 50.80 -20.47 -0.72
CA SER B 279 51.10 -21.35 0.40
C SER B 279 51.05 -20.53 1.69
N TYR B 280 50.39 -21.09 2.70
CA TYR B 280 50.07 -20.36 3.93
C TYR B 280 49.66 -21.37 5.00
N SER B 281 50.36 -21.38 6.13
CA SER B 281 50.23 -22.46 7.10
C SER B 281 49.42 -22.08 8.33
N GLY B 282 48.87 -20.87 8.38
CA GLY B 282 48.12 -20.45 9.54
C GLY B 282 46.82 -21.22 9.71
N SER B 283 45.97 -20.68 10.57
CA SER B 283 44.65 -21.25 10.82
C SER B 283 43.52 -20.33 10.40
N GLY B 284 43.51 -19.09 10.89
CA GLY B 284 42.44 -18.18 10.55
C GLY B 284 42.58 -17.63 9.15
N PRO B 285 41.62 -16.80 8.75
CA PRO B 285 41.69 -16.16 7.44
C PRO B 285 42.48 -14.87 7.49
N LEU B 286 43.34 -14.69 6.48
CA LEU B 286 44.19 -13.51 6.38
C LEU B 286 43.99 -12.86 5.02
N THR B 287 43.80 -11.54 5.03
CA THR B 287 43.58 -10.79 3.81
C THR B 287 44.87 -10.15 3.32
N PHE B 288 44.77 -9.42 2.23
CA PHE B 288 45.86 -8.63 1.69
C PHE B 288 45.32 -7.26 1.32
N PRO B 289 46.15 -6.31 0.93
CA PRO B 289 45.65 -5.07 0.36
C PRO B 289 45.17 -5.29 -1.08
N THR B 290 44.48 -4.28 -1.59
CA THR B 290 43.89 -4.33 -2.92
C THR B 290 44.34 -3.13 -3.75
N ASP B 291 45.64 -2.87 -3.74
CA ASP B 291 46.21 -1.90 -4.67
C ASP B 291 47.40 -2.48 -5.42
N GLY B 292 47.67 -3.76 -5.28
CA GLY B 292 48.78 -4.38 -5.96
C GLY B 292 48.55 -4.51 -7.45
N ILE B 293 49.56 -5.06 -8.12
CA ILE B 293 49.52 -5.34 -9.54
C ILE B 293 50.35 -6.59 -9.80
N PHE B 294 49.75 -7.58 -10.42
CA PHE B 294 50.45 -8.83 -10.65
C PHE B 294 51.59 -8.63 -11.65
N GLU B 295 52.46 -9.64 -11.74
CA GLU B 295 53.57 -9.61 -12.68
C GLU B 295 53.91 -11.04 -13.05
N VAL B 296 53.88 -11.33 -14.35
CA VAL B 296 54.33 -12.62 -14.84
C VAL B 296 55.84 -12.70 -14.72
N VAL B 297 56.36 -13.88 -14.37
CA VAL B 297 57.79 -14.04 -14.24
C VAL B 297 58.31 -15.14 -15.16
N SER B 298 57.88 -16.39 -14.93
CA SER B 298 58.51 -17.49 -15.66
C SER B 298 57.71 -18.76 -15.45
N TRP B 299 57.62 -19.58 -16.49
CA TRP B 299 57.10 -20.92 -16.30
C TRP B 299 58.05 -21.71 -15.42
N VAL B 300 57.52 -22.78 -14.83
CA VAL B 300 58.26 -23.62 -13.90
C VAL B 300 57.64 -25.00 -14.01
N PRO B 301 58.09 -26.00 -13.26
CA PRO B 301 57.31 -27.24 -13.16
C PRO B 301 56.22 -27.12 -12.10
N ARG B 302 55.30 -28.09 -12.12
CA ARG B 302 54.24 -28.12 -11.13
C ARG B 302 54.80 -28.28 -9.72
N LEU B 303 55.62 -29.30 -9.50
CA LEU B 303 56.11 -29.68 -8.17
C LEU B 303 57.08 -28.66 -7.57
N TYR B 304 57.23 -27.49 -8.20
CA TYR B 304 58.14 -26.46 -7.70
C TYR B 304 57.80 -26.09 -6.26
N GLN B 305 58.81 -26.13 -5.40
CA GLN B 305 58.60 -25.82 -3.98
C GLN B 305 58.23 -24.35 -3.81
N LEU B 306 57.48 -24.07 -2.74
CA LEU B 306 56.91 -22.75 -2.52
C LEU B 306 57.73 -21.97 -1.51
N ALA B 307 57.29 -20.73 -1.25
CA ALA B 307 57.92 -19.83 -0.29
C ALA B 307 56.89 -19.46 0.76
N SER B 308 57.04 -20.00 1.97
CA SER B 308 56.04 -19.86 3.02
C SER B 308 55.85 -18.40 3.41
N VAL B 309 54.67 -17.86 3.14
CA VAL B 309 54.30 -16.54 3.62
C VAL B 309 53.72 -16.68 5.02
N GLY B 310 53.60 -15.56 5.71
CA GLY B 310 53.06 -15.56 7.07
C GLY B 310 52.16 -14.38 7.36
N GLN C 1 -16.47 2.29 -20.07
CA GLN C 1 -17.87 2.06 -19.73
C GLN C 1 -18.56 1.30 -20.86
N ILE C 2 -18.32 0.01 -20.94
CA ILE C 2 -18.92 -0.83 -21.97
C ILE C 2 -20.14 -1.53 -21.41
N VAL C 3 -21.19 -1.57 -22.21
CA VAL C 3 -22.41 -2.32 -21.86
C VAL C 3 -22.52 -3.48 -22.84
N LEU C 4 -22.96 -4.62 -22.32
CA LEU C 4 -23.10 -5.81 -23.14
C LEU C 4 -24.56 -6.20 -23.25
N THR C 5 -24.86 -7.02 -24.25
CA THR C 5 -26.21 -7.52 -24.47
C THR C 5 -26.15 -9.01 -24.74
N GLN C 6 -26.96 -9.77 -24.02
CA GLN C 6 -27.08 -11.20 -24.23
C GLN C 6 -28.38 -11.50 -24.95
N SER C 7 -28.32 -12.41 -25.91
CA SER C 7 -29.49 -12.74 -26.71
C SER C 7 -29.43 -14.21 -27.07
N PRO C 8 -30.55 -14.93 -27.00
CA PRO C 8 -31.83 -14.42 -26.51
C PRO C 8 -31.92 -14.50 -24.99
N ALA C 9 -32.91 -13.82 -24.40
CA ALA C 9 -33.00 -13.79 -22.94
C ALA C 9 -33.27 -15.17 -22.38
N ILE C 10 -34.20 -15.91 -22.97
CA ILE C 10 -34.56 -17.24 -22.49
C ILE C 10 -34.82 -18.13 -23.69
N MET C 11 -34.25 -19.32 -23.67
CA MET C 11 -34.41 -20.25 -24.78
C MET C 11 -34.15 -21.66 -24.26
N SER C 12 -34.86 -22.62 -24.85
CA SER C 12 -34.82 -24.00 -24.41
C SER C 12 -34.55 -24.92 -25.59
N ALA C 13 -34.27 -26.18 -25.28
CA ALA C 13 -34.01 -27.18 -26.29
C ALA C 13 -34.16 -28.55 -25.65
N SER C 14 -33.91 -29.59 -26.44
CA SER C 14 -34.04 -30.96 -25.98
C SER C 14 -32.72 -31.70 -26.14
N PRO C 15 -32.42 -32.66 -25.28
CA PRO C 15 -31.12 -33.35 -25.32
C PRO C 15 -30.77 -33.83 -26.71
N GLY C 16 -29.47 -33.89 -26.98
CA GLY C 16 -28.98 -34.29 -28.28
C GLY C 16 -28.88 -33.17 -29.29
N GLU C 17 -29.45 -32.00 -29.02
CA GLU C 17 -29.41 -30.89 -29.95
C GLU C 17 -28.21 -29.99 -29.67
N LYS C 18 -27.92 -29.11 -30.61
CA LYS C 18 -26.88 -28.10 -30.45
C LYS C 18 -27.52 -26.72 -30.36
N VAL C 19 -27.13 -25.96 -29.34
CA VAL C 19 -27.65 -24.62 -29.12
C VAL C 19 -26.48 -23.64 -29.13
N THR C 20 -26.80 -22.39 -29.44
CA THR C 20 -25.82 -21.32 -29.45
C THR C 20 -26.36 -20.14 -28.65
N ILE C 21 -25.45 -19.40 -28.03
CA ILE C 21 -25.79 -18.24 -27.22
C ILE C 21 -24.82 -17.12 -27.58
N THR C 22 -25.36 -15.96 -27.94
CA THR C 22 -24.52 -14.83 -28.33
C THR C 22 -24.55 -13.74 -27.26
N CYS C 23 -23.38 -13.18 -26.99
CA CYS C 23 -23.21 -12.04 -26.09
C CYS C 23 -22.47 -10.98 -26.89
N SER C 24 -23.21 -10.00 -27.40
CA SER C 24 -22.63 -8.99 -28.27
C SER C 24 -21.93 -7.91 -27.46
N ALA C 25 -21.35 -6.94 -28.15
CA ALA C 25 -20.57 -5.89 -27.52
C ALA C 25 -20.93 -4.53 -28.08
N SER C 26 -20.91 -3.52 -27.23
CA SER C 26 -21.16 -2.15 -27.65
C SER C 26 -19.89 -1.45 -28.12
N SER C 27 -18.74 -2.06 -27.94
CA SER C 27 -17.47 -1.49 -28.37
C SER C 27 -16.48 -2.62 -28.51
N SER C 28 -15.37 -2.31 -29.15
CA SER C 28 -14.32 -3.29 -29.35
C SER C 28 -13.80 -3.79 -28.00
N VAL C 29 -13.78 -5.11 -27.83
CA VAL C 29 -13.21 -5.75 -26.67
C VAL C 29 -12.21 -6.80 -27.15
N SER C 30 -11.65 -7.55 -26.21
CA SER C 30 -10.65 -8.54 -26.57
C SER C 30 -10.82 -9.89 -25.89
N TYR C 31 -11.62 -9.99 -24.83
CA TYR C 31 -11.84 -11.28 -24.19
C TYR C 31 -13.19 -11.27 -23.49
N MET C 32 -13.72 -12.46 -23.23
CA MET C 32 -14.93 -12.63 -22.44
C MET C 32 -14.79 -13.86 -21.56
N HIS C 33 -15.64 -13.94 -20.55
CA HIS C 33 -15.72 -15.10 -19.69
C HIS C 33 -17.16 -15.54 -19.57
N TRP C 34 -17.37 -16.76 -19.10
CA TRP C 34 -18.70 -17.33 -18.97
C TRP C 34 -18.86 -17.99 -17.61
N PHE C 35 -19.98 -17.74 -16.95
CA PHE C 35 -20.28 -18.30 -15.64
C PHE C 35 -21.60 -19.07 -15.67
N GLN C 36 -21.75 -19.98 -14.72
CA GLN C 36 -22.91 -20.86 -14.68
C GLN C 36 -23.45 -20.94 -13.26
N GLN C 37 -24.68 -20.45 -13.07
CA GLN C 37 -25.27 -20.33 -11.75
C GLN C 37 -26.54 -21.18 -11.68
N LYS C 38 -26.45 -22.35 -11.10
CA LYS C 38 -27.68 -23.09 -10.86
C LYS C 38 -28.41 -22.49 -9.67
N PRO C 39 -29.74 -22.50 -9.70
CA PRO C 39 -30.51 -21.77 -8.68
C PRO C 39 -30.16 -22.20 -7.26
N GLY C 40 -29.99 -21.22 -6.40
CA GLY C 40 -29.58 -21.49 -5.03
C GLY C 40 -28.12 -21.86 -4.87
N THR C 41 -27.24 -21.20 -5.62
CA THR C 41 -25.83 -21.58 -5.59
C THR C 41 -24.99 -20.42 -6.12
N SER C 42 -23.83 -20.24 -5.52
CA SER C 42 -22.88 -19.24 -5.98
C SER C 42 -22.40 -19.59 -7.38
N PRO C 43 -22.21 -18.60 -8.25
CA PRO C 43 -21.77 -18.89 -9.63
C PRO C 43 -20.45 -19.63 -9.65
N LYS C 44 -20.06 -20.05 -10.85
CA LYS C 44 -18.84 -20.81 -11.03
C LYS C 44 -18.20 -20.43 -12.35
N LEU C 45 -16.87 -20.37 -12.37
CA LEU C 45 -16.16 -20.05 -13.59
C LEU C 45 -16.32 -21.19 -14.58
N TRP C 46 -16.66 -20.86 -15.82
CA TRP C 46 -16.85 -21.87 -16.86
C TRP C 46 -15.85 -21.75 -17.99
N ILE C 47 -15.78 -20.61 -18.66
CA ILE C 47 -14.99 -20.46 -19.87
C ILE C 47 -14.27 -19.12 -19.81
N TYR C 48 -12.93 -19.14 -19.80
CA TYR C 48 -12.16 -17.90 -19.76
C TYR C 48 -11.35 -17.73 -21.03
N SER C 49 -11.04 -16.47 -21.34
CA SER C 49 -10.32 -16.10 -22.55
C SER C 49 -11.01 -16.60 -23.81
N THR C 50 -12.33 -16.74 -23.74
CA THR C 50 -13.21 -17.03 -24.87
C THR C 50 -13.01 -18.42 -25.45
N SER C 51 -12.02 -19.17 -24.99
CA SER C 51 -11.74 -20.43 -25.65
C SER C 51 -11.28 -21.57 -24.76
N ASN C 52 -11.22 -21.40 -23.45
CA ASN C 52 -10.65 -22.43 -22.61
C ASN C 52 -11.67 -22.92 -21.59
N LEU C 53 -11.43 -24.11 -21.06
CA LEU C 53 -12.37 -24.79 -20.19
C LEU C 53 -11.87 -24.72 -18.75
N ALA C 54 -12.81 -24.55 -17.83
CA ALA C 54 -12.48 -24.36 -16.42
C ALA C 54 -12.08 -25.68 -15.80
N SER C 55 -11.95 -25.69 -14.47
CA SER C 55 -11.52 -26.88 -13.74
C SER C 55 -12.76 -27.69 -13.37
N GLY C 56 -13.03 -28.74 -14.14
CA GLY C 56 -14.10 -29.65 -13.81
C GLY C 56 -15.34 -29.47 -14.64
N VAL C 57 -15.19 -29.18 -15.92
CA VAL C 57 -16.33 -29.08 -16.82
C VAL C 57 -16.30 -30.23 -17.82
N PRO C 58 -17.46 -30.76 -18.19
CA PRO C 58 -17.50 -31.72 -19.30
C PRO C 58 -17.14 -31.04 -20.61
N ALA C 59 -16.49 -31.80 -21.48
CA ALA C 59 -15.91 -31.26 -22.70
C ALA C 59 -16.94 -31.01 -23.79
N ARG C 60 -18.23 -30.98 -23.44
CA ARG C 60 -19.25 -30.73 -24.46
C ARG C 60 -19.18 -29.28 -24.96
N PHE C 61 -18.91 -28.35 -24.05
CA PHE C 61 -19.08 -26.93 -24.35
C PHE C 61 -18.06 -26.47 -25.36
N SER C 62 -18.20 -25.22 -25.80
CA SER C 62 -17.35 -24.68 -26.85
C SER C 62 -17.44 -23.16 -26.88
N GLY C 63 -16.31 -22.49 -26.80
CA GLY C 63 -16.27 -21.04 -26.84
C GLY C 63 -15.48 -20.57 -28.04
N SER C 64 -16.01 -19.56 -28.73
CA SER C 64 -15.38 -19.05 -29.93
C SER C 64 -15.84 -17.61 -30.15
N GLY C 65 -15.56 -17.10 -31.34
CA GLY C 65 -15.87 -15.73 -31.66
C GLY C 65 -14.68 -14.82 -31.45
N SER C 66 -14.74 -13.65 -32.08
CA SER C 66 -13.67 -12.67 -31.96
C SER C 66 -14.18 -11.32 -32.45
N GLY C 67 -13.46 -10.27 -32.07
CA GLY C 67 -13.79 -8.93 -32.52
C GLY C 67 -14.76 -8.22 -31.62
N THR C 68 -16.04 -8.27 -31.98
CA THR C 68 -17.08 -7.63 -31.18
C THR C 68 -18.33 -8.50 -31.11
N SER C 69 -18.17 -9.82 -31.19
CA SER C 69 -19.30 -10.74 -31.09
C SER C 69 -18.78 -12.11 -30.73
N TYR C 70 -19.11 -12.59 -29.55
CA TYR C 70 -18.68 -13.90 -29.08
C TYR C 70 -19.91 -14.74 -28.78
N SER C 71 -19.71 -16.06 -28.74
CA SER C 71 -20.84 -16.95 -28.56
C SER C 71 -20.40 -18.28 -27.97
N LEU C 72 -21.31 -18.87 -27.20
CA LEU C 72 -21.06 -20.15 -26.52
C LEU C 72 -22.03 -21.18 -27.07
N THR C 73 -21.51 -22.37 -27.41
CA THR C 73 -22.32 -23.40 -28.04
C THR C 73 -22.03 -24.76 -27.41
N ILE C 74 -23.07 -25.56 -27.23
CA ILE C 74 -22.93 -26.93 -26.79
C ILE C 74 -23.03 -27.82 -28.03
N SER C 75 -22.45 -29.02 -27.95
CA SER C 75 -22.68 -29.99 -29.01
C SER C 75 -24.02 -30.68 -28.81
N ARG C 76 -24.18 -31.38 -27.69
CA ARG C 76 -25.43 -32.04 -27.34
C ARG C 76 -25.83 -31.62 -25.94
N MET C 77 -27.09 -31.26 -25.77
CA MET C 77 -27.56 -30.78 -24.47
C MET C 77 -27.63 -31.95 -23.49
N GLU C 78 -28.18 -31.68 -22.32
CA GLU C 78 -28.29 -32.69 -21.27
C GLU C 78 -29.23 -32.15 -20.20
N ALA C 79 -29.47 -32.97 -19.18
CA ALA C 79 -30.29 -32.57 -18.05
C ALA C 79 -29.51 -31.82 -16.99
N GLU C 80 -28.19 -31.77 -17.09
CA GLU C 80 -27.35 -31.02 -16.17
C GLU C 80 -26.82 -29.73 -16.80
N ASP C 81 -27.50 -29.21 -17.82
CA ASP C 81 -27.11 -27.98 -18.46
C ASP C 81 -28.26 -26.99 -18.43
N ALA C 82 -28.87 -26.83 -17.26
CA ALA C 82 -29.99 -25.92 -17.09
C ALA C 82 -29.66 -24.89 -16.02
N ALA C 83 -29.18 -23.72 -16.43
CA ALA C 83 -28.86 -22.65 -15.51
C ALA C 83 -28.54 -21.39 -16.28
N THR C 84 -28.57 -20.26 -15.58
CA THR C 84 -28.33 -18.97 -16.19
C THR C 84 -26.84 -18.80 -16.51
N TYR C 85 -26.54 -18.24 -17.68
CA TYR C 85 -25.15 -18.09 -18.13
C TYR C 85 -24.84 -16.63 -18.33
N TYR C 86 -23.77 -16.16 -17.69
CA TYR C 86 -23.39 -14.75 -17.69
C TYR C 86 -22.08 -14.56 -18.44
N CYS C 87 -21.99 -13.46 -19.20
CA CYS C 87 -20.77 -13.09 -19.89
C CYS C 87 -20.18 -11.84 -19.24
N GLN C 88 -18.88 -11.90 -18.94
CA GLN C 88 -18.15 -10.78 -18.37
C GLN C 88 -16.96 -10.47 -19.28
N GLN C 89 -16.58 -9.19 -19.34
CA GLN C 89 -15.45 -8.77 -20.14
C GLN C 89 -14.42 -8.08 -19.25
N ARG C 90 -13.21 -8.62 -19.24
CA ARG C 90 -12.09 -8.01 -18.52
C ARG C 90 -11.23 -7.16 -19.44
N SER C 91 -11.84 -6.28 -20.22
CA SER C 91 -11.08 -5.65 -21.29
C SER C 91 -10.29 -4.43 -20.82
N SER C 92 -10.99 -3.35 -20.51
CA SER C 92 -10.33 -2.07 -20.33
C SER C 92 -10.87 -1.21 -19.19
N TYR C 93 -12.09 -1.41 -18.75
CA TYR C 93 -12.80 -0.40 -17.99
C TYR C 93 -13.32 -1.03 -16.71
N PRO C 94 -14.05 -0.29 -15.86
CA PRO C 94 -14.85 -0.97 -14.84
C PRO C 94 -15.59 -2.15 -15.46
N PHE C 95 -15.30 -3.35 -14.97
CA PHE C 95 -15.81 -4.55 -15.60
C PHE C 95 -17.32 -4.53 -15.66
N THR C 96 -17.87 -5.38 -16.53
CA THR C 96 -19.31 -5.40 -16.71
C THR C 96 -19.74 -6.83 -16.99
N PHE C 97 -20.87 -7.21 -16.42
CA PHE C 97 -21.49 -8.47 -16.75
C PHE C 97 -22.64 -8.26 -17.73
N GLY C 98 -22.95 -9.29 -18.49
CA GLY C 98 -24.06 -9.22 -19.41
C GLY C 98 -25.39 -9.35 -18.68
N GLY C 99 -26.46 -9.22 -19.46
CA GLY C 99 -27.78 -9.38 -18.89
C GLY C 99 -28.04 -10.80 -18.41
N GLY C 100 -27.42 -11.78 -19.05
CA GLY C 100 -27.61 -13.15 -18.64
C GLY C 100 -28.80 -13.81 -19.31
N THR C 101 -28.60 -15.04 -19.80
CA THR C 101 -29.67 -15.78 -20.44
C THR C 101 -29.88 -17.10 -19.73
N LYS C 102 -31.00 -17.74 -19.99
CA LYS C 102 -31.34 -19.00 -19.38
C LYS C 102 -31.43 -20.10 -20.43
N LEU C 103 -31.30 -21.34 -19.99
CA LEU C 103 -31.28 -22.48 -20.89
C LEU C 103 -31.82 -23.68 -20.12
N GLU C 104 -32.99 -24.19 -20.51
CA GLU C 104 -33.67 -25.22 -19.75
C GLU C 104 -34.19 -26.31 -20.68
N ILE C 105 -34.71 -27.36 -20.08
CA ILE C 105 -35.10 -28.56 -20.80
C ILE C 105 -36.42 -28.33 -21.51
N LYS C 106 -36.59 -28.98 -22.66
CA LYS C 106 -37.84 -28.98 -23.40
C LYS C 106 -38.50 -30.35 -23.27
N ARG C 107 -39.74 -30.36 -22.80
CA ARG C 107 -40.49 -31.58 -22.61
C ARG C 107 -41.86 -31.41 -23.25
N ALA C 108 -42.40 -32.52 -23.78
CA ALA C 108 -43.74 -32.50 -24.33
C ALA C 108 -44.74 -32.04 -23.27
N ASP C 109 -45.73 -31.27 -23.72
CA ASP C 109 -46.58 -30.52 -22.81
C ASP C 109 -47.46 -31.45 -21.97
N ALA C 110 -48.15 -30.84 -21.01
CA ALA C 110 -49.07 -31.56 -20.14
C ALA C 110 -50.19 -30.60 -19.76
N ALA C 111 -51.03 -31.02 -18.82
CA ALA C 111 -52.20 -30.25 -18.45
C ALA C 111 -52.26 -30.04 -16.95
N PRO C 112 -52.73 -28.87 -16.52
CA PRO C 112 -52.80 -28.58 -15.07
C PRO C 112 -53.80 -29.47 -14.35
N THR C 113 -53.70 -29.45 -13.01
CA THR C 113 -54.64 -30.14 -12.13
C THR C 113 -55.14 -29.10 -11.13
N VAL C 114 -56.16 -28.34 -11.53
CA VAL C 114 -56.56 -27.17 -10.76
C VAL C 114 -57.10 -27.58 -9.41
N SER C 115 -56.75 -26.83 -8.38
CA SER C 115 -57.26 -27.04 -7.04
C SER C 115 -57.85 -25.74 -6.52
N ILE C 116 -58.57 -25.84 -5.42
CA ILE C 116 -59.23 -24.69 -4.80
C ILE C 116 -59.18 -24.92 -3.29
N PHE C 117 -59.08 -23.81 -2.53
CA PHE C 117 -59.19 -23.86 -1.09
C PHE C 117 -59.90 -22.60 -0.59
N PRO C 118 -61.20 -22.69 -0.32
CA PRO C 118 -61.90 -21.56 0.28
C PRO C 118 -61.38 -21.30 1.69
N PRO C 119 -61.62 -20.11 2.25
CA PRO C 119 -61.07 -19.80 3.57
C PRO C 119 -61.50 -20.82 4.62
N SER C 120 -60.54 -21.21 5.46
CA SER C 120 -60.80 -22.13 6.55
C SER C 120 -61.25 -21.36 7.78
N SER C 121 -61.67 -22.10 8.82
CA SER C 121 -62.11 -21.48 10.06
C SER C 121 -61.06 -20.50 10.59
N GLU C 122 -59.80 -20.92 10.57
CA GLU C 122 -58.69 -20.01 10.88
C GLU C 122 -58.74 -18.79 9.99
N GLN C 123 -58.88 -19.02 8.67
CA GLN C 123 -58.93 -17.92 7.72
C GLN C 123 -60.25 -17.17 7.79
N LEU C 124 -61.34 -17.83 8.20
CA LEU C 124 -62.61 -17.13 8.37
C LEU C 124 -62.54 -16.15 9.54
N THR C 125 -62.08 -16.61 10.70
CA THR C 125 -61.91 -15.71 11.84
C THR C 125 -60.75 -14.74 11.64
N SER C 126 -59.87 -14.99 10.66
CA SER C 126 -58.82 -14.02 10.36
C SER C 126 -59.41 -12.67 10.01
N GLY C 127 -60.47 -12.65 9.20
CA GLY C 127 -61.15 -11.44 8.85
C GLY C 127 -61.13 -11.07 7.38
N GLY C 128 -60.64 -11.95 6.51
CA GLY C 128 -60.56 -11.63 5.10
C GLY C 128 -60.75 -12.86 4.24
N ALA C 129 -60.89 -12.62 2.94
CA ALA C 129 -61.08 -13.70 1.96
C ALA C 129 -59.71 -14.18 1.50
N SER C 130 -59.20 -15.22 2.16
CA SER C 130 -57.91 -15.81 1.81
C SER C 130 -58.17 -17.05 0.95
N VAL C 131 -58.52 -16.80 -0.32
CA VAL C 131 -58.76 -17.85 -1.30
C VAL C 131 -57.50 -18.05 -2.13
N VAL C 132 -57.26 -19.29 -2.56
CA VAL C 132 -56.09 -19.62 -3.34
C VAL C 132 -56.53 -20.41 -4.57
N CYS C 133 -55.56 -20.72 -5.43
CA CYS C 133 -55.82 -21.54 -6.62
C CYS C 133 -54.50 -22.17 -7.03
N PHE C 134 -54.41 -23.50 -6.90
CA PHE C 134 -53.20 -24.20 -7.26
C PHE C 134 -53.26 -24.66 -8.72
N LEU C 135 -52.11 -25.10 -9.21
CA LEU C 135 -51.97 -25.83 -10.45
C LEU C 135 -50.92 -26.90 -10.20
N ASN C 136 -50.47 -27.57 -11.26
CA ASN C 136 -49.39 -28.53 -11.09
C ASN C 136 -48.91 -29.04 -12.44
N ASN C 137 -47.61 -29.33 -12.50
CA ASN C 137 -47.00 -30.17 -13.53
C ASN C 137 -47.52 -29.95 -14.94
N PHE C 138 -47.34 -28.76 -15.48
CA PHE C 138 -47.72 -28.53 -16.86
C PHE C 138 -46.57 -27.94 -17.66
N TYR C 139 -46.83 -27.55 -18.90
CA TYR C 139 -45.78 -27.12 -19.81
C TYR C 139 -46.39 -26.47 -21.04
N PRO C 140 -45.83 -25.37 -21.54
CA PRO C 140 -44.69 -24.63 -20.99
C PRO C 140 -45.06 -23.42 -20.14
N LYS C 141 -44.05 -22.59 -19.87
CA LYS C 141 -44.20 -21.45 -18.96
C LYS C 141 -45.44 -20.62 -19.28
N ASP C 142 -45.64 -20.31 -20.56
CA ASP C 142 -46.73 -19.44 -20.97
C ASP C 142 -48.09 -20.00 -20.54
N ILE C 143 -48.73 -19.33 -19.59
CA ILE C 143 -50.05 -19.74 -19.11
C ILE C 143 -50.66 -18.61 -18.30
N ASN C 144 -51.98 -18.47 -18.37
CA ASN C 144 -52.69 -17.51 -17.56
C ASN C 144 -53.71 -18.22 -16.68
N VAL C 145 -53.99 -17.58 -15.55
CA VAL C 145 -55.01 -18.05 -14.61
C VAL C 145 -55.83 -16.84 -14.20
N LYS C 146 -57.15 -16.91 -14.40
CA LYS C 146 -58.03 -15.79 -14.12
C LYS C 146 -59.11 -16.22 -13.15
N TRP C 147 -59.25 -15.49 -12.05
CA TRP C 147 -60.32 -15.75 -11.10
C TRP C 147 -61.60 -15.19 -11.69
N LYS C 148 -62.53 -16.09 -12.03
CA LYS C 148 -63.75 -15.70 -12.70
C LYS C 148 -64.73 -15.37 -11.58
N ILE C 149 -64.73 -14.11 -11.16
CA ILE C 149 -65.55 -13.68 -10.01
C ILE C 149 -66.96 -13.54 -10.57
N ASP C 150 -67.72 -14.63 -10.45
CA ASP C 150 -69.03 -14.79 -11.06
C ASP C 150 -69.03 -14.33 -12.52
N GLY C 151 -67.95 -14.69 -13.21
CA GLY C 151 -67.79 -14.36 -14.61
C GLY C 151 -67.14 -13.04 -14.90
N SER C 152 -66.44 -12.44 -13.95
CA SER C 152 -65.78 -11.16 -14.17
C SER C 152 -64.30 -11.34 -13.88
N GLU C 153 -63.48 -10.40 -14.36
CA GLU C 153 -62.04 -10.46 -14.15
C GLU C 153 -61.67 -9.47 -13.06
N ARG C 154 -61.19 -9.98 -11.94
CA ARG C 154 -60.67 -9.15 -10.86
C ARG C 154 -59.15 -9.16 -10.97
N GLN C 155 -58.59 -8.03 -11.40
CA GLN C 155 -57.16 -7.92 -11.59
C GLN C 155 -56.52 -7.24 -10.37
N ASN C 156 -57.25 -7.19 -9.26
CA ASN C 156 -56.79 -6.60 -8.02
C ASN C 156 -56.50 -7.70 -7.02
N GLY C 157 -55.49 -7.48 -6.19
CA GLY C 157 -55.16 -8.43 -5.14
C GLY C 157 -54.74 -9.80 -5.66
N VAL C 158 -54.09 -9.84 -6.81
CA VAL C 158 -53.64 -11.09 -7.42
C VAL C 158 -52.16 -11.24 -7.10
N LEU C 159 -51.84 -12.26 -6.31
CA LEU C 159 -50.47 -12.55 -5.88
C LEU C 159 -50.10 -13.92 -6.43
N ASN C 160 -49.20 -13.94 -7.40
CA ASN C 160 -48.81 -15.16 -8.08
C ASN C 160 -47.39 -15.54 -7.71
N SER C 161 -47.08 -16.84 -7.84
CA SER C 161 -45.76 -17.33 -7.50
C SER C 161 -45.52 -18.62 -8.28
N TRP C 162 -44.75 -18.52 -9.36
CA TRP C 162 -44.41 -19.69 -10.17
C TRP C 162 -43.39 -20.54 -9.44
N THR C 163 -42.91 -21.58 -10.12
CA THR C 163 -41.75 -22.32 -9.65
C THR C 163 -40.74 -22.47 -10.78
N ASP C 164 -39.75 -23.31 -10.57
CA ASP C 164 -38.78 -23.63 -11.60
C ASP C 164 -38.95 -25.07 -12.05
N GLN C 165 -38.49 -25.34 -13.26
CA GLN C 165 -38.55 -26.67 -13.84
C GLN C 165 -37.90 -27.68 -12.92
N ASP C 166 -38.64 -28.70 -12.52
CA ASP C 166 -38.10 -29.78 -11.71
C ASP C 166 -37.03 -30.54 -12.49
N SER C 167 -36.40 -31.48 -11.79
CA SER C 167 -35.41 -32.37 -12.39
C SER C 167 -35.93 -33.78 -12.58
N LYS C 168 -36.87 -34.22 -11.75
CA LYS C 168 -37.46 -35.55 -11.88
C LYS C 168 -38.44 -35.62 -13.04
N ASP C 169 -39.14 -34.52 -13.31
CA ASP C 169 -40.14 -34.49 -14.36
C ASP C 169 -40.05 -33.27 -15.28
N SER C 170 -39.21 -32.29 -14.96
CA SER C 170 -38.88 -31.19 -15.88
C SER C 170 -40.12 -30.46 -16.37
N THR C 171 -41.12 -30.34 -15.51
CA THR C 171 -42.29 -29.55 -15.83
C THR C 171 -42.60 -28.60 -14.67
N TYR C 172 -43.29 -27.52 -15.01
CA TYR C 172 -43.41 -26.37 -14.14
C TYR C 172 -44.44 -26.62 -13.06
N SER C 173 -44.86 -25.55 -12.39
CA SER C 173 -45.99 -25.58 -11.47
C SER C 173 -46.52 -24.16 -11.40
N MET C 174 -47.37 -23.88 -10.42
CA MET C 174 -47.84 -22.52 -10.20
C MET C 174 -48.53 -22.45 -8.85
N SER C 175 -49.03 -21.27 -8.54
CA SER C 175 -49.83 -21.00 -7.35
C SER C 175 -50.28 -19.55 -7.44
N SER C 176 -51.23 -19.19 -6.56
CA SER C 176 -51.67 -17.80 -6.42
C SER C 176 -52.62 -17.73 -5.23
N THR C 177 -53.13 -16.53 -4.97
CA THR C 177 -54.13 -16.28 -3.93
C THR C 177 -54.74 -14.91 -4.18
N LEU C 178 -55.55 -14.47 -3.22
CA LEU C 178 -56.25 -13.18 -3.31
C LEU C 178 -56.24 -12.50 -1.95
N THR C 179 -55.61 -11.33 -1.88
CA THR C 179 -55.72 -10.51 -0.69
C THR C 179 -57.02 -9.70 -0.75
N LEU C 180 -57.96 -10.02 0.14
CA LEU C 180 -59.25 -9.34 0.13
C LEU C 180 -59.96 -9.63 1.44
N THR C 181 -60.68 -8.63 1.95
CA THR C 181 -61.50 -8.80 3.14
C THR C 181 -62.88 -9.33 2.76
N LYS C 182 -63.73 -9.49 3.77
CA LYS C 182 -65.03 -10.14 3.56
C LYS C 182 -66.02 -9.26 2.81
N ASP C 183 -65.63 -8.04 2.43
CA ASP C 183 -66.55 -7.09 1.81
C ASP C 183 -67.26 -7.69 0.61
N GLU C 184 -66.57 -8.55 -0.14
CA GLU C 184 -67.21 -9.29 -1.22
C GLU C 184 -67.46 -10.75 -0.86
N TYR C 185 -66.74 -11.29 0.13
CA TYR C 185 -67.00 -12.66 0.57
C TYR C 185 -68.43 -12.82 1.05
N GLU C 186 -69.02 -11.75 1.60
CA GLU C 186 -70.43 -11.82 1.94
C GLU C 186 -71.34 -11.54 0.76
N ARG C 187 -70.88 -10.74 -0.21
CA ARG C 187 -71.73 -10.38 -1.34
C ARG C 187 -72.25 -11.61 -2.07
N HIS C 188 -71.36 -12.57 -2.36
CA HIS C 188 -71.71 -13.75 -3.13
C HIS C 188 -71.31 -15.00 -2.36
N ASN C 189 -71.46 -16.14 -3.04
CA ASN C 189 -71.07 -17.44 -2.50
C ASN C 189 -70.36 -18.28 -3.55
N SER C 190 -70.06 -17.74 -4.73
CA SER C 190 -69.41 -18.50 -5.79
C SER C 190 -68.21 -17.73 -6.31
N TYR C 191 -67.13 -18.45 -6.58
CA TYR C 191 -65.93 -17.90 -7.21
C TYR C 191 -65.39 -18.93 -8.18
N THR C 192 -64.25 -18.60 -8.80
CA THR C 192 -63.63 -19.45 -9.81
C THR C 192 -62.19 -19.01 -9.96
N CYS C 193 -61.38 -19.85 -10.60
CA CYS C 193 -60.04 -19.47 -11.09
C CYS C 193 -59.80 -20.21 -12.40
N GLU C 194 -60.05 -19.51 -13.51
CA GLU C 194 -60.05 -20.08 -14.85
C GLU C 194 -58.61 -20.22 -15.35
N ALA C 195 -58.18 -21.45 -15.56
CA ALA C 195 -56.83 -21.75 -16.05
C ALA C 195 -56.86 -21.86 -17.58
N THR C 196 -56.16 -20.95 -18.25
CA THR C 196 -56.08 -20.94 -19.71
C THR C 196 -54.64 -21.19 -20.14
N HIS C 197 -54.45 -22.15 -21.03
CA HIS C 197 -53.11 -22.52 -21.49
C HIS C 197 -53.16 -22.86 -22.98
N LYS C 198 -51.98 -22.98 -23.58
CA LYS C 198 -51.82 -23.38 -24.97
C LYS C 198 -52.39 -24.77 -25.26
N THR C 199 -52.61 -25.58 -24.22
CA THR C 199 -53.03 -26.96 -24.43
C THR C 199 -54.24 -27.05 -25.36
N SER C 200 -55.20 -26.16 -25.18
CA SER C 200 -56.35 -26.08 -26.08
C SER C 200 -57.07 -24.76 -25.85
N THR C 201 -58.09 -24.53 -26.66
CA THR C 201 -58.97 -23.38 -26.45
C THR C 201 -59.91 -23.59 -25.28
N SER C 202 -60.00 -24.82 -24.79
CA SER C 202 -60.87 -25.13 -23.66
C SER C 202 -60.12 -24.90 -22.34
N PRO C 203 -60.49 -23.89 -21.56
CA PRO C 203 -59.81 -23.67 -20.28
C PRO C 203 -60.32 -24.64 -19.22
N ILE C 204 -59.38 -25.28 -18.50
CA ILE C 204 -59.75 -26.19 -17.44
C ILE C 204 -60.12 -25.38 -16.20
N VAL C 205 -61.26 -25.72 -15.60
CA VAL C 205 -61.88 -24.92 -14.55
C VAL C 205 -62.19 -25.78 -13.35
N LYS C 206 -62.19 -25.15 -12.16
CA LYS C 206 -62.68 -25.75 -10.92
C LYS C 206 -63.43 -24.64 -10.20
N SER C 207 -64.74 -24.56 -10.44
CA SER C 207 -65.57 -23.48 -9.92
C SER C 207 -66.30 -23.95 -8.67
N PHE C 208 -66.10 -23.24 -7.56
CA PHE C 208 -66.72 -23.60 -6.29
C PHE C 208 -67.78 -22.56 -5.94
N ASN C 209 -68.97 -23.03 -5.53
CA ASN C 209 -70.06 -22.16 -5.13
C ASN C 209 -70.57 -22.48 -3.73
N ARG C 210 -69.83 -23.27 -2.95
CA ARG C 210 -70.21 -23.65 -1.59
C ARG C 210 -70.66 -22.45 -0.77
N VAL D 2 -9.81 -23.89 0.74
CA VAL D 2 -10.32 -23.25 -0.45
C VAL D 2 -11.80 -22.95 -0.21
N LYS D 3 -12.15 -22.74 1.06
CA LYS D 3 -13.53 -22.53 1.47
C LYS D 3 -13.66 -21.16 2.09
N LEU D 4 -14.73 -20.45 1.73
CA LEU D 4 -14.98 -19.12 2.24
C LEU D 4 -16.23 -19.13 3.10
N LEU D 5 -16.56 -17.95 3.64
CA LEU D 5 -17.78 -17.75 4.39
C LEU D 5 -18.02 -16.27 4.54
N GLU D 6 -19.22 -15.91 4.94
CA GLU D 6 -19.57 -14.52 5.16
C GLU D 6 -20.27 -14.38 6.50
N SER D 7 -20.41 -13.13 6.93
CA SER D 7 -21.20 -12.79 8.09
C SER D 7 -21.55 -11.32 8.02
N GLY D 8 -22.58 -10.93 8.75
CA GLY D 8 -23.07 -9.56 8.75
C GLY D 8 -24.38 -9.37 8.04
N GLY D 9 -24.86 -10.37 7.32
CA GLY D 9 -26.15 -10.26 6.67
C GLY D 9 -27.27 -10.15 7.67
N GLY D 10 -28.20 -9.24 7.42
CA GLY D 10 -29.29 -9.01 8.34
C GLY D 10 -30.21 -7.90 7.89
N LEU D 11 -30.52 -6.98 8.79
CA LEU D 11 -31.44 -5.89 8.51
C LEU D 11 -30.81 -4.57 8.88
N VAL D 12 -30.99 -3.58 8.01
CA VAL D 12 -30.54 -2.22 8.28
C VAL D 12 -31.60 -1.26 7.76
N GLN D 13 -31.58 -0.06 8.30
CA GLN D 13 -32.50 0.99 7.90
C GLN D 13 -31.84 1.94 6.92
N PRO D 14 -32.63 2.65 6.11
CA PRO D 14 -32.04 3.61 5.18
C PRO D 14 -31.11 4.57 5.88
N GLY D 15 -30.04 4.94 5.18
CA GLY D 15 -29.01 5.79 5.74
C GLY D 15 -28.06 5.10 6.70
N GLY D 16 -28.33 3.86 7.07
CA GLY D 16 -27.49 3.16 8.03
C GLY D 16 -26.12 2.77 7.51
N SER D 17 -25.51 1.79 8.16
CA SER D 17 -24.17 1.34 7.79
C SER D 17 -23.96 -0.06 8.30
N LEU D 18 -23.13 -0.83 7.59
CA LEU D 18 -22.98 -2.24 7.92
C LEU D 18 -21.59 -2.71 7.50
N LYS D 19 -21.12 -3.77 8.14
CA LYS D 19 -19.78 -4.30 7.96
C LYS D 19 -19.87 -5.79 7.64
N LEU D 20 -19.81 -6.14 6.36
CA LEU D 20 -19.80 -7.54 5.96
C LEU D 20 -18.40 -8.12 6.14
N SER D 21 -18.32 -9.32 6.67
CA SER D 21 -17.05 -9.98 6.95
C SER D 21 -16.98 -11.29 6.17
N CYS D 22 -16.19 -11.31 5.11
CA CYS D 22 -15.96 -12.52 4.33
C CYS D 22 -14.66 -13.14 4.81
N ALA D 23 -14.76 -14.30 5.45
CA ALA D 23 -13.60 -15.03 5.93
C ALA D 23 -13.22 -16.11 4.95
N ALA D 24 -11.95 -16.54 5.02
CA ALA D 24 -11.41 -17.51 4.09
C ALA D 24 -10.63 -18.58 4.85
N SER D 25 -10.39 -19.69 4.18
CA SER D 25 -9.65 -20.77 4.81
C SER D 25 -9.17 -21.73 3.73
N GLY D 26 -7.95 -22.24 3.91
CA GLY D 26 -7.43 -23.29 3.07
C GLY D 26 -6.42 -22.88 2.02
N PHE D 27 -5.88 -21.66 2.12
CA PHE D 27 -4.89 -21.22 1.15
C PHE D 27 -4.23 -19.95 1.68
N ASP D 28 -3.21 -19.50 0.94
CA ASP D 28 -2.44 -18.31 1.29
C ASP D 28 -3.29 -17.09 0.98
N PHE D 29 -4.07 -16.67 1.96
CA PHE D 29 -4.96 -15.53 1.75
C PHE D 29 -4.19 -14.23 1.60
N SER D 30 -2.92 -14.18 1.99
CA SER D 30 -2.14 -12.96 1.88
C SER D 30 -1.36 -12.89 0.59
N ARG D 31 -1.86 -13.51 -0.48
CA ARG D 31 -1.12 -13.45 -1.74
C ARG D 31 -2.03 -13.15 -2.92
N TYR D 32 -3.33 -13.39 -2.77
CA TYR D 32 -4.26 -13.27 -3.88
C TYR D 32 -5.06 -12.00 -3.78
N TRP D 33 -5.39 -11.42 -4.93
CA TRP D 33 -6.33 -10.32 -4.93
C TRP D 33 -7.69 -10.81 -4.46
N MET D 34 -8.61 -9.88 -4.25
CA MET D 34 -9.98 -10.27 -3.93
C MET D 34 -10.93 -9.26 -4.55
N SER D 35 -12.19 -9.67 -4.65
CA SER D 35 -13.18 -8.75 -5.20
C SER D 35 -14.56 -9.10 -4.65
N TRP D 36 -15.50 -8.19 -4.88
CA TRP D 36 -16.88 -8.37 -4.45
C TRP D 36 -17.81 -8.10 -5.62
N VAL D 37 -18.83 -8.94 -5.75
CA VAL D 37 -19.85 -8.73 -6.77
C VAL D 37 -21.21 -9.01 -6.17
N ARG D 38 -22.23 -8.37 -6.71
CA ARG D 38 -23.54 -8.43 -6.12
C ARG D 38 -24.58 -8.83 -7.15
N GLN D 39 -25.63 -9.48 -6.66
CA GLN D 39 -26.73 -9.93 -7.49
C GLN D 39 -28.02 -9.51 -6.82
N ALA D 40 -28.69 -8.52 -7.39
CA ALA D 40 -30.03 -8.18 -6.94
C ALA D 40 -30.96 -9.33 -7.28
N PRO D 41 -31.98 -9.59 -6.45
CA PRO D 41 -32.94 -10.64 -6.77
C PRO D 41 -33.54 -10.40 -8.14
N GLY D 42 -33.38 -11.38 -9.03
CA GLY D 42 -33.74 -11.15 -10.41
C GLY D 42 -32.54 -10.84 -11.28
N LYS D 43 -32.28 -9.55 -11.48
CA LYS D 43 -31.34 -9.04 -12.48
C LYS D 43 -29.95 -9.67 -12.39
N GLY D 44 -29.16 -9.52 -13.45
CA GLY D 44 -27.88 -10.17 -13.58
C GLY D 44 -26.85 -9.63 -12.61
N LEU D 45 -25.64 -10.15 -12.75
CA LEU D 45 -24.56 -9.85 -11.83
C LEU D 45 -24.12 -8.40 -11.99
N GLU D 46 -23.28 -7.96 -11.04
CA GLU D 46 -22.79 -6.59 -11.02
C GLU D 46 -21.48 -6.54 -10.26
N TRP D 47 -20.52 -5.82 -10.82
CA TRP D 47 -19.20 -5.71 -10.24
C TRP D 47 -19.15 -4.57 -9.23
N ILE D 48 -18.47 -4.80 -8.11
CA ILE D 48 -18.27 -3.75 -7.12
C ILE D 48 -16.88 -3.16 -7.26
N GLY D 49 -15.86 -3.98 -7.14
CA GLY D 49 -14.51 -3.49 -7.24
C GLY D 49 -13.52 -4.60 -6.97
N GLN D 50 -12.31 -4.20 -6.59
CA GLN D 50 -11.27 -5.17 -6.31
C GLN D 50 -10.20 -4.53 -5.46
N ILE D 51 -9.57 -5.35 -4.63
CA ILE D 51 -8.54 -4.89 -3.70
C ILE D 51 -7.38 -5.86 -3.73
N ASN D 52 -6.17 -5.33 -3.86
CA ASN D 52 -4.96 -6.12 -3.94
C ASN D 52 -4.52 -6.48 -2.51
N PRO D 53 -3.43 -7.23 -2.33
CA PRO D 53 -3.06 -7.60 -0.96
C PRO D 53 -2.48 -6.46 -0.16
N HIS D 54 -1.60 -5.66 -0.74
CA HIS D 54 -0.98 -4.60 0.01
C HIS D 54 -1.92 -3.45 0.36
N SER D 55 -3.16 -3.50 -0.09
CA SER D 55 -4.07 -2.36 -0.03
C SER D 55 -3.54 -1.17 -0.81
N SER D 56 -2.46 -1.37 -1.58
CA SER D 56 -1.85 -0.27 -2.33
C SER D 56 -2.85 0.42 -3.22
N THR D 57 -3.37 -0.30 -4.20
CA THR D 57 -4.35 0.22 -5.13
C THR D 57 -5.67 -0.51 -4.92
N ILE D 58 -6.76 0.21 -5.11
CA ILE D 58 -8.11 -0.33 -4.93
C ILE D 58 -8.97 0.28 -6.01
N ASN D 59 -9.61 -0.56 -6.81
CA ASN D 59 -10.38 -0.07 -7.94
C ASN D 59 -11.86 -0.24 -7.63
N TYR D 60 -12.61 0.85 -7.72
CA TYR D 60 -14.05 0.84 -7.55
C TYR D 60 -14.72 1.12 -8.88
N THR D 61 -15.96 0.67 -9.00
CA THR D 61 -16.79 1.12 -10.10
C THR D 61 -16.99 2.63 -9.97
N PRO D 62 -17.11 3.35 -11.08
CA PRO D 62 -17.21 4.80 -11.00
C PRO D 62 -18.34 5.27 -10.11
N SER D 63 -19.57 4.83 -10.39
CA SER D 63 -20.66 5.15 -9.51
C SER D 63 -20.47 4.50 -8.15
N LEU D 64 -21.28 4.94 -7.19
CA LEU D 64 -21.37 4.33 -5.86
C LEU D 64 -20.01 4.04 -5.23
N ARG D 65 -19.00 4.84 -5.58
CA ARG D 65 -17.72 4.71 -4.91
C ARG D 65 -17.81 5.22 -3.48
N ASP D 66 -18.34 6.42 -3.32
CA ASP D 66 -18.41 7.11 -2.03
C ASP D 66 -19.27 6.40 -0.99
N LYS D 67 -19.88 5.26 -1.31
CA LYS D 67 -20.69 4.54 -0.34
C LYS D 67 -20.07 3.23 0.12
N PHE D 68 -18.98 2.80 -0.50
CA PHE D 68 -18.37 1.51 -0.18
C PHE D 68 -16.92 1.69 0.19
N ILE D 69 -16.50 0.95 1.23
CA ILE D 69 -15.12 0.97 1.70
C ILE D 69 -14.67 -0.48 1.83
N ILE D 70 -13.77 -0.90 0.96
CA ILE D 70 -13.24 -2.26 1.00
C ILE D 70 -11.92 -2.24 1.74
N SER D 71 -11.67 -3.29 2.53
CA SER D 71 -10.39 -3.45 3.18
C SER D 71 -10.25 -4.89 3.62
N ARG D 72 -9.13 -5.20 4.25
CA ARG D 72 -8.84 -6.58 4.62
C ARG D 72 -7.98 -6.61 5.86
N ASP D 73 -7.63 -7.83 6.29
CA ASP D 73 -6.67 -8.01 7.36
C ASP D 73 -5.96 -9.33 7.15
N ASN D 74 -4.65 -9.27 6.94
CA ASN D 74 -3.88 -10.48 6.71
C ASN D 74 -3.70 -11.28 7.98
N ALA D 75 -3.54 -10.60 9.12
CA ALA D 75 -3.28 -11.30 10.37
C ALA D 75 -4.45 -12.20 10.73
N LYS D 76 -5.61 -11.61 11.00
CA LYS D 76 -6.79 -12.41 11.29
C LYS D 76 -7.31 -13.14 10.07
N ASN D 77 -6.74 -12.88 8.89
CA ASN D 77 -7.04 -13.64 7.69
C ASN D 77 -8.51 -13.50 7.29
N THR D 78 -8.95 -12.25 7.14
CA THR D 78 -10.34 -11.99 6.78
C THR D 78 -10.42 -10.80 5.85
N LEU D 79 -11.62 -10.53 5.35
CA LEU D 79 -11.87 -9.41 4.46
C LEU D 79 -13.10 -8.67 4.93
N TYR D 80 -13.06 -7.34 4.87
CA TYR D 80 -14.16 -6.52 5.31
C TYR D 80 -14.67 -5.64 4.18
N LEU D 81 -15.99 -5.59 4.05
CA LEU D 81 -16.66 -4.61 3.21
C LEU D 81 -17.50 -3.72 4.10
N GLN D 82 -17.52 -2.43 3.80
CA GLN D 82 -18.18 -1.45 4.65
C GLN D 82 -19.14 -0.63 3.81
N MET D 83 -20.42 -0.67 4.19
CA MET D 83 -21.45 0.15 3.56
C MET D 83 -21.80 1.30 4.47
N THR D 84 -21.88 2.50 3.89
CA THR D 84 -22.31 3.69 4.61
C THR D 84 -23.48 4.31 3.87
N LYS D 85 -24.30 5.03 4.61
CA LYS D 85 -25.50 5.71 4.09
C LYS D 85 -26.25 4.83 3.10
N VAL D 86 -26.47 3.58 3.51
CA VAL D 86 -27.15 2.61 2.66
C VAL D 86 -28.53 3.13 2.30
N ARG D 87 -28.92 2.94 1.05
CA ARG D 87 -30.23 3.31 0.57
C ARG D 87 -31.13 2.07 0.49
N SER D 88 -32.30 2.23 -0.11
CA SER D 88 -33.24 1.12 -0.19
C SER D 88 -32.99 0.23 -1.39
N GLU D 89 -32.44 0.78 -2.46
CA GLU D 89 -32.23 0.04 -3.69
C GLU D 89 -31.06 -0.93 -3.62
N ASP D 90 -30.24 -0.86 -2.57
CA ASP D 90 -28.99 -1.60 -2.49
C ASP D 90 -29.12 -2.88 -1.68
N THR D 91 -30.25 -3.57 -1.80
CA THR D 91 -30.42 -4.89 -1.21
C THR D 91 -30.16 -5.96 -2.26
N ALA D 92 -29.40 -6.98 -1.89
CA ALA D 92 -29.01 -8.01 -2.84
C ALA D 92 -28.27 -9.12 -2.11
N LEU D 93 -27.74 -10.06 -2.89
CA LEU D 93 -26.72 -10.97 -2.41
C LEU D 93 -25.34 -10.40 -2.72
N TYR D 94 -24.40 -10.66 -1.81
CA TYR D 94 -23.04 -10.15 -1.89
C TYR D 94 -22.07 -11.32 -1.82
N TYR D 95 -21.22 -11.45 -2.84
CA TYR D 95 -20.26 -12.54 -2.93
C TYR D 95 -18.85 -11.99 -2.96
N CYS D 96 -17.92 -12.76 -2.39
CA CYS D 96 -16.51 -12.40 -2.32
C CYS D 96 -15.70 -13.43 -3.11
N ALA D 97 -15.13 -13.02 -4.22
CA ALA D 97 -14.43 -13.90 -5.13
C ALA D 97 -12.93 -13.81 -4.96
N ARG D 98 -12.25 -14.92 -5.25
CA ARG D 98 -10.79 -15.02 -5.14
C ARG D 98 -10.17 -14.84 -6.51
N LEU D 99 -10.10 -13.59 -6.94
CA LEU D 99 -9.67 -13.27 -8.30
C LEU D 99 -8.26 -13.80 -8.56
N LEU D 100 -7.92 -13.97 -9.84
CA LEU D 100 -6.70 -14.64 -10.26
C LEU D 100 -5.81 -13.67 -11.04
N ARG D 101 -4.56 -14.08 -11.25
CA ARG D 101 -3.53 -13.11 -11.59
C ARG D 101 -3.48 -12.74 -13.07
N TYR D 102 -3.15 -13.69 -13.95
CA TYR D 102 -2.91 -13.32 -15.34
C TYR D 102 -4.21 -13.20 -16.10
N PHE D 103 -4.92 -14.32 -16.26
CA PHE D 103 -6.30 -14.29 -16.73
C PHE D 103 -7.18 -13.98 -15.53
N TYR D 104 -7.94 -12.90 -15.62
CA TYR D 104 -8.50 -12.30 -14.41
C TYR D 104 -9.37 -13.30 -13.66
N ALA D 105 -10.47 -13.72 -14.27
CA ALA D 105 -11.04 -15.04 -14.02
C ALA D 105 -11.38 -15.26 -12.53
N LEU D 106 -12.38 -14.52 -12.06
CA LEU D 106 -12.87 -14.76 -10.72
C LEU D 106 -13.27 -16.21 -10.57
N ASP D 107 -12.52 -17.01 -9.83
CA ASP D 107 -12.70 -18.44 -9.91
C ASP D 107 -13.48 -19.04 -8.75
N TYR D 108 -13.09 -18.75 -7.52
CA TYR D 108 -13.69 -19.38 -6.36
C TYR D 108 -14.57 -18.37 -5.65
N TRP D 109 -15.84 -18.72 -5.48
CA TRP D 109 -16.81 -17.85 -4.86
C TRP D 109 -17.22 -18.43 -3.51
N GLY D 110 -17.73 -17.55 -2.66
CA GLY D 110 -18.05 -17.94 -1.31
C GLY D 110 -19.39 -18.64 -1.26
N GLN D 111 -20.24 -18.23 -0.34
CA GLN D 111 -21.57 -18.82 -0.22
C GLN D 111 -22.68 -17.82 -0.50
N GLY D 112 -22.60 -16.64 0.09
CA GLY D 112 -23.61 -15.62 -0.13
C GLY D 112 -23.95 -14.84 1.11
N ALA D 113 -23.98 -13.52 0.99
CA ALA D 113 -24.41 -12.65 2.07
C ALA D 113 -25.69 -11.95 1.64
N SER D 114 -26.76 -12.19 2.37
CA SER D 114 -28.06 -11.59 2.04
C SER D 114 -28.22 -10.29 2.82
N VAL D 115 -28.39 -9.18 2.11
CA VAL D 115 -28.53 -7.87 2.73
C VAL D 115 -29.83 -7.25 2.26
N THR D 116 -30.66 -6.84 3.22
CA THR D 116 -31.97 -6.28 2.94
C THR D 116 -32.25 -5.10 3.85
N VAL D 117 -32.61 -3.98 3.26
CA VAL D 117 -33.04 -2.82 4.01
C VAL D 117 -34.47 -3.03 4.46
N SER D 118 -34.83 -2.46 5.61
CA SER D 118 -36.15 -2.69 6.16
C SER D 118 -36.52 -1.56 7.12
N SER D 119 -37.81 -1.44 7.38
CA SER D 119 -38.32 -0.51 8.38
C SER D 119 -38.97 -1.24 9.54
N ALA D 120 -39.95 -2.10 9.29
CA ALA D 120 -40.66 -2.79 10.37
C ALA D 120 -39.82 -3.94 10.89
N LYS D 121 -40.02 -4.25 12.16
CA LYS D 121 -39.29 -5.35 12.78
C LYS D 121 -39.99 -6.68 12.47
N THR D 122 -39.25 -7.76 12.68
CA THR D 122 -39.73 -9.08 12.30
C THR D 122 -41.00 -9.45 13.05
N THR D 123 -41.87 -10.19 12.37
CA THR D 123 -43.12 -10.67 12.92
C THR D 123 -43.29 -12.12 12.52
N PRO D 124 -43.95 -12.93 13.35
CA PRO D 124 -44.15 -14.34 13.03
C PRO D 124 -45.25 -14.50 12.00
N PRO D 125 -45.22 -15.59 11.23
CA PRO D 125 -46.30 -15.82 10.27
C PRO D 125 -47.61 -16.15 10.96
N SER D 126 -48.69 -15.76 10.30
CA SER D 126 -50.04 -16.17 10.71
C SER D 126 -50.42 -17.36 9.83
N VAL D 127 -49.95 -18.54 10.24
CA VAL D 127 -50.09 -19.74 9.43
C VAL D 127 -51.55 -20.14 9.38
N TYR D 128 -51.97 -20.71 8.26
CA TYR D 128 -53.32 -21.23 8.08
C TYR D 128 -53.23 -22.54 7.30
N PRO D 129 -54.20 -23.42 7.49
CA PRO D 129 -54.25 -24.65 6.67
C PRO D 129 -54.99 -24.39 5.37
N LEU D 130 -54.84 -25.31 4.44
CA LEU D 130 -55.58 -25.25 3.18
C LEU D 130 -56.76 -26.22 3.27
N ALA D 131 -57.92 -25.68 3.62
CA ALA D 131 -59.13 -26.48 3.75
C ALA D 131 -59.59 -26.96 2.38
N PRO D 132 -59.61 -28.27 2.11
CA PRO D 132 -59.99 -28.74 0.77
C PRO D 132 -61.46 -28.53 0.48
N GLY D 133 -61.77 -27.51 -0.31
CA GLY D 133 -63.15 -27.21 -0.63
C GLY D 133 -63.61 -27.93 -1.89
N ARG D 134 -63.45 -29.24 -1.90
CA ARG D 134 -63.96 -30.09 -2.96
C ARG D 134 -65.30 -30.73 -2.61
N ALA D 135 -65.98 -31.20 -3.66
CA ALA D 135 -67.42 -31.42 -3.69
C ALA D 135 -67.67 -32.57 -4.67
N ALA D 136 -68.87 -32.60 -5.25
CA ALA D 136 -69.25 -33.66 -6.19
C ALA D 136 -68.37 -33.54 -7.43
N ALA D 137 -67.14 -34.04 -7.29
CA ALA D 137 -66.15 -34.09 -8.35
C ALA D 137 -65.52 -35.48 -8.35
N ALA D 138 -64.65 -35.73 -9.34
CA ALA D 138 -64.04 -37.04 -9.52
C ALA D 138 -62.55 -37.06 -9.21
N ALA D 139 -62.07 -36.15 -8.37
CA ALA D 139 -60.65 -36.15 -8.02
C ALA D 139 -60.33 -37.30 -7.07
N SER D 140 -59.77 -38.37 -7.61
CA SER D 140 -59.34 -39.51 -6.80
C SER D 140 -58.33 -39.06 -5.77
N MET D 141 -57.19 -38.59 -6.23
CA MET D 141 -56.18 -38.06 -5.33
C MET D 141 -56.59 -36.69 -4.82
N VAL D 142 -55.75 -36.14 -3.94
CA VAL D 142 -55.96 -34.81 -3.40
C VAL D 142 -54.60 -34.14 -3.27
N THR D 143 -54.47 -32.96 -3.85
CA THR D 143 -53.25 -32.17 -3.78
C THR D 143 -53.54 -30.94 -2.93
N LEU D 144 -53.03 -30.93 -1.71
CA LEU D 144 -53.39 -29.88 -0.76
C LEU D 144 -52.18 -29.53 0.09
N GLY D 145 -52.36 -28.56 0.99
CA GLY D 145 -51.25 -28.14 1.81
C GLY D 145 -51.49 -27.04 2.83
N CYS D 146 -50.55 -26.08 2.86
CA CYS D 146 -50.37 -25.21 4.00
C CYS D 146 -50.06 -23.80 3.50
N LEU D 147 -50.86 -22.83 3.94
CA LEU D 147 -50.65 -21.43 3.56
C LEU D 147 -49.93 -20.74 4.71
N VAL D 148 -48.83 -20.05 4.40
CA VAL D 148 -48.02 -19.37 5.40
C VAL D 148 -47.92 -17.92 4.95
N LYS D 149 -48.73 -17.05 5.55
CA LYS D 149 -48.81 -15.66 5.13
C LYS D 149 -48.49 -14.74 6.30
N GLY D 150 -48.04 -13.53 5.97
CA GLY D 150 -47.81 -12.52 6.97
C GLY D 150 -46.63 -12.81 7.89
N TYR D 151 -45.43 -12.84 7.32
CA TYR D 151 -44.22 -12.98 8.12
C TYR D 151 -43.15 -12.06 7.55
N PHE D 152 -42.05 -11.96 8.30
CA PHE D 152 -40.92 -11.10 7.95
C PHE D 152 -39.73 -11.42 8.84
N PRO D 153 -38.52 -11.52 8.28
CA PRO D 153 -38.17 -11.58 6.87
C PRO D 153 -37.86 -13.01 6.41
N GLU D 154 -37.38 -13.15 5.18
CA GLU D 154 -36.90 -14.43 4.69
C GLU D 154 -35.80 -14.98 5.60
N PRO D 155 -35.58 -16.30 5.59
CA PRO D 155 -36.38 -17.30 4.88
C PRO D 155 -37.25 -18.09 5.84
N VAL D 156 -37.96 -19.07 5.28
CA VAL D 156 -38.72 -20.04 6.06
C VAL D 156 -38.33 -21.43 5.59
N THR D 157 -38.41 -22.39 6.51
CA THR D 157 -38.29 -23.80 6.14
C THR D 157 -39.64 -24.45 6.38
N VAL D 158 -40.34 -24.78 5.29
CA VAL D 158 -41.57 -25.56 5.35
C VAL D 158 -41.30 -26.93 4.78
N THR D 159 -41.86 -27.95 5.43
CA THR D 159 -41.69 -29.34 5.02
C THR D 159 -42.87 -30.13 5.59
N TRP D 160 -42.78 -31.46 5.55
CA TRP D 160 -43.81 -32.32 6.10
C TRP D 160 -43.14 -33.53 6.73
N ASN D 161 -43.52 -33.84 7.97
CA ASN D 161 -42.91 -34.93 8.73
C ASN D 161 -41.40 -34.74 8.85
N SER D 162 -40.98 -33.47 8.90
CA SER D 162 -39.62 -33.07 9.21
C SER D 162 -38.60 -33.70 8.24
N GLY D 163 -38.72 -33.31 6.97
CA GLY D 163 -37.74 -33.71 5.97
C GLY D 163 -37.68 -35.19 5.73
N SER D 164 -38.82 -35.88 5.80
CA SER D 164 -38.87 -37.32 5.58
C SER D 164 -40.00 -37.71 4.64
N LEU D 165 -40.41 -36.81 3.74
CA LEU D 165 -41.49 -37.09 2.80
C LEU D 165 -41.25 -36.26 1.55
N ALA D 166 -41.10 -36.93 0.40
CA ALA D 166 -40.90 -36.25 -0.87
C ALA D 166 -41.88 -36.75 -1.92
N ALA D 167 -43.06 -37.21 -1.50
CA ALA D 167 -44.06 -37.75 -2.41
C ALA D 167 -44.81 -36.60 -3.08
N GLY D 168 -44.10 -35.90 -3.96
CA GLY D 168 -44.68 -34.82 -4.71
C GLY D 168 -45.04 -33.61 -3.86
N VAL D 169 -44.02 -32.94 -3.33
CA VAL D 169 -44.20 -31.73 -2.52
C VAL D 169 -43.70 -30.52 -3.30
N HIS D 170 -44.47 -29.45 -3.26
CA HIS D 170 -44.15 -28.21 -3.96
C HIS D 170 -44.13 -27.06 -2.96
N THR D 171 -43.07 -26.26 -3.03
CA THR D 171 -42.88 -25.08 -2.18
C THR D 171 -42.65 -23.88 -3.07
N PHE D 172 -43.58 -22.92 -3.02
CA PHE D 172 -43.58 -21.83 -3.98
C PHE D 172 -42.90 -20.62 -3.38
N PRO D 173 -41.87 -20.06 -4.03
CA PRO D 173 -41.08 -19.00 -3.40
C PRO D 173 -41.91 -17.79 -3.06
N ALA D 174 -41.43 -17.04 -2.05
CA ALA D 174 -42.20 -15.97 -1.46
C ALA D 174 -42.31 -14.77 -2.41
N VAL D 175 -43.06 -13.77 -1.97
CA VAL D 175 -43.22 -12.51 -2.69
C VAL D 175 -43.87 -11.51 -1.75
N LEU D 176 -43.46 -10.24 -1.84
CA LEU D 176 -43.95 -9.21 -0.94
C LEU D 176 -44.74 -8.16 -1.71
N GLN D 177 -45.72 -7.55 -1.04
CA GLN D 177 -46.35 -6.33 -1.52
C GLN D 177 -46.37 -5.28 -0.40
N ALA D 178 -45.21 -4.65 -0.20
CA ALA D 178 -45.03 -3.49 0.68
C ALA D 178 -45.26 -3.78 2.15
N ALA D 179 -45.74 -4.97 2.50
CA ALA D 179 -46.00 -5.27 3.91
C ALA D 179 -45.17 -6.43 4.44
N LEU D 180 -45.33 -7.63 3.90
CA LEU D 180 -44.73 -8.82 4.49
C LEU D 180 -44.65 -9.90 3.42
N TYR D 181 -44.28 -11.10 3.84
CA TYR D 181 -44.02 -12.22 2.94
C TYR D 181 -45.14 -13.24 3.00
N THR D 182 -45.33 -13.93 1.88
CA THR D 182 -46.32 -14.99 1.73
C THR D 182 -45.69 -16.19 1.06
N LEU D 183 -46.23 -17.38 1.33
CA LEU D 183 -45.84 -18.57 0.59
C LEU D 183 -46.91 -19.63 0.79
N SER D 184 -47.01 -20.51 -0.20
CA SER D 184 -47.97 -21.60 -0.21
C SER D 184 -47.25 -22.93 -0.02
N SER D 185 -48.04 -24.00 0.05
CA SER D 185 -47.49 -25.36 0.08
C SER D 185 -48.43 -26.30 -0.63
N SER D 186 -47.86 -27.27 -1.34
CA SER D 186 -48.63 -28.26 -2.06
C SER D 186 -48.02 -29.64 -1.86
N VAL D 187 -48.87 -30.66 -1.85
CA VAL D 187 -48.39 -32.03 -1.83
C VAL D 187 -49.49 -32.93 -2.36
N THR D 188 -49.08 -33.95 -3.11
CA THR D 188 -50.00 -34.94 -3.65
C THR D 188 -50.17 -36.07 -2.64
N VAL D 189 -51.39 -36.57 -2.52
CA VAL D 189 -51.66 -37.70 -1.64
C VAL D 189 -52.82 -38.51 -2.24
N PRO D 190 -52.72 -39.84 -2.26
CA PRO D 190 -53.86 -40.64 -2.74
C PRO D 190 -54.98 -40.68 -1.72
N SER D 191 -56.18 -40.96 -2.22
CA SER D 191 -57.34 -41.05 -1.33
C SER D 191 -57.19 -42.16 -0.30
N SER D 192 -56.37 -43.17 -0.59
CA SER D 192 -56.13 -44.24 0.37
C SER D 192 -55.24 -43.81 1.53
N SER D 193 -54.49 -42.71 1.38
CA SER D 193 -53.58 -42.26 2.43
C SER D 193 -54.07 -41.02 3.18
N TRP D 194 -55.32 -40.62 3.00
CA TRP D 194 -55.88 -39.48 3.71
C TRP D 194 -57.39 -39.52 3.61
N PRO D 195 -58.13 -39.26 4.70
CA PRO D 195 -57.62 -38.90 6.03
C PRO D 195 -57.25 -40.09 6.91
N SER D 196 -56.69 -41.14 6.31
CA SER D 196 -56.27 -42.32 7.08
C SER D 196 -54.99 -42.03 7.86
N GLU D 197 -53.92 -41.72 7.16
CA GLU D 197 -52.63 -41.38 7.76
C GLU D 197 -52.36 -39.90 7.48
N THR D 198 -52.76 -39.05 8.43
CA THR D 198 -52.70 -37.61 8.26
C THR D 198 -51.26 -37.14 8.13
N VAL D 199 -51.13 -35.91 7.62
CA VAL D 199 -49.85 -35.31 7.25
C VAL D 199 -49.71 -33.97 7.96
N THR D 200 -48.46 -33.58 8.23
CA THR D 200 -48.14 -32.45 9.10
C THR D 200 -47.35 -31.39 8.35
N CYS D 201 -47.85 -30.15 8.42
CA CYS D 201 -47.19 -28.98 7.85
C CYS D 201 -46.21 -28.42 8.86
N ASN D 202 -44.91 -28.56 8.58
CA ASN D 202 -43.86 -28.08 9.46
C ASN D 202 -43.41 -26.70 8.95
N VAL D 203 -43.56 -25.69 9.79
CA VAL D 203 -43.17 -24.32 9.46
C VAL D 203 -42.10 -23.87 10.44
N ALA D 204 -41.06 -23.24 9.90
CA ALA D 204 -39.86 -22.92 10.67
C ALA D 204 -39.42 -21.50 10.34
N HIS D 205 -39.58 -20.59 11.30
CA HIS D 205 -39.11 -19.21 11.19
C HIS D 205 -37.85 -19.08 12.04
N PRO D 206 -36.66 -18.98 11.45
CA PRO D 206 -35.43 -18.97 12.23
C PRO D 206 -35.22 -17.72 13.09
N ALA D 207 -35.34 -16.54 12.47
CA ALA D 207 -35.01 -15.31 13.15
C ALA D 207 -35.87 -15.10 14.38
N SER D 208 -37.19 -15.07 14.20
CA SER D 208 -38.09 -15.04 15.34
C SER D 208 -38.10 -16.35 16.11
N SER D 209 -37.49 -17.40 15.55
CA SER D 209 -37.40 -18.71 16.20
C SER D 209 -38.78 -19.21 16.59
N THR D 210 -39.73 -19.11 15.66
CA THR D 210 -41.07 -19.65 15.84
C THR D 210 -41.15 -20.93 15.02
N LYS D 211 -41.40 -22.05 15.69
CA LYS D 211 -41.14 -23.35 15.07
C LYS D 211 -42.42 -24.17 15.30
N VAL D 212 -43.38 -24.03 14.38
CA VAL D 212 -44.74 -24.50 14.61
C VAL D 212 -45.18 -25.47 13.53
N ASP D 213 -46.30 -26.15 13.80
CA ASP D 213 -46.83 -27.19 12.94
C ASP D 213 -48.32 -26.98 12.71
N LYS D 214 -48.79 -27.51 11.58
CA LYS D 214 -50.20 -27.48 11.19
C LYS D 214 -50.61 -28.91 10.88
N LYS D 215 -51.54 -29.46 11.67
CA LYS D 215 -51.98 -30.85 11.51
C LYS D 215 -53.41 -30.80 11.03
N ILE D 216 -53.58 -30.91 9.73
CA ILE D 216 -54.78 -30.46 9.06
C ILE D 216 -55.83 -31.57 9.01
N VAL D 217 -57.09 -31.16 8.91
CA VAL D 217 -58.22 -32.07 8.90
C VAL D 217 -59.23 -31.56 7.88
N PRO D 218 -59.95 -32.44 7.16
CA PRO D 218 -60.91 -31.95 6.17
C PRO D 218 -62.12 -31.30 6.82
N ARG D 219 -62.37 -30.05 6.42
CA ARG D 219 -63.47 -29.28 6.98
C ARG D 219 -64.80 -29.91 6.58
N ALA D 220 -65.85 -29.56 7.31
CA ALA D 220 -67.19 -30.09 7.10
C ALA D 220 -68.14 -29.09 6.45
N ALA D 221 -67.62 -28.00 5.88
CA ALA D 221 -68.47 -27.01 5.23
C ALA D 221 -67.91 -26.59 3.88
N GLN E 1 7.61 -0.87 23.72
CA GLN E 1 6.74 -0.21 24.68
C GLN E 1 7.56 0.44 25.78
N ILE E 2 8.13 1.59 25.47
CA ILE E 2 8.96 2.32 26.43
C ILE E 2 8.13 3.41 27.07
N VAL E 3 8.27 3.57 28.38
CA VAL E 3 7.63 4.65 29.12
C VAL E 3 8.73 5.58 29.62
N LEU E 4 8.46 6.87 29.57
CA LEU E 4 9.42 7.88 29.99
C LEU E 4 8.93 8.59 31.24
N THR E 5 9.85 9.25 31.93
CA THR E 5 9.54 10.01 33.12
C THR E 5 10.24 11.35 33.05
N GLN E 6 9.49 12.43 33.25
CA GLN E 6 10.04 13.77 33.31
C GLN E 6 10.09 14.24 34.75
N SER E 7 11.20 14.89 35.11
CA SER E 7 11.38 15.33 36.47
C SER E 7 12.17 16.64 36.45
N PRO E 8 11.78 17.63 37.27
CA PRO E 8 10.60 17.57 38.13
C PRO E 8 9.34 17.97 37.39
N ALA E 9 8.18 17.71 37.97
CA ALA E 9 6.92 18.00 37.28
C ALA E 9 6.75 19.48 37.05
N ILE E 10 7.02 20.30 38.06
CA ILE E 10 6.85 21.75 37.95
C ILE E 10 7.99 22.42 38.71
N MET E 11 8.61 23.40 38.08
CA MET E 11 9.73 24.10 38.72
C MET E 11 9.87 25.45 38.06
N SER E 12 10.30 26.42 38.86
CA SER E 12 10.38 27.81 38.44
C SER E 12 11.76 28.37 38.75
N ALA E 13 12.03 29.54 38.20
CA ALA E 13 13.30 30.23 38.41
C ALA E 13 13.12 31.70 38.03
N SER E 14 14.21 32.46 38.12
CA SER E 14 14.19 33.87 37.84
C SER E 14 15.18 34.20 36.74
N PRO E 15 14.91 35.21 35.92
CA PRO E 15 15.78 35.51 34.77
C PRO E 15 17.25 35.60 35.17
N GLY E 16 18.11 35.27 34.22
CA GLY E 16 19.54 35.25 34.46
C GLY E 16 20.08 33.96 35.05
N GLU E 17 19.22 33.06 35.50
CA GLU E 17 19.66 31.82 36.09
C GLU E 17 19.72 30.71 35.04
N LYS E 18 20.38 29.61 35.40
CA LYS E 18 20.43 28.42 34.56
C LYS E 18 19.63 27.30 35.20
N VAL E 19 18.73 26.69 34.42
CA VAL E 19 17.90 25.59 34.88
C VAL E 19 18.16 24.37 34.02
N THR E 20 17.88 23.21 34.59
CA THR E 20 18.04 21.95 33.90
C THR E 20 16.77 21.14 34.06
N ILE E 21 16.47 20.32 33.05
CA ILE E 21 15.28 19.48 33.03
C ILE E 21 15.70 18.11 32.54
N THR E 22 15.38 17.07 33.31
CA THR E 22 15.75 15.71 32.95
C THR E 22 14.53 14.90 32.52
N CYS E 23 14.70 14.12 31.46
CA CYS E 23 13.69 13.19 30.96
C CYS E 23 14.38 11.84 30.89
N SER E 24 14.14 10.99 31.89
CA SER E 24 14.83 9.72 32.00
C SER E 24 14.17 8.69 31.09
N ALA E 25 14.72 7.48 31.09
CA ALA E 25 14.26 6.41 30.21
C ALA E 25 14.13 5.11 30.98
N SER E 26 13.13 4.32 30.61
CA SER E 26 12.92 3.00 31.19
C SER E 26 13.71 1.92 30.48
N SER E 27 14.32 2.24 29.34
CA SER E 27 15.09 1.28 28.58
C SER E 27 16.04 2.07 27.69
N SER E 28 17.01 1.35 27.13
CA SER E 28 17.98 1.98 26.25
C SER E 28 17.28 2.59 25.05
N VAL E 29 17.55 3.87 24.79
CA VAL E 29 17.07 4.56 23.61
C VAL E 29 18.27 5.20 22.92
N SER E 30 18.00 5.95 21.86
CA SER E 30 19.08 6.56 21.11
C SER E 30 18.85 8.02 20.73
N TYR E 31 17.63 8.54 20.82
CA TYR E 31 17.39 9.93 20.51
C TYR E 31 16.16 10.42 21.27
N MET E 32 16.06 11.73 21.43
CA MET E 32 14.90 12.36 22.02
C MET E 32 14.61 13.66 21.29
N HIS E 33 13.40 14.17 21.46
CA HIS E 33 13.01 15.45 20.92
C HIS E 33 12.34 16.26 22.02
N TRP E 34 12.24 17.57 21.80
CA TRP E 34 11.66 18.48 22.79
C TRP E 34 10.67 19.41 22.12
N PHE E 35 9.51 19.59 22.72
CA PHE E 35 8.47 20.47 22.22
C PHE E 35 8.10 21.53 23.24
N GLN E 36 7.51 22.62 22.77
CA GLN E 36 7.19 23.77 23.62
C GLN E 36 5.79 24.26 23.30
N GLN E 37 4.90 24.15 24.27
CA GLN E 37 3.48 24.47 24.07
C GLN E 37 3.07 25.59 25.01
N LYS E 38 3.00 26.80 24.49
CA LYS E 38 2.45 27.86 25.31
C LYS E 38 0.93 27.73 25.35
N PRO E 39 0.31 28.07 26.48
CA PRO E 39 -1.12 27.78 26.66
C PRO E 39 -1.97 28.39 25.56
N GLY E 40 -2.91 27.59 25.06
CA GLY E 40 -3.76 28.02 23.97
C GLY E 40 -3.07 28.02 22.62
N THR E 41 -2.22 27.02 22.34
CA THR E 41 -1.45 27.02 21.11
C THR E 41 -0.97 25.61 20.82
N SER E 42 -0.96 25.27 19.55
CA SER E 42 -0.42 23.98 19.12
C SER E 42 1.07 23.90 19.43
N PRO E 43 1.57 22.74 19.84
CA PRO E 43 2.99 22.63 20.18
C PRO E 43 3.88 22.98 19.00
N LYS E 44 5.18 23.03 19.27
CA LYS E 44 6.16 23.41 18.26
C LYS E 44 7.43 22.62 18.47
N LEU E 45 8.06 22.22 17.38
CA LEU E 45 9.31 21.48 17.48
C LEU E 45 10.40 22.40 18.00
N TRP E 46 11.15 21.92 18.99
CA TRP E 46 12.21 22.71 19.59
C TRP E 46 13.59 22.11 19.37
N ILE E 47 13.82 20.88 19.81
CA ILE E 47 15.15 20.28 19.80
C ILE E 47 15.04 18.84 19.32
N TYR E 48 15.68 18.53 18.21
CA TYR E 48 15.64 17.18 17.66
C TYR E 48 17.02 16.54 17.70
N SER E 49 17.03 15.21 17.74
CA SER E 49 18.27 14.42 17.82
C SER E 49 19.12 14.83 19.02
N THR E 50 18.46 15.31 20.07
CA THR E 50 19.05 15.59 21.37
C THR E 50 20.06 16.73 21.36
N SER E 51 20.39 17.28 20.20
CA SER E 51 21.46 18.26 20.18
C SER E 51 21.29 19.40 19.19
N ASN E 52 20.19 19.49 18.46
CA ASN E 52 20.09 20.50 17.42
C ASN E 52 18.92 21.42 17.67
N LEU E 53 18.97 22.59 17.04
CA LEU E 53 18.00 23.64 17.29
C LEU E 53 17.04 23.75 16.11
N ALA E 54 15.78 24.01 16.42
CA ALA E 54 14.73 24.03 15.42
C ALA E 54 14.82 25.30 14.59
N SER E 55 13.79 25.55 13.79
CA SER E 55 13.77 26.71 12.90
C SER E 55 13.11 27.87 13.65
N GLY E 56 13.94 28.77 14.16
CA GLY E 56 13.43 29.98 14.78
C GLY E 56 13.46 29.96 16.29
N VAL E 57 14.50 29.38 16.87
CA VAL E 57 14.64 29.41 18.32
C VAL E 57 15.83 30.27 18.71
N PRO E 58 15.75 31.00 19.82
CA PRO E 58 16.93 31.70 20.33
C PRO E 58 17.96 30.70 20.81
N ALA E 59 19.22 31.07 20.64
CA ALA E 59 20.34 30.16 20.87
C ALA E 59 20.66 29.98 22.35
N ARG E 60 19.75 30.33 23.24
CA ARG E 60 20.01 30.15 24.66
C ARG E 60 20.01 28.69 25.04
N PHE E 61 19.11 27.91 24.44
CA PHE E 61 18.83 26.56 24.90
C PHE E 61 20.02 25.65 24.63
N SER E 62 19.92 24.42 25.13
CA SER E 62 21.02 23.47 25.04
C SER E 62 20.54 22.06 25.30
N GLY E 63 20.82 21.14 24.40
CA GLY E 63 20.43 19.75 24.54
C GLY E 63 21.64 18.87 24.57
N SER E 64 21.64 17.91 25.50
CA SER E 64 22.77 17.02 25.67
C SER E 64 22.29 15.75 26.34
N GLY E 65 23.24 14.95 26.80
CA GLY E 65 22.95 13.67 27.39
C GLY E 65 23.07 12.54 26.38
N SER E 66 23.19 11.32 26.90
CA SER E 66 23.32 10.15 26.05
C SER E 66 23.04 8.90 26.89
N GLY E 67 22.77 7.80 26.20
CA GLY E 67 22.57 6.53 26.87
C GLY E 67 21.14 6.29 27.29
N THR E 68 20.83 6.58 28.55
CA THR E 68 19.47 6.42 29.06
C THR E 68 19.09 7.57 29.97
N SER E 69 19.63 8.77 29.73
CA SER E 69 19.29 9.94 30.52
C SER E 69 19.67 11.18 29.73
N TYR E 70 18.68 11.95 29.32
CA TYR E 70 18.90 13.18 28.56
C TYR E 70 18.32 14.35 29.33
N SER E 71 18.81 15.56 29.00
CA SER E 71 18.37 16.72 29.75
C SER E 71 18.50 17.98 28.91
N LEU E 72 17.63 18.94 29.19
CA LEU E 72 17.57 20.21 28.49
C LEU E 72 17.88 21.32 29.47
N THR E 73 18.77 22.24 29.09
CA THR E 73 19.22 23.30 29.97
C THR E 73 19.25 24.64 29.24
N ILE E 74 18.85 25.70 29.94
CA ILE E 74 18.99 27.05 29.43
C ILE E 74 20.21 27.67 30.07
N SER E 75 20.79 28.66 29.41
CA SER E 75 21.85 29.42 30.06
C SER E 75 21.27 30.47 31.00
N ARG E 76 20.48 31.39 30.45
CA ARG E 76 19.79 32.41 31.23
C ARG E 76 18.32 32.40 30.87
N MET E 77 17.45 32.41 31.87
CA MET E 77 16.03 32.34 31.63
C MET E 77 15.54 33.66 31.03
N GLU E 78 14.23 33.79 30.88
CA GLU E 78 13.63 34.98 30.31
C GLU E 78 12.14 34.92 30.58
N ALA E 79 11.43 35.97 30.15
CA ALA E 79 9.99 36.03 30.28
C ALA E 79 9.26 35.34 29.13
N GLU E 80 9.98 34.93 28.09
CA GLU E 80 9.39 34.19 26.98
C GLU E 80 9.77 32.72 27.02
N ASP E 81 10.11 32.21 28.19
CA ASP E 81 10.45 30.79 28.35
C ASP E 81 9.57 30.17 29.41
N ALA E 82 8.27 30.40 29.31
CA ALA E 82 7.30 29.87 30.26
C ALA E 82 6.27 29.04 29.52
N ALA E 83 6.48 27.71 29.48
CA ALA E 83 5.54 26.81 28.83
C ALA E 83 5.95 25.37 29.12
N THR E 84 5.01 24.47 28.90
CA THR E 84 5.24 23.05 29.16
C THR E 84 6.16 22.45 28.12
N TYR E 85 7.09 21.61 28.55
CA TYR E 85 8.09 21.03 27.66
C TYR E 85 7.95 19.51 27.66
N TYR E 86 7.79 18.93 26.47
CA TYR E 86 7.55 17.50 26.31
C TYR E 86 8.74 16.83 25.65
N CYS E 87 9.07 15.61 26.10
CA CYS E 87 10.11 14.81 25.48
C CYS E 87 9.48 13.62 24.78
N GLN E 88 9.87 13.39 23.53
CA GLN E 88 9.43 12.26 22.73
C GLN E 88 10.63 11.48 22.26
N GLN E 89 10.49 10.17 22.13
CA GLN E 89 11.56 9.30 21.66
C GLN E 89 11.12 8.58 20.40
N ARG E 90 11.86 8.77 19.32
CA ARG E 90 11.62 8.06 18.07
C ARG E 90 12.54 6.85 17.93
N SER E 91 12.60 6.01 18.96
CA SER E 91 13.66 5.00 18.96
C SER E 91 13.27 3.75 18.19
N SER E 92 12.35 2.97 18.74
CA SER E 92 12.12 1.63 18.23
C SER E 92 10.67 1.18 18.17
N TYR E 93 9.79 1.77 18.93
CA TYR E 93 8.51 1.16 19.24
C TYR E 93 7.39 2.14 18.91
N PRO E 94 6.13 1.80 19.15
CA PRO E 94 5.10 2.85 19.20
C PRO E 94 5.63 4.03 20.01
N PHE E 95 5.73 5.19 19.38
CA PHE E 95 6.38 6.33 20.00
C PHE E 95 5.68 6.70 21.30
N THR E 96 6.39 7.46 22.13
CA THR E 96 5.85 7.82 23.42
C THR E 96 6.31 9.21 23.79
N PHE E 97 5.42 9.98 24.39
CA PHE E 97 5.77 11.27 24.93
C PHE E 97 5.95 11.15 26.44
N GLY E 98 6.74 12.06 26.99
CA GLY E 98 6.94 12.09 28.42
C GLY E 98 5.75 12.70 29.13
N GLY E 99 5.82 12.70 30.45
CA GLY E 99 4.78 13.31 31.24
C GLY E 99 4.67 14.81 31.04
N GLY E 100 5.80 15.45 30.75
CA GLY E 100 5.80 16.89 30.54
C GLY E 100 5.98 17.68 31.81
N THR E 101 6.86 18.68 31.78
CA THR E 101 7.09 19.53 32.93
C THR E 101 6.82 20.98 32.57
N LYS E 102 6.68 21.81 33.59
CA LYS E 102 6.40 23.22 33.39
C LYS E 102 7.56 24.05 33.91
N LEU E 103 7.64 25.29 33.43
CA LEU E 103 8.73 26.18 33.76
C LEU E 103 8.22 27.62 33.67
N GLU E 104 8.13 28.30 34.79
CA GLU E 104 7.50 29.61 34.84
C GLU E 104 8.34 30.58 35.66
N ILE E 105 7.91 31.84 35.65
CA ILE E 105 8.69 32.93 36.23
C ILE E 105 8.56 32.91 37.74
N LYS E 106 9.62 33.34 38.42
CA LYS E 106 9.63 33.50 39.86
C LYS E 106 9.62 34.99 40.19
N ARG E 107 8.63 35.41 40.97
CA ARG E 107 8.49 36.80 41.37
C ARG E 107 8.32 36.87 42.88
N ALA E 108 8.82 37.94 43.49
CA ALA E 108 8.62 38.16 44.91
C ALA E 108 7.13 38.19 45.22
N ASP E 109 6.78 37.63 46.39
CA ASP E 109 5.39 37.33 46.68
C ASP E 109 4.57 38.59 46.86
N ALA E 110 3.26 38.40 47.01
CA ALA E 110 2.31 39.48 47.22
C ALA E 110 1.17 38.95 48.07
N ALA E 111 0.12 39.75 48.22
CA ALA E 111 -0.98 39.39 49.09
C ALA E 111 -2.30 39.51 48.36
N PRO E 112 -3.25 38.61 48.67
CA PRO E 112 -4.54 38.65 47.97
C PRO E 112 -5.35 39.89 48.32
N THR E 113 -6.40 40.12 47.52
CA THR E 113 -7.37 41.19 47.77
C THR E 113 -8.75 40.54 47.76
N VAL E 114 -9.15 40.00 48.92
CA VAL E 114 -10.33 39.15 48.97
C VAL E 114 -11.58 39.97 48.66
N SER E 115 -12.48 39.37 47.90
CA SER E 115 -13.77 39.98 47.58
C SER E 115 -14.86 39.00 47.95
N ILE E 116 -16.10 39.49 47.95
CA ILE E 116 -17.29 38.71 48.29
C ILE E 116 -18.41 39.22 47.43
N PHE E 117 -19.33 38.29 47.06
CA PHE E 117 -20.55 38.66 46.37
C PHE E 117 -21.69 37.76 46.85
N PRO E 118 -22.51 38.23 47.77
CA PRO E 118 -23.70 37.47 48.16
C PRO E 118 -24.67 37.37 47.01
N PRO E 119 -25.62 36.43 47.04
CA PRO E 119 -26.53 36.25 45.91
C PRO E 119 -27.28 37.54 45.59
N SER E 120 -27.39 37.83 44.29
CA SER E 120 -28.12 38.99 43.82
C SER E 120 -29.59 38.63 43.63
N SER E 121 -30.42 39.64 43.34
CA SER E 121 -31.84 39.42 43.11
C SER E 121 -32.07 38.33 42.07
N GLU E 122 -31.31 38.40 40.97
CA GLU E 122 -31.31 37.33 39.98
C GLU E 122 -30.97 36.00 40.65
N GLN E 123 -29.90 35.98 41.43
CA GLN E 123 -29.47 34.77 42.11
C GLN E 123 -30.41 34.41 43.27
N LEU E 124 -31.06 35.39 43.87
CA LEU E 124 -32.03 35.10 44.93
C LEU E 124 -33.26 34.39 44.36
N THR E 125 -33.85 34.94 43.29
CA THR E 125 -34.97 34.27 42.65
C THR E 125 -34.55 33.02 41.89
N SER E 126 -33.24 32.84 41.65
CA SER E 126 -32.78 31.60 41.04
C SER E 126 -33.19 30.39 41.87
N GLY E 127 -33.05 30.49 43.19
CA GLY E 127 -33.47 29.45 44.10
C GLY E 127 -32.36 28.78 44.90
N GLY E 128 -31.14 29.32 44.87
CA GLY E 128 -30.04 28.71 45.59
C GLY E 128 -29.06 29.75 46.07
N ALA E 129 -28.12 29.30 46.90
CA ALA E 129 -27.09 30.16 47.47
C ALA E 129 -25.90 30.18 46.52
N SER E 130 -25.87 31.16 45.61
CA SER E 130 -24.78 31.32 44.66
C SER E 130 -23.82 32.38 45.20
N VAL E 131 -23.02 31.97 46.19
CA VAL E 131 -22.02 32.84 46.80
C VAL E 131 -20.67 32.52 46.17
N VAL E 132 -19.83 33.55 46.06
CA VAL E 132 -18.51 33.41 45.46
C VAL E 132 -17.48 34.02 46.40
N CYS E 133 -16.20 33.88 46.01
CA CYS E 133 -15.10 34.48 46.76
C CYS E 133 -13.93 34.66 45.81
N PHE E 134 -13.59 35.91 45.52
CA PHE E 134 -12.49 36.19 44.63
C PHE E 134 -11.19 36.36 45.40
N LEU E 135 -10.09 36.37 44.65
CA LEU E 135 -8.78 36.78 45.12
C LEU E 135 -8.15 37.57 43.99
N ASN E 136 -6.86 37.86 44.10
CA ASN E 136 -6.19 38.54 43.00
C ASN E 136 -4.69 38.62 43.25
N ASN E 137 -3.92 38.55 42.17
CA ASN E 137 -2.53 38.98 42.11
C ASN E 137 -1.69 38.62 43.32
N PHE E 138 -1.52 37.33 43.60
CA PHE E 138 -0.65 36.93 44.69
C PHE E 138 0.38 35.92 44.22
N TYR E 139 1.16 35.37 45.14
CA TYR E 139 2.27 34.50 44.79
C TYR E 139 2.80 33.80 46.03
N PRO E 140 3.13 32.51 45.96
CA PRO E 140 3.01 31.64 44.80
C PRO E 140 1.76 30.76 44.78
N LYS E 141 1.77 29.77 43.88
CA LYS E 141 0.59 28.92 43.67
C LYS E 141 0.02 28.39 44.96
N ASP E 142 0.87 27.89 45.85
CA ASP E 142 0.41 27.26 47.08
C ASP E 142 -0.43 28.22 47.92
N ILE E 143 -1.73 27.95 48.03
CA ILE E 143 -2.62 28.77 48.82
C ILE E 143 -3.93 28.03 49.04
N ASN E 144 -4.55 28.22 50.19
CA ASN E 144 -5.86 27.66 50.47
C ASN E 144 -6.85 28.76 50.77
N VAL E 145 -8.11 28.47 50.47
CA VAL E 145 -9.22 29.36 50.77
C VAL E 145 -10.34 28.52 51.37
N LYS E 146 -10.78 28.88 52.57
CA LYS E 146 -11.78 28.10 53.29
C LYS E 146 -12.97 28.99 53.62
N TRP E 147 -14.17 28.55 53.24
CA TRP E 147 -15.38 29.27 53.59
C TRP E 147 -15.68 28.95 55.04
N LYS E 148 -15.57 29.97 55.89
CA LYS E 148 -15.75 29.77 57.33
C LYS E 148 -17.23 29.93 57.59
N ILE E 149 -17.97 28.83 57.50
CA ILE E 149 -19.43 28.87 57.62
C ILE E 149 -19.70 28.98 59.11
N ASP E 150 -19.83 30.24 59.56
CA ASP E 150 -19.92 30.60 60.97
C ASP E 150 -18.86 29.88 61.80
N GLY E 151 -17.66 29.79 61.23
CA GLY E 151 -16.53 29.17 61.88
C GLY E 151 -16.39 27.68 61.65
N SER E 152 -17.01 27.13 60.60
CA SER E 152 -16.90 25.71 60.32
C SER E 152 -16.37 25.55 58.91
N GLU E 153 -15.87 24.36 58.60
CA GLU E 153 -15.34 24.08 57.27
C GLU E 153 -16.36 23.28 56.48
N ARG E 154 -16.88 23.87 55.42
CA ARG E 154 -17.77 23.17 54.50
C ARG E 154 -16.94 22.76 53.30
N GLN E 155 -16.67 21.46 53.18
CA GLN E 155 -15.85 20.95 52.09
C GLN E 155 -16.75 20.40 50.97
N ASN E 156 -18.03 20.76 51.01
CA ASN E 156 -19.00 20.33 50.03
C ASN E 156 -19.35 21.50 49.11
N GLY E 157 -19.62 21.20 47.85
CA GLY E 157 -20.02 22.24 46.90
C GLY E 157 -18.98 23.31 46.68
N VAL E 158 -17.70 22.94 46.75
CA VAL E 158 -16.61 23.89 46.56
C VAL E 158 -16.10 23.72 45.13
N LEU E 159 -16.29 24.76 44.32
CA LEU E 159 -15.89 24.76 42.92
C LEU E 159 -14.84 25.85 42.75
N ASN E 160 -13.59 25.44 42.50
CA ASN E 160 -12.47 26.36 42.41
C ASN E 160 -11.98 26.43 40.97
N SER E 161 -11.33 27.55 40.64
CA SER E 161 -10.81 27.75 39.30
C SER E 161 -9.66 28.74 39.36
N TRP E 162 -8.43 28.23 39.32
CA TRP E 162 -7.25 29.09 39.34
C TRP E 162 -7.09 29.77 38.00
N THR E 163 -5.99 30.50 37.83
CA THR E 163 -5.58 31.00 36.53
C THR E 163 -4.13 30.65 36.27
N ASP E 164 -3.56 31.24 35.23
CA ASP E 164 -2.14 31.07 34.95
C ASP E 164 -1.41 32.39 35.16
N GLN E 165 -0.11 32.28 35.39
CA GLN E 165 0.73 33.44 35.59
C GLN E 165 0.61 34.41 34.45
N ASP E 166 0.23 35.65 34.75
CA ASP E 166 0.16 36.69 33.74
C ASP E 166 1.54 36.99 33.17
N SER E 167 1.57 37.84 32.16
CA SER E 167 2.81 38.30 31.55
C SER E 167 3.15 39.74 31.93
N LYS E 168 2.14 40.56 32.23
CA LYS E 168 2.39 41.95 32.63
C LYS E 168 2.89 42.02 34.07
N ASP E 169 2.43 41.11 34.93
CA ASP E 169 2.78 41.12 36.33
C ASP E 169 3.22 39.77 36.88
N SER E 170 3.06 38.68 36.12
CA SER E 170 3.64 37.39 36.46
C SER E 170 3.21 36.91 37.84
N THR E 171 1.99 37.23 38.22
CA THR E 171 1.44 36.71 39.47
C THR E 171 0.06 36.13 39.21
N TYR E 172 -0.33 35.22 40.09
CA TYR E 172 -1.46 34.34 39.86
C TYR E 172 -2.77 35.07 40.12
N SER E 173 -3.85 34.30 40.23
CA SER E 173 -5.14 34.80 40.68
C SER E 173 -5.89 33.60 41.25
N MET E 174 -7.19 33.76 41.47
CA MET E 174 -8.01 32.64 41.89
C MET E 174 -9.47 33.02 41.76
N SER E 175 -10.34 32.09 42.14
CA SER E 175 -11.77 32.28 42.21
C SER E 175 -12.37 31.01 42.80
N SER E 176 -13.65 31.09 43.16
CA SER E 176 -14.41 29.93 43.61
C SER E 176 -15.86 30.35 43.78
N THR E 177 -16.69 29.39 44.20
CA THR E 177 -18.10 29.63 44.52
C THR E 177 -18.62 28.44 45.31
N LEU E 178 -19.93 28.42 45.52
CA LEU E 178 -20.59 27.37 46.30
C LEU E 178 -21.91 27.00 45.64
N THR E 179 -22.02 25.75 45.21
CA THR E 179 -23.30 25.23 44.76
C THR E 179 -24.13 24.80 45.96
N LEU E 180 -25.22 25.52 46.24
CA LEU E 180 -26.04 25.21 47.40
C LEU E 180 -27.37 25.92 47.27
N THR E 181 -28.44 25.27 47.71
CA THR E 181 -29.76 25.88 47.75
C THR E 181 -29.95 26.67 49.04
N LYS E 182 -31.14 27.24 49.19
CA LYS E 182 -31.40 28.14 50.31
C LYS E 182 -31.53 27.41 51.65
N ASP E 183 -31.41 26.08 51.66
CA ASP E 183 -31.64 25.29 52.87
C ASP E 183 -30.80 25.81 54.04
N GLU E 184 -29.59 26.28 53.77
CA GLU E 184 -28.79 26.93 54.79
C GLU E 184 -28.76 28.44 54.65
N TYR E 185 -29.05 28.98 53.46
CA TYR E 185 -29.12 30.42 53.29
C TYR E 185 -30.16 31.04 54.20
N GLU E 186 -31.22 30.30 54.53
CA GLU E 186 -32.17 30.78 55.52
C GLU E 186 -31.71 30.52 56.94
N ARG E 187 -30.94 29.46 57.17
CA ARG E 187 -30.54 29.10 58.53
C ARG E 187 -29.82 30.25 59.21
N HIS E 188 -28.86 30.86 58.51
CA HIS E 188 -28.03 31.91 59.09
C HIS E 188 -28.08 33.15 58.20
N ASN E 189 -27.24 34.13 58.56
CA ASN E 189 -27.10 35.37 57.79
C ASN E 189 -25.64 35.77 57.67
N SER E 190 -24.70 34.93 58.11
CA SER E 190 -23.28 35.27 58.05
C SER E 190 -22.51 34.13 57.40
N TYR E 191 -21.54 34.48 56.57
CA TYR E 191 -20.63 33.52 55.97
C TYR E 191 -19.24 34.15 55.91
N THR E 192 -18.30 33.44 55.33
CA THR E 192 -16.90 33.88 55.25
C THR E 192 -16.21 33.05 54.17
N CYS E 193 -15.03 33.51 53.75
CA CYS E 193 -14.12 32.71 52.93
C CYS E 193 -12.69 33.08 53.35
N GLU E 194 -12.12 32.26 54.22
CA GLU E 194 -10.84 32.52 54.88
C GLU E 194 -9.69 32.18 53.93
N ALA E 195 -8.93 33.20 53.54
CA ALA E 195 -7.80 33.03 52.64
C ALA E 195 -6.53 32.84 53.48
N THR E 196 -5.91 31.66 53.35
CA THR E 196 -4.68 31.33 54.07
C THR E 196 -3.55 31.11 53.06
N HIS E 197 -2.43 31.79 53.27
CA HIS E 197 -1.29 31.71 52.36
C HIS E 197 0.00 31.73 53.16
N LYS E 198 1.10 31.42 52.47
CA LYS E 198 2.44 31.48 53.04
C LYS E 198 2.83 32.87 53.51
N THR E 199 2.13 33.91 53.06
CA THR E 199 2.51 35.29 53.35
C THR E 199 2.73 35.49 54.85
N SER E 200 1.84 34.94 55.67
CA SER E 200 2.00 34.98 57.12
C SER E 200 1.06 33.96 57.75
N THR E 201 1.16 33.85 59.07
CA THR E 201 0.21 33.01 59.82
C THR E 201 -1.15 33.70 59.96
N SER E 202 -1.22 34.98 59.62
CA SER E 202 -2.47 35.73 59.70
C SER E 202 -3.26 35.57 58.41
N PRO E 203 -4.38 34.87 58.41
CA PRO E 203 -5.17 34.76 57.18
C PRO E 203 -5.99 36.03 56.93
N ILE E 204 -5.93 36.52 55.69
CA ILE E 204 -6.70 37.69 55.33
C ILE E 204 -8.15 37.28 55.07
N VAL E 205 -9.09 38.02 55.66
CA VAL E 205 -10.49 37.62 55.71
C VAL E 205 -11.36 38.76 55.22
N LYS E 206 -12.52 38.41 54.67
CA LYS E 206 -13.59 39.35 54.34
C LYS E 206 -14.90 38.65 54.71
N SER E 207 -15.36 38.85 55.93
CA SER E 207 -16.51 38.16 56.48
C SER E 207 -17.74 39.04 56.37
N PHE E 208 -18.77 38.55 55.69
CA PHE E 208 -20.00 39.30 55.50
C PHE E 208 -21.12 38.67 56.31
N ASN E 209 -21.88 39.49 57.02
CA ASN E 209 -23.01 39.04 57.82
C ASN E 209 -24.30 39.74 57.47
N ARG E 210 -24.34 40.46 56.35
CA ARG E 210 -25.53 41.18 55.88
C ARG E 210 -26.79 40.34 55.97
N VAL F 2 1.70 25.74 3.77
CA VAL F 2 2.22 25.05 4.94
C VAL F 2 1.23 25.23 6.07
N LYS F 3 -0.04 25.35 5.71
CA LYS F 3 -1.11 25.61 6.66
C LYS F 3 -2.12 24.48 6.62
N LEU F 4 -2.54 24.04 7.79
CA LEU F 4 -3.49 22.95 7.90
C LEU F 4 -4.80 23.47 8.49
N LEU F 5 -5.75 22.55 8.64
CA LEU F 5 -7.02 22.85 9.27
C LEU F 5 -7.70 21.53 9.59
N GLU F 6 -8.73 21.61 10.42
CA GLU F 6 -9.51 20.45 10.78
C GLU F 6 -10.99 20.76 10.66
N SER F 7 -11.79 19.70 10.71
CA SER F 7 -13.23 19.81 10.80
C SER F 7 -13.79 18.51 11.31
N GLY F 8 -15.00 18.57 11.85
CA GLY F 8 -15.65 17.42 12.43
C GLY F 8 -15.77 17.46 13.93
N GLY F 9 -15.09 18.39 14.58
CA GLY F 9 -15.21 18.51 16.03
C GLY F 9 -16.61 18.92 16.42
N GLY F 10 -17.13 18.26 17.46
CA GLY F 10 -18.48 18.52 17.91
C GLY F 10 -18.89 17.64 19.06
N LEU F 11 -20.06 17.03 18.95
CA LEU F 11 -20.61 16.21 20.02
C LEU F 11 -21.02 14.86 19.47
N VAL F 12 -20.69 13.81 20.22
CA VAL F 12 -21.11 12.45 19.89
C VAL F 12 -21.50 11.75 21.18
N GLN F 13 -22.29 10.71 21.03
CA GLN F 13 -22.73 9.90 22.15
C GLN F 13 -21.90 8.64 22.26
N PRO F 14 -21.83 8.03 23.44
CA PRO F 14 -21.07 6.78 23.59
C PRO F 14 -21.49 5.74 22.56
N GLY F 15 -20.52 4.97 22.09
CA GLY F 15 -20.75 4.00 21.04
C GLY F 15 -20.87 4.57 19.64
N GLY F 16 -20.91 5.89 19.50
CA GLY F 16 -21.09 6.50 18.20
C GLY F 16 -19.88 6.39 17.29
N SER F 17 -19.82 7.27 16.29
CA SER F 17 -18.74 7.25 15.33
C SER F 17 -18.63 8.63 14.68
N LEU F 18 -17.42 8.98 14.27
CA LEU F 18 -17.18 10.32 13.77
C LEU F 18 -16.02 10.30 12.79
N LYS F 19 -15.99 11.31 11.91
CA LYS F 19 -15.03 11.40 10.82
C LYS F 19 -14.37 12.78 10.86
N LEU F 20 -13.18 12.84 11.45
CA LEU F 20 -12.42 14.07 11.47
C LEU F 20 -11.72 14.27 10.14
N SER F 21 -11.73 15.48 9.63
CA SER F 21 -11.15 15.80 8.33
C SER F 21 -10.08 16.87 8.52
N CYS F 22 -8.82 16.48 8.42
CA CYS F 22 -7.69 17.40 8.49
C CYS F 22 -7.28 17.72 7.07
N ALA F 23 -7.49 18.96 6.66
CA ALA F 23 -7.11 19.42 5.33
C ALA F 23 -5.78 20.14 5.39
N ALA F 24 -5.11 20.22 4.25
CA ALA F 24 -3.79 20.80 4.16
C ALA F 24 -3.71 21.74 2.96
N SER F 25 -2.70 22.60 2.97
CA SER F 25 -2.52 23.53 1.87
C SER F 25 -1.12 24.10 1.92
N GLY F 26 -0.52 24.28 0.75
CA GLY F 26 0.74 24.97 0.62
C GLY F 26 1.95 24.10 0.40
N PHE F 27 1.77 22.83 0.06
CA PHE F 27 2.90 21.95 -0.18
C PHE F 27 2.40 20.68 -0.84
N ASP F 28 3.35 19.83 -1.23
CA ASP F 28 3.07 18.57 -1.91
C ASP F 28 2.55 17.59 -0.88
N PHE F 29 1.22 17.60 -0.69
CA PHE F 29 0.64 16.72 0.31
C PHE F 29 0.72 15.25 -0.07
N SER F 30 1.00 14.94 -1.33
CA SER F 30 1.09 13.55 -1.76
C SER F 30 2.51 13.02 -1.71
N ARG F 31 3.33 13.53 -0.80
CA ARG F 31 4.71 13.05 -0.73
C ARG F 31 5.14 12.78 0.70
N TYR F 32 4.48 13.41 1.67
CA TYR F 32 4.91 13.32 3.06
C TYR F 32 4.04 12.37 3.85
N TRP F 33 4.64 11.69 4.81
CA TRP F 33 3.86 10.91 5.75
C TRP F 33 2.98 11.84 6.56
N MET F 34 2.07 11.25 7.33
CA MET F 34 1.26 12.05 8.25
C MET F 34 1.01 11.26 9.51
N SER F 35 0.62 11.96 10.56
CA SER F 35 0.30 11.27 11.80
C SER F 35 -0.70 12.07 12.60
N TRP F 36 -1.24 11.44 13.63
CA TRP F 36 -2.20 12.06 14.53
C TRP F 36 -1.78 11.85 15.97
N VAL F 37 -1.90 12.89 16.78
CA VAL F 37 -1.62 12.78 18.21
C VAL F 37 -2.68 13.53 18.97
N ARG F 38 -2.92 13.10 20.20
CA ARG F 38 -4.02 13.63 20.97
C ARG F 38 -3.55 14.09 22.33
N GLN F 39 -4.25 15.09 22.86
CA GLN F 39 -3.96 15.67 24.16
C GLN F 39 -5.26 15.74 24.93
N ALA F 40 -5.42 14.89 25.92
CA ALA F 40 -6.54 15.03 26.83
C ALA F 40 -6.36 16.31 27.64
N PRO F 41 -7.45 16.98 28.02
CA PRO F 41 -7.32 18.18 28.85
C PRO F 41 -6.56 17.85 30.11
N GLY F 42 -5.46 18.56 30.33
CA GLY F 42 -4.56 18.18 31.39
C GLY F 42 -3.36 17.39 30.91
N LYS F 43 -3.46 16.06 30.97
CA LYS F 43 -2.35 15.14 30.79
C LYS F 43 -1.57 15.36 29.50
N GLY F 44 -0.37 14.80 29.45
CA GLY F 44 0.55 15.05 28.35
C GLY F 44 0.09 14.43 27.05
N LEU F 45 0.95 14.57 26.05
CA LEU F 45 0.62 14.16 24.70
C LEU F 45 0.51 12.65 24.60
N GLU F 46 0.01 12.18 23.45
CA GLU F 46 -0.19 10.76 23.22
C GLU F 46 -0.21 10.50 21.73
N TRP F 47 0.49 9.45 21.33
CA TRP F 47 0.62 9.08 19.92
C TRP F 47 -0.53 8.19 19.50
N ILE F 48 -1.06 8.44 18.29
CA ILE F 48 -2.10 7.59 17.74
C ILE F 48 -1.50 6.62 16.74
N GLY F 49 -0.85 7.14 15.71
CA GLY F 49 -0.27 6.29 14.71
C GLY F 49 0.32 7.10 13.58
N GLN F 50 0.46 6.47 12.43
CA GLN F 50 1.04 7.16 11.28
C GLN F 50 0.66 6.42 10.02
N ILE F 51 0.53 7.18 8.94
CA ILE F 51 0.13 6.64 7.65
C ILE F 51 1.01 7.23 6.57
N ASN F 52 1.53 6.37 5.70
CA ASN F 52 2.42 6.77 4.61
C ASN F 52 1.57 7.26 3.45
N PRO F 53 2.18 7.69 2.34
CA PRO F 53 1.35 8.22 1.25
C PRO F 53 0.61 7.14 0.49
N HIS F 54 1.26 6.03 0.19
CA HIS F 54 0.62 5.00 -0.61
C HIS F 54 -0.46 4.25 0.14
N SER F 55 -0.68 4.54 1.42
CA SER F 55 -1.51 3.73 2.30
C SER F 55 -0.98 2.32 2.42
N SER F 56 0.23 2.05 1.92
CA SER F 56 0.79 0.71 1.95
C SER F 56 0.83 0.17 3.36
N THR F 57 1.61 0.80 4.22
CA THR F 57 1.74 0.40 5.61
C THR F 57 1.17 1.49 6.50
N ILE F 58 0.57 1.07 7.61
CA ILE F 58 -0.05 1.99 8.56
C ILE F 58 0.22 1.45 9.94
N ASN F 59 0.84 2.26 10.79
CA ASN F 59 1.25 1.80 12.11
C ASN F 59 0.33 2.42 13.15
N TYR F 60 -0.29 1.58 13.96
CA TYR F 60 -1.12 2.02 15.07
C TYR F 60 -0.43 1.68 16.39
N THR F 61 -0.80 2.42 17.41
CA THR F 61 -0.43 2.01 18.75
C THR F 61 -1.10 0.68 19.05
N PRO F 62 -0.46 -0.17 19.85
CA PRO F 62 -1.02 -1.51 20.10
C PRO F 62 -2.44 -1.47 20.62
N SER F 63 -2.66 -0.77 21.72
CA SER F 63 -4.01 -0.61 22.21
C SER F 63 -4.83 0.23 21.22
N LEU F 64 -6.15 0.20 21.44
CA LEU F 64 -7.10 1.06 20.73
C LEU F 64 -6.87 1.08 19.22
N ARG F 65 -6.35 -0.02 18.67
CA ARG F 65 -6.24 -0.12 17.22
C ARG F 65 -7.61 -0.31 16.59
N ASP F 66 -8.38 -1.26 17.12
CA ASP F 66 -9.67 -1.64 16.58
C ASP F 66 -10.72 -0.54 16.64
N LYS F 67 -10.40 0.64 17.17
CA LYS F 67 -11.37 1.72 17.22
C LYS F 67 -11.05 2.88 16.28
N PHE F 68 -9.89 2.87 15.64
CA PHE F 68 -9.46 3.98 14.80
C PHE F 68 -9.12 3.49 13.41
N ILE F 69 -9.54 4.26 12.40
CA ILE F 69 -9.28 3.97 11.00
C ILE F 69 -8.72 5.22 10.37
N ILE F 70 -7.44 5.21 10.03
CA ILE F 70 -6.80 6.35 9.39
C ILE F 70 -6.77 6.12 7.89
N SER F 71 -6.99 7.18 7.12
CA SER F 71 -6.86 7.10 5.68
C SER F 71 -6.70 8.51 5.14
N ARG F 72 -6.59 8.61 3.82
CA ARG F 72 -6.34 9.90 3.21
C ARG F 72 -6.93 9.94 1.81
N ASP F 73 -6.74 11.06 1.13
CA ASP F 73 -7.11 11.18 -0.27
C ASP F 73 -6.19 12.19 -0.93
N ASN F 74 -5.40 11.72 -1.89
CA ASN F 74 -4.47 12.62 -2.57
C ASN F 74 -5.18 13.56 -3.52
N ALA F 75 -6.25 13.09 -4.17
CA ALA F 75 -6.94 13.92 -5.14
C ALA F 75 -7.52 15.17 -4.49
N LYS F 76 -8.48 14.98 -3.59
CA LYS F 76 -9.05 16.11 -2.87
C LYS F 76 -8.07 16.72 -1.88
N ASN F 77 -6.91 16.09 -1.69
CA ASN F 77 -5.82 16.66 -0.89
C ASN F 77 -6.25 16.84 0.56
N THR F 78 -6.72 15.76 1.18
CA THR F 78 -7.18 15.83 2.56
C THR F 78 -6.81 14.55 3.28
N LEU F 79 -7.07 14.53 4.58
CA LEU F 79 -6.79 13.38 5.42
C LEU F 79 -7.99 13.11 6.30
N TYR F 80 -8.33 11.83 6.47
CA TYR F 80 -9.49 11.43 7.26
C TYR F 80 -9.07 10.53 8.42
N LEU F 81 -9.61 10.83 9.59
CA LEU F 81 -9.54 9.94 10.73
C LEU F 81 -10.94 9.49 11.07
N GLN F 82 -11.11 8.22 11.41
CA GLN F 82 -12.42 7.65 11.65
C GLN F 82 -12.45 6.98 13.01
N MET F 83 -13.36 7.42 13.87
CA MET F 83 -13.58 6.82 15.17
C MET F 83 -14.86 6.01 15.13
N THR F 84 -14.79 4.79 15.66
CA THR F 84 -15.95 3.92 15.79
C THR F 84 -16.10 3.52 17.25
N LYS F 85 -17.33 3.21 17.64
CA LYS F 85 -17.69 2.79 18.99
C LYS F 85 -16.96 3.64 20.04
N VAL F 86 -17.01 4.95 19.83
CA VAL F 86 -16.36 5.90 20.73
C VAL F 86 -16.88 5.72 22.15
N ARG F 87 -15.97 5.77 23.12
CA ARG F 87 -16.33 5.69 24.52
C ARG F 87 -16.32 7.08 25.13
N SER F 88 -16.44 7.14 26.46
CA SER F 88 -16.49 8.44 27.14
C SER F 88 -15.10 8.98 27.45
N GLU F 89 -14.12 8.10 27.64
CA GLU F 89 -12.78 8.50 28.02
C GLU F 89 -11.99 9.12 26.88
N ASP F 90 -12.48 9.02 25.64
CA ASP F 90 -11.71 9.39 24.47
C ASP F 90 -12.05 10.78 23.97
N THR F 91 -12.28 11.72 24.88
CA THR F 91 -12.44 13.13 24.52
C THR F 91 -11.13 13.86 24.73
N ALA F 92 -10.76 14.69 23.76
CA ALA F 92 -9.46 15.37 23.82
C ALA F 92 -9.36 16.35 22.66
N LEU F 93 -8.19 16.94 22.51
CA LEU F 93 -7.81 17.61 21.28
C LEU F 93 -7.08 16.64 20.37
N TYR F 94 -7.28 16.79 19.07
CA TYR F 94 -6.72 15.93 18.05
C TYR F 94 -5.95 16.77 17.05
N TYR F 95 -4.67 16.47 16.87
CA TYR F 95 -3.80 17.22 15.97
C TYR F 95 -3.27 16.30 14.88
N CYS F 96 -3.04 16.89 13.70
CA CYS F 96 -2.53 16.17 12.54
C CYS F 96 -1.19 16.76 12.14
N ALA F 97 -0.12 16.00 12.33
CA ALA F 97 1.23 16.49 12.12
C ALA F 97 1.79 16.00 10.79
N ARG F 98 2.69 16.81 10.22
CA ARG F 98 3.32 16.53 8.94
C ARG F 98 4.70 15.93 9.18
N LEU F 99 4.71 14.64 9.52
CA LEU F 99 5.93 13.97 9.94
C LEU F 99 6.98 14.03 8.83
N LEU F 100 8.25 13.85 9.22
CA LEU F 100 9.39 14.06 8.34
C LEU F 100 10.16 12.77 8.14
N ARG F 101 11.06 12.76 7.16
CA ARG F 101 11.54 11.50 6.62
C ARG F 101 12.66 10.86 7.42
N TYR F 102 13.83 11.49 7.49
CA TYR F 102 14.98 10.80 8.08
C TYR F 102 14.95 10.91 9.61
N PHE F 103 15.07 12.13 10.12
CA PHE F 103 14.79 12.39 11.52
C PHE F 103 13.29 12.58 11.65
N TYR F 104 12.66 11.75 12.49
CA TYR F 104 11.22 11.56 12.38
C TYR F 104 10.49 12.88 12.56
N ALA F 105 10.59 13.48 13.76
CA ALA F 105 10.51 14.92 13.91
C ALA F 105 9.19 15.50 13.37
N LEU F 106 8.11 15.17 14.05
CA LEU F 106 6.83 15.78 13.70
C LEU F 106 6.97 17.30 13.76
N ASP F 107 6.96 17.98 12.63
CA ASP F 107 7.39 19.37 12.63
C ASP F 107 6.24 20.36 12.58
N TYR F 108 5.32 20.22 11.63
CA TYR F 108 4.27 21.20 11.42
C TYR F 108 2.96 20.63 11.91
N TRP F 109 2.32 21.34 12.82
CA TRP F 109 1.07 20.91 13.42
C TRP F 109 -0.05 21.81 12.97
N GLY F 110 -1.27 21.29 13.04
CA GLY F 110 -2.41 22.01 12.54
C GLY F 110 -2.87 23.05 13.52
N GLN F 111 -4.17 23.06 13.80
CA GLN F 111 -4.73 24.01 14.76
C GLN F 111 -5.34 23.32 15.96
N GLY F 112 -6.15 22.30 15.74
CA GLY F 112 -6.76 21.57 16.83
C GLY F 112 -8.19 21.17 16.56
N ALA F 113 -8.50 19.91 16.82
CA ALA F 113 -9.87 19.41 16.72
C ALA F 113 -10.34 19.03 18.10
N SER F 114 -11.39 19.68 18.58
CA SER F 114 -11.92 19.41 19.92
C SER F 114 -13.04 18.38 19.81
N VAL F 115 -12.87 17.24 20.48
CA VAL F 115 -13.86 16.18 20.44
C VAL F 115 -14.28 15.85 21.86
N THR F 116 -15.59 15.87 22.08
CA THR F 116 -16.17 15.66 23.41
C THR F 116 -17.42 14.80 23.30
N VAL F 117 -17.44 13.72 24.07
CA VAL F 117 -18.62 12.89 24.17
C VAL F 117 -19.62 13.56 25.10
N SER F 118 -20.91 13.35 24.86
CA SER F 118 -21.92 14.03 25.64
C SER F 118 -23.23 13.26 25.57
N SER F 119 -24.11 13.56 26.52
CA SER F 119 -25.46 13.01 26.53
C SER F 119 -26.51 14.09 26.35
N ALA F 120 -26.51 15.11 27.19
CA ALA F 120 -27.52 16.16 27.10
C ALA F 120 -27.19 17.13 25.98
N LYS F 121 -28.24 17.72 25.42
CA LYS F 121 -28.06 18.67 24.34
C LYS F 121 -27.73 20.05 24.90
N THR F 122 -27.22 20.91 24.03
CA THR F 122 -26.73 22.22 24.46
C THR F 122 -27.84 23.05 25.07
N THR F 123 -27.47 23.86 26.05
CA THR F 123 -28.38 24.76 26.73
C THR F 123 -27.69 26.11 26.90
N PRO F 124 -28.45 27.20 26.89
CA PRO F 124 -27.84 28.51 27.04
C PRO F 124 -27.47 28.78 28.49
N PRO F 125 -26.50 29.65 28.73
CA PRO F 125 -26.15 29.98 30.12
C PRO F 125 -27.24 30.78 30.79
N SER F 126 -27.35 30.59 32.11
CA SER F 126 -28.21 31.42 32.95
C SER F 126 -27.30 32.47 33.58
N VAL F 127 -27.04 33.53 32.81
CA VAL F 127 -26.09 34.55 33.21
C VAL F 127 -26.62 35.33 34.40
N TYR F 128 -25.73 35.76 35.26
CA TYR F 128 -26.07 36.59 36.41
C TYR F 128 -24.99 37.65 36.59
N PRO F 129 -25.34 38.79 37.17
CA PRO F 129 -24.32 39.80 37.49
C PRO F 129 -23.69 39.50 38.85
N LEU F 130 -22.55 40.16 39.09
CA LEU F 130 -21.90 40.07 40.40
C LEU F 130 -22.24 41.32 41.19
N ALA F 131 -23.25 41.19 42.04
CA ALA F 131 -23.69 42.31 42.88
C ALA F 131 -22.65 42.62 43.94
N PRO F 132 -22.04 43.81 43.92
CA PRO F 132 -20.97 44.09 44.89
C PRO F 132 -21.51 44.25 46.30
N GLY F 133 -21.32 43.22 47.12
CA GLY F 133 -21.81 43.26 48.49
C GLY F 133 -20.78 43.83 49.44
N ARG F 134 -20.29 45.02 49.13
CA ARG F 134 -19.40 45.75 50.02
C ARG F 134 -20.14 46.79 50.87
N ALA F 135 -19.45 47.22 51.93
CA ALA F 135 -20.05 47.82 53.11
C ALA F 135 -19.02 48.78 53.70
N ALA F 136 -19.12 49.03 55.01
CA ALA F 136 -18.20 49.96 55.68
C ALA F 136 -16.79 49.36 55.64
N ALA F 137 -16.16 49.52 54.47
CA ALA F 137 -14.79 49.11 54.20
C ALA F 137 -14.07 50.24 53.49
N ALA F 138 -12.77 50.05 53.27
CA ALA F 138 -11.92 51.07 52.69
C ALA F 138 -11.46 50.74 51.28
N ALA F 139 -12.19 49.91 50.54
CA ALA F 139 -11.80 49.58 49.17
C ALA F 139 -12.07 50.76 48.24
N SER F 140 -11.02 51.52 47.92
CA SER F 140 -11.14 52.63 46.98
C SER F 140 -11.65 52.13 45.64
N MET F 141 -10.86 51.27 45.00
CA MET F 141 -11.27 50.68 43.75
C MET F 141 -12.31 49.60 44.00
N VAL F 142 -12.80 49.01 42.91
CA VAL F 142 -13.75 47.91 42.97
C VAL F 142 -13.40 46.94 41.85
N THR F 143 -13.24 45.68 42.21
CA THR F 143 -12.94 44.62 41.27
C THR F 143 -14.16 43.70 41.22
N LEU F 144 -14.92 43.78 40.14
CA LEU F 144 -16.19 43.08 40.07
C LEU F 144 -16.41 42.57 38.65
N GLY F 145 -17.54 41.89 38.44
CA GLY F 145 -17.82 41.34 37.13
C GLY F 145 -19.10 40.55 36.94
N CYS F 146 -18.96 39.41 36.27
CA CYS F 146 -20.08 38.75 35.62
C CYS F 146 -19.96 37.25 35.81
N LEU F 147 -20.99 36.63 36.39
CA LEU F 147 -21.02 35.19 36.59
C LEU F 147 -21.83 34.55 35.47
N VAL F 148 -21.25 33.54 34.82
CA VAL F 148 -21.89 32.87 33.69
C VAL F 148 -21.92 31.39 34.04
N LYS F 149 -23.06 30.90 34.51
CA LYS F 149 -23.20 29.54 34.99
C LYS F 149 -24.27 28.81 34.22
N GLY F 150 -24.16 27.48 34.19
CA GLY F 150 -25.19 26.65 33.59
C GLY F 150 -25.28 26.78 32.08
N TYR F 151 -24.23 26.37 31.37
CA TYR F 151 -24.25 26.32 29.92
C TYR F 151 -23.55 25.06 29.45
N PHE F 152 -23.67 24.79 28.15
CA PHE F 152 -23.12 23.61 27.52
C PHE F 152 -23.17 23.76 26.01
N PRO F 153 -22.10 23.43 25.28
CA PRO F 153 -20.75 23.11 25.75
C PRO F 153 -19.80 24.27 25.54
N GLU F 154 -18.51 24.04 25.77
CA GLU F 154 -17.48 25.02 25.48
C GLU F 154 -17.53 25.41 24.00
N PRO F 155 -17.00 26.59 23.64
CA PRO F 155 -16.51 27.62 24.55
C PRO F 155 -17.46 28.79 24.66
N VAL F 156 -17.05 29.80 25.42
CA VAL F 156 -17.76 31.07 25.51
C VAL F 156 -16.76 32.19 25.25
N THR F 157 -17.25 33.29 24.69
CA THR F 157 -16.47 34.51 24.60
C THR F 157 -17.12 35.54 25.51
N VAL F 158 -16.45 35.84 26.63
CA VAL F 158 -16.86 36.92 27.52
C VAL F 158 -15.83 38.03 27.42
N THR F 159 -16.33 39.26 27.40
CA THR F 159 -15.48 40.45 27.29
C THR F 159 -16.27 41.62 27.86
N TRP F 160 -15.79 42.84 27.63
CA TRP F 160 -16.48 44.05 28.08
C TRP F 160 -16.30 45.13 27.01
N ASN F 161 -17.40 45.76 26.63
CA ASN F 161 -17.41 46.77 25.56
C ASN F 161 -16.83 46.19 24.27
N SER F 162 -17.06 44.89 24.06
CA SER F 162 -16.77 44.20 22.81
C SER F 162 -15.30 44.33 22.41
N GLY F 163 -14.44 43.75 23.24
CA GLY F 163 -13.03 43.67 22.91
C GLY F 163 -12.34 45.00 22.79
N SER F 164 -12.73 45.99 23.61
CA SER F 164 -12.13 47.31 23.57
C SER F 164 -11.79 47.80 24.97
N LEU F 165 -11.53 46.90 25.91
CA LEU F 165 -11.17 47.27 27.27
C LEU F 165 -10.30 46.19 27.86
N ALA F 166 -9.07 46.56 28.27
CA ALA F 166 -8.14 45.62 28.88
C ALA F 166 -7.60 46.16 30.19
N ALA F 167 -8.37 47.00 30.88
CA ALA F 167 -7.93 47.61 32.13
C ALA F 167 -8.09 46.61 33.27
N GLY F 168 -7.25 45.58 33.24
CA GLY F 168 -7.25 44.57 34.28
C GLY F 168 -8.49 43.70 34.28
N VAL F 169 -8.65 42.89 33.23
CA VAL F 169 -9.76 41.96 33.11
C VAL F 169 -9.25 40.54 33.28
N HIS F 170 -9.98 39.74 34.05
CA HIS F 170 -9.63 38.35 34.31
C HIS F 170 -10.79 37.45 33.91
N THR F 171 -10.48 36.39 33.18
CA THR F 171 -11.44 35.39 32.73
C THR F 171 -10.96 34.03 33.18
N PHE F 172 -11.75 33.39 34.05
CA PHE F 172 -11.30 32.18 34.71
C PHE F 172 -11.84 30.96 33.97
N PRO F 173 -10.98 30.03 33.55
CA PRO F 173 -11.44 28.93 32.68
C PRO F 173 -12.50 28.08 33.36
N ALA F 174 -13.31 27.44 32.53
CA ALA F 174 -14.51 26.75 32.99
C ALA F 174 -14.14 25.47 33.75
N VAL F 175 -15.17 24.82 34.27
CA VAL F 175 -15.04 23.55 34.96
C VAL F 175 -16.43 22.96 35.13
N LEU F 176 -16.56 21.64 35.01
CA LEU F 176 -17.85 20.97 35.07
C LEU F 176 -17.91 20.05 36.28
N GLN F 177 -19.12 19.87 36.82
CA GLN F 177 -19.40 18.79 37.77
C GLN F 177 -20.66 18.04 37.32
N ALA F 178 -20.47 17.16 36.34
CA ALA F 178 -21.45 16.18 35.87
C ALA F 178 -22.68 16.80 35.21
N ALA F 179 -22.83 18.12 35.28
CA ALA F 179 -24.02 18.74 34.70
C ALA F 179 -23.70 19.71 33.57
N LEU F 180 -22.97 20.78 33.84
CA LEU F 180 -22.80 21.85 32.86
C LEU F 180 -21.55 22.64 33.21
N TYR F 181 -21.35 23.76 32.51
CA TYR F 181 -20.15 24.57 32.64
C TYR F 181 -20.41 25.84 33.41
N THR F 182 -19.38 26.33 34.07
CA THR F 182 -19.41 27.57 34.83
C THR F 182 -18.18 28.40 34.50
N LEU F 183 -18.31 29.72 34.65
CA LEU F 183 -17.15 30.59 34.57
C LEU F 183 -17.49 31.93 35.21
N SER F 184 -16.45 32.60 35.71
CA SER F 184 -16.57 33.89 36.36
C SER F 184 -15.99 34.98 35.48
N SER F 185 -16.08 36.22 35.96
CA SER F 185 -15.44 37.35 35.30
C SER F 185 -15.01 38.37 36.34
N SER F 186 -13.85 38.98 36.13
CA SER F 186 -13.33 39.99 37.02
C SER F 186 -12.79 41.16 36.22
N VAL F 187 -12.88 42.35 36.78
CA VAL F 187 -12.25 43.52 36.18
C VAL F 187 -12.06 44.57 37.27
N THR F 188 -10.94 45.28 37.20
CA THR F 188 -10.63 46.36 38.12
C THR F 188 -11.20 47.66 37.56
N VAL F 189 -11.74 48.49 38.45
CA VAL F 189 -12.23 49.80 38.05
C VAL F 189 -12.06 50.76 39.23
N PRO F 190 -11.59 51.99 38.99
CA PRO F 190 -11.49 52.97 40.08
C PRO F 190 -12.86 53.51 40.47
N SER F 191 -12.94 53.99 41.70
CA SER F 191 -14.20 54.58 42.18
C SER F 191 -14.62 55.78 41.34
N SER F 192 -13.69 56.45 40.67
CA SER F 192 -14.04 57.58 39.82
C SER F 192 -14.69 57.15 38.51
N SER F 193 -14.55 55.87 38.12
CA SER F 193 -15.10 55.40 36.85
C SER F 193 -16.33 54.51 37.02
N TRP F 194 -16.91 54.45 38.22
CA TRP F 194 -18.12 53.65 38.45
C TRP F 194 -18.75 54.09 39.76
N PRO F 195 -20.08 54.26 39.81
CA PRO F 195 -21.04 54.03 38.73
C PRO F 195 -21.22 55.22 37.80
N SER F 196 -20.14 55.94 37.51
CA SER F 196 -20.20 57.08 36.59
C SER F 196 -20.32 56.61 35.15
N GLU F 197 -19.32 55.88 34.67
CA GLU F 197 -19.30 55.33 33.32
C GLU F 197 -19.39 53.80 33.43
N THR F 198 -20.62 53.30 33.38
CA THR F 198 -20.90 51.90 33.61
C THR F 198 -20.24 51.01 32.55
N VAL F 199 -20.14 49.73 32.87
CA VAL F 199 -19.41 48.75 32.09
C VAL F 199 -20.33 47.57 31.77
N THR F 200 -20.07 46.93 30.64
CA THR F 200 -20.97 45.94 30.05
C THR F 200 -20.31 44.58 29.95
N CYS F 201 -20.98 43.56 30.48
CA CYS F 201 -20.55 42.17 30.40
C CYS F 201 -21.08 41.57 29.11
N ASN F 202 -20.19 41.29 28.17
CA ASN F 202 -20.55 40.71 26.89
C ASN F 202 -20.34 39.20 26.96
N VAL F 203 -21.42 38.44 26.77
CA VAL F 203 -21.37 36.98 26.81
C VAL F 203 -21.80 36.45 25.45
N ALA F 204 -21.06 35.46 24.96
CA ALA F 204 -21.21 34.98 23.59
C ALA F 204 -21.16 33.46 23.58
N HIS F 205 -22.32 32.82 23.33
CA HIS F 205 -22.41 31.38 23.17
C HIS F 205 -22.55 31.08 21.69
N PRO F 206 -21.52 30.53 21.03
CA PRO F 206 -21.57 30.33 19.58
C PRO F 206 -22.56 29.27 19.12
N ALA F 207 -22.47 28.08 19.72
CA ALA F 207 -23.26 26.94 19.24
C ALA F 207 -24.74 27.22 19.32
N SER F 208 -25.24 27.52 20.52
CA SER F 208 -26.62 27.97 20.67
C SER F 208 -26.84 29.34 20.08
N SER F 209 -25.78 30.05 19.72
CA SER F 209 -25.86 31.38 19.14
C SER F 209 -26.69 32.32 20.01
N THR F 210 -26.43 32.31 21.30
CA THR F 210 -27.05 33.21 22.26
C THR F 210 -26.02 34.29 22.60
N LYS F 211 -26.34 35.54 22.29
CA LYS F 211 -25.31 36.58 22.24
C LYS F 211 -25.86 37.74 23.08
N VAL F 212 -25.61 37.70 24.38
CA VAL F 212 -26.31 38.56 25.32
C VAL F 212 -25.33 39.39 26.14
N ASP F 213 -25.89 40.39 26.84
CA ASP F 213 -25.11 41.35 27.61
C ASP F 213 -25.71 41.53 29.00
N LYS F 214 -24.86 41.93 29.93
CA LYS F 214 -25.21 42.22 31.31
C LYS F 214 -24.72 43.63 31.63
N LYS F 215 -25.64 44.55 31.90
CA LYS F 215 -25.30 45.94 32.15
C LYS F 215 -25.61 46.20 33.62
N ILE F 216 -24.58 46.10 34.45
CA ILE F 216 -24.74 45.88 35.87
C ILE F 216 -24.86 47.20 36.62
N VAL F 217 -25.52 47.14 37.78
CA VAL F 217 -25.78 48.31 38.61
C VAL F 217 -25.58 47.91 40.07
N PRO F 218 -25.07 48.80 40.92
CA PRO F 218 -24.86 48.42 42.33
C PRO F 218 -26.18 48.26 43.07
N ARG F 219 -26.35 47.07 43.67
CA ARG F 219 -27.58 46.77 44.38
C ARG F 219 -27.70 47.64 45.62
N ALA F 220 -28.92 47.73 46.15
CA ALA F 220 -29.21 48.56 47.31
C ALA F 220 -29.45 47.75 48.58
N ALA F 221 -29.06 46.47 48.61
CA ALA F 221 -29.24 45.65 49.78
C ALA F 221 -27.99 44.85 50.11
#